data_7NCW
# 
_entry.id   7NCW 
# 
_audit_conform.dict_name       mmcif_pdbx.dic 
_audit_conform.dict_version    5.397 
_audit_conform.dict_location   http://mmcif.pdb.org/dictionaries/ascii/mmcif_pdbx.dic 
# 
loop_
_database_2.database_id 
_database_2.database_code 
_database_2.pdbx_database_accession 
_database_2.pdbx_DOI 
PDB   7NCW         pdb_00007ncw 10.2210/pdb7ncw/pdb 
WWPDB D_1292113747 ?            ?                   
# 
loop_
_pdbx_audit_revision_history.ordinal 
_pdbx_audit_revision_history.data_content_type 
_pdbx_audit_revision_history.major_revision 
_pdbx_audit_revision_history.minor_revision 
_pdbx_audit_revision_history.revision_date 
1 'Structure model' 1 0 2021-05-26 
2 'Structure model' 1 1 2021-06-16 
3 'Structure model' 1 2 2024-01-31 
4 'Structure model' 1 3 2024-10-23 
# 
_pdbx_audit_revision_details.ordinal             1 
_pdbx_audit_revision_details.revision_ordinal    1 
_pdbx_audit_revision_details.data_content_type   'Structure model' 
_pdbx_audit_revision_details.provider            repository 
_pdbx_audit_revision_details.type                'Initial release' 
_pdbx_audit_revision_details.description         ? 
_pdbx_audit_revision_details.details             ? 
# 
loop_
_pdbx_audit_revision_group.ordinal 
_pdbx_audit_revision_group.revision_ordinal 
_pdbx_audit_revision_group.data_content_type 
_pdbx_audit_revision_group.group 
1 2 'Structure model' 'Database references'    
2 3 'Structure model' 'Data collection'        
3 3 'Structure model' 'Database references'    
4 3 'Structure model' 'Refinement description' 
5 4 'Structure model' 'Structure summary'      
# 
loop_
_pdbx_audit_revision_category.ordinal 
_pdbx_audit_revision_category.revision_ordinal 
_pdbx_audit_revision_category.data_content_type 
_pdbx_audit_revision_category.category 
1 2 'Structure model' citation                      
2 2 'Structure model' citation_author               
3 3 'Structure model' chem_comp_atom                
4 3 'Structure model' chem_comp_bond                
5 3 'Structure model' citation                      
6 3 'Structure model' database_2                    
7 3 'Structure model' pdbx_initial_refinement_model 
8 4 'Structure model' pdbx_entry_details            
9 4 'Structure model' pdbx_modification_feature     
# 
loop_
_pdbx_audit_revision_item.ordinal 
_pdbx_audit_revision_item.revision_ordinal 
_pdbx_audit_revision_item.data_content_type 
_pdbx_audit_revision_item.item 
1  2 'Structure model' '_citation.journal_abbrev'                     
2  2 'Structure model' '_citation.journal_id_CSD'                     
3  2 'Structure model' '_citation.journal_id_ISSN'                    
4  2 'Structure model' '_citation.journal_volume'                     
5  2 'Structure model' '_citation.pdbx_database_id_PubMed'            
6  2 'Structure model' '_citation.title'                              
7  2 'Structure model' '_citation.year'                               
8  2 'Structure model' '_citation_author.identifier_ORCID'            
9  3 'Structure model' '_citation.country'                            
10 3 'Structure model' '_database_2.pdbx_DOI'                         
11 3 'Structure model' '_database_2.pdbx_database_accession'          
12 4 'Structure model' '_pdbx_entry_details.has_protein_modification' 
# 
_pdbx_database_status.status_code                     REL 
_pdbx_database_status.status_code_sf                  REL 
_pdbx_database_status.status_code_mr                  ? 
_pdbx_database_status.entry_id                        7NCW 
_pdbx_database_status.recvd_initial_deposition_date   2021-01-29 
_pdbx_database_status.SG_entry                        N 
_pdbx_database_status.deposit_site                    PDBE 
_pdbx_database_status.process_site                    PDBE 
_pdbx_database_status.status_code_cs                  ? 
_pdbx_database_status.status_code_nmr_data            ? 
_pdbx_database_status.methods_development_category    ? 
_pdbx_database_status.pdb_format_compatible           Y 
# 
loop_
_audit_author.name 
_audit_author.pdbx_ordinal 
_audit_author.identifier_ORCID 
'Roret, T.'      1 0000-0003-2528-5789 
'Didierjean, C.' 2 0000-0002-3176-8974 
# 
_citation.abstract                  ? 
_citation.abstract_id_CAS           ? 
_citation.book_id_ISBN              ? 
_citation.book_publisher            ? 
_citation.book_publisher_city       ? 
_citation.book_title                ? 
_citation.coordinate_linkage        ? 
_citation.country                   CH 
_citation.database_id_Medline       ? 
_citation.details                   ? 
_citation.id                        primary 
_citation.journal_abbrev            'Antioxidants (Basel)' 
_citation.journal_id_ASTM           ? 
_citation.journal_id_CSD            ? 
_citation.journal_id_ISSN           2076-3921 
_citation.journal_full              ? 
_citation.journal_issue             ? 
_citation.journal_volume            10 
_citation.language                  ? 
_citation.page_first                ? 
_citation.page_last                 ? 
_citation.title                     
'Atypical Iron-Sulfur Cluster Binding, Redox Activity and Structural Properties of Chlamydomonas reinhardtii Glutaredoxin 2.' 
_citation.year                      2021 
_citation.database_id_CSD           ? 
_citation.pdbx_database_id_DOI      10.3390/antiox10050803 
_citation.pdbx_database_id_PubMed   34069657 
_citation.unpublished_flag          ? 
# 
loop_
_citation_author.citation_id 
_citation_author.name 
_citation_author.ordinal 
_citation_author.identifier_ORCID 
primary 'Roret, T.'      1  ?                   
primary 'Zhang, B.'      2  ?                   
primary 'Moseler, A.'    3  0000-0003-4641-8093 
primary 'Dhalleine, T.'  4  ?                   
primary 'Gao, X.H.'      5  ?                   
primary 'Couturier, J.'  6  0000-0003-3127-2669 
primary 'Lemaire, S.D.'  7  0000-0001-6442-0547 
primary 'Didierjean, C.' 8  ?                   
primary 'Johnson, M.K.'  9  ?                   
primary 'Rouhier, N.'    10 0000-0002-2036-7884 
# 
loop_
_entity.id 
_entity.type 
_entity.src_method 
_entity.pdbx_description 
_entity.formula_weight 
_entity.pdbx_number_of_molecules 
_entity.pdbx_ec 
_entity.pdbx_mutation 
_entity.pdbx_fragment 
_entity.details 
1 polymer     man 'Glutaredoxin, CPYC type' 11356.931 1  ? ? ? 'Cys56 residue is oxidized into a sulfenic acid.' 
2 non-polymer syn 'ACETATE ION'             59.044    1  ? ? ? ?                                                 
3 water       nat water                     18.015    92 ? ? ? ?                                                 
# 
_entity_poly.entity_id                      1 
_entity_poly.type                           'polypeptide(L)' 
_entity_poly.nstd_linkage                   no 
_entity_poly.nstd_monomer                   yes 
_entity_poly.pdbx_seq_one_letter_code       
;MGKAEAINEIQKAVASNKVIVYSKTYCPYCVKAKNALNQFIAGKYTVVELENRAD(CSO)DAMQDALLDITGGRSVPRVF
INGKFLGGGDDTAAAASNGTLEKLLQEAGAL
;
_entity_poly.pdbx_seq_one_letter_code_can   
;MGKAEAINEIQKAVASNKVIVYSKTYCPYCVKAKNALNQFIAGKYTVVELENRADCDAMQDALLDITGGRSVPRVFINGK
FLGGGDDTAAAASNGTLEKLLQEAGAL
;
_entity_poly.pdbx_strand_id                 A 
_entity_poly.pdbx_target_identifier         ? 
# 
loop_
_pdbx_entity_nonpoly.entity_id 
_pdbx_entity_nonpoly.name 
_pdbx_entity_nonpoly.comp_id 
2 'ACETATE ION' ACT 
3 water         HOH 
# 
loop_
_entity_poly_seq.entity_id 
_entity_poly_seq.num 
_entity_poly_seq.mon_id 
_entity_poly_seq.hetero 
1 1   MET n 
1 2   GLY n 
1 3   LYS n 
1 4   ALA n 
1 5   GLU n 
1 6   ALA n 
1 7   ILE n 
1 8   ASN n 
1 9   GLU n 
1 10  ILE n 
1 11  GLN n 
1 12  LYS n 
1 13  ALA n 
1 14  VAL n 
1 15  ALA n 
1 16  SER n 
1 17  ASN n 
1 18  LYS n 
1 19  VAL n 
1 20  ILE n 
1 21  VAL n 
1 22  TYR n 
1 23  SER n 
1 24  LYS n 
1 25  THR n 
1 26  TYR n 
1 27  CYS n 
1 28  PRO n 
1 29  TYR n 
1 30  CYS n 
1 31  VAL n 
1 32  LYS n 
1 33  ALA n 
1 34  LYS n 
1 35  ASN n 
1 36  ALA n 
1 37  LEU n 
1 38  ASN n 
1 39  GLN n 
1 40  PHE n 
1 41  ILE n 
1 42  ALA n 
1 43  GLY n 
1 44  LYS n 
1 45  TYR n 
1 46  THR n 
1 47  VAL n 
1 48  VAL n 
1 49  GLU n 
1 50  LEU n 
1 51  GLU n 
1 52  ASN n 
1 53  ARG n 
1 54  ALA n 
1 55  ASP n 
1 56  CSO n 
1 57  ASP n 
1 58  ALA n 
1 59  MET n 
1 60  GLN n 
1 61  ASP n 
1 62  ALA n 
1 63  LEU n 
1 64  LEU n 
1 65  ASP n 
1 66  ILE n 
1 67  THR n 
1 68  GLY n 
1 69  GLY n 
1 70  ARG n 
1 71  SER n 
1 72  VAL n 
1 73  PRO n 
1 74  ARG n 
1 75  VAL n 
1 76  PHE n 
1 77  ILE n 
1 78  ASN n 
1 79  GLY n 
1 80  LYS n 
1 81  PHE n 
1 82  LEU n 
1 83  GLY n 
1 84  GLY n 
1 85  GLY n 
1 86  ASP n 
1 87  ASP n 
1 88  THR n 
1 89  ALA n 
1 90  ALA n 
1 91  ALA n 
1 92  ALA n 
1 93  SER n 
1 94  ASN n 
1 95  GLY n 
1 96  THR n 
1 97  LEU n 
1 98  GLU n 
1 99  LYS n 
1 100 LEU n 
1 101 LEU n 
1 102 GLN n 
1 103 GLU n 
1 104 ALA n 
1 105 GLY n 
1 106 ALA n 
1 107 LEU n 
# 
_entity_src_gen.entity_id                          1 
_entity_src_gen.pdbx_src_id                        1 
_entity_src_gen.pdbx_alt_source_flag               sample 
_entity_src_gen.pdbx_seq_type                      'Biological sequence' 
_entity_src_gen.pdbx_beg_seq_num                   1 
_entity_src_gen.pdbx_end_seq_num                   107 
_entity_src_gen.gene_src_common_name               ? 
_entity_src_gen.gene_src_genus                     ? 
_entity_src_gen.pdbx_gene_src_gene                 'GRX2, CHLRE_12g550400v5, CHLREDRAFT_195611' 
_entity_src_gen.gene_src_species                   ? 
_entity_src_gen.gene_src_strain                    ? 
_entity_src_gen.gene_src_tissue                    ? 
_entity_src_gen.gene_src_tissue_fraction           ? 
_entity_src_gen.gene_src_details                   ? 
_entity_src_gen.pdbx_gene_src_fragment             ? 
_entity_src_gen.pdbx_gene_src_scientific_name      'Chlamydomonas reinhardtii' 
_entity_src_gen.pdbx_gene_src_ncbi_taxonomy_id     3055 
_entity_src_gen.pdbx_gene_src_variant              ? 
_entity_src_gen.pdbx_gene_src_cell_line            ? 
_entity_src_gen.pdbx_gene_src_atcc                 ? 
_entity_src_gen.pdbx_gene_src_organ                ? 
_entity_src_gen.pdbx_gene_src_organelle            ? 
_entity_src_gen.pdbx_gene_src_cell                 ? 
_entity_src_gen.pdbx_gene_src_cellular_location    ? 
_entity_src_gen.host_org_common_name               ? 
_entity_src_gen.pdbx_host_org_scientific_name      'Escherichia coli BL21(DE3)' 
_entity_src_gen.pdbx_host_org_ncbi_taxonomy_id     469008 
_entity_src_gen.host_org_genus                     ? 
_entity_src_gen.pdbx_host_org_gene                 ? 
_entity_src_gen.pdbx_host_org_organ                ? 
_entity_src_gen.host_org_species                   ? 
_entity_src_gen.pdbx_host_org_tissue               ? 
_entity_src_gen.pdbx_host_org_tissue_fraction      ? 
_entity_src_gen.pdbx_host_org_strain               ? 
_entity_src_gen.pdbx_host_org_variant              ? 
_entity_src_gen.pdbx_host_org_cell_line            ? 
_entity_src_gen.pdbx_host_org_atcc                 ? 
_entity_src_gen.pdbx_host_org_culture_collection   ? 
_entity_src_gen.pdbx_host_org_cell                 ? 
_entity_src_gen.pdbx_host_org_organelle            ? 
_entity_src_gen.pdbx_host_org_cellular_location    ? 
_entity_src_gen.pdbx_host_org_vector_type          ? 
_entity_src_gen.pdbx_host_org_vector               ? 
_entity_src_gen.host_org_details                   ? 
_entity_src_gen.expression_system_id               ? 
_entity_src_gen.plasmid_name                       ? 
_entity_src_gen.plasmid_details                    ? 
_entity_src_gen.pdbx_description                   ? 
# 
loop_
_chem_comp.id 
_chem_comp.type 
_chem_comp.mon_nstd_flag 
_chem_comp.name 
_chem_comp.pdbx_synonyms 
_chem_comp.formula 
_chem_comp.formula_weight 
ACT non-polymer         . 'ACETATE ION'     ? 'C2 H3 O2 -1'    59.044  
ALA 'L-peptide linking' y ALANINE           ? 'C3 H7 N O2'     89.093  
ARG 'L-peptide linking' y ARGININE          ? 'C6 H15 N4 O2 1' 175.209 
ASN 'L-peptide linking' y ASPARAGINE        ? 'C4 H8 N2 O3'    132.118 
ASP 'L-peptide linking' y 'ASPARTIC ACID'   ? 'C4 H7 N O4'     133.103 
CSO 'L-peptide linking' n S-HYDROXYCYSTEINE ? 'C3 H7 N O3 S'   137.158 
CYS 'L-peptide linking' y CYSTEINE          ? 'C3 H7 N O2 S'   121.158 
GLN 'L-peptide linking' y GLUTAMINE         ? 'C5 H10 N2 O3'   146.144 
GLU 'L-peptide linking' y 'GLUTAMIC ACID'   ? 'C5 H9 N O4'     147.129 
GLY 'peptide linking'   y GLYCINE           ? 'C2 H5 N O2'     75.067  
HOH non-polymer         . WATER             ? 'H2 O'           18.015  
ILE 'L-peptide linking' y ISOLEUCINE        ? 'C6 H13 N O2'    131.173 
LEU 'L-peptide linking' y LEUCINE           ? 'C6 H13 N O2'    131.173 
LYS 'L-peptide linking' y LYSINE            ? 'C6 H15 N2 O2 1' 147.195 
MET 'L-peptide linking' y METHIONINE        ? 'C5 H11 N O2 S'  149.211 
PHE 'L-peptide linking' y PHENYLALANINE     ? 'C9 H11 N O2'    165.189 
PRO 'L-peptide linking' y PROLINE           ? 'C5 H9 N O2'     115.130 
SER 'L-peptide linking' y SERINE            ? 'C3 H7 N O3'     105.093 
THR 'L-peptide linking' y THREONINE         ? 'C4 H9 N O3'     119.119 
TYR 'L-peptide linking' y TYROSINE          ? 'C9 H11 N O3'    181.189 
VAL 'L-peptide linking' y VALINE            ? 'C5 H11 N O2'    117.146 
# 
loop_
_pdbx_poly_seq_scheme.asym_id 
_pdbx_poly_seq_scheme.entity_id 
_pdbx_poly_seq_scheme.seq_id 
_pdbx_poly_seq_scheme.mon_id 
_pdbx_poly_seq_scheme.ndb_seq_num 
_pdbx_poly_seq_scheme.pdb_seq_num 
_pdbx_poly_seq_scheme.auth_seq_num 
_pdbx_poly_seq_scheme.pdb_mon_id 
_pdbx_poly_seq_scheme.auth_mon_id 
_pdbx_poly_seq_scheme.pdb_strand_id 
_pdbx_poly_seq_scheme.pdb_ins_code 
_pdbx_poly_seq_scheme.hetero 
A 1 1   MET 1   1   1   MET MET A . n 
A 1 2   GLY 2   2   2   GLY GLY A . n 
A 1 3   LYS 3   3   3   LYS LYS A . n 
A 1 4   ALA 4   4   4   ALA ALA A . n 
A 1 5   GLU 5   5   5   GLU GLU A . n 
A 1 6   ALA 6   6   6   ALA ALA A . n 
A 1 7   ILE 7   7   7   ILE ILE A . n 
A 1 8   ASN 8   8   8   ASN ASN A . n 
A 1 9   GLU 9   9   9   GLU GLU A . n 
A 1 10  ILE 10  10  10  ILE ILE A . n 
A 1 11  GLN 11  11  11  GLN GLN A . n 
A 1 12  LYS 12  12  12  LYS LYS A . n 
A 1 13  ALA 13  13  13  ALA ALA A . n 
A 1 14  VAL 14  14  14  VAL VAL A . n 
A 1 15  ALA 15  15  15  ALA ALA A . n 
A 1 16  SER 16  16  16  SER SER A . n 
A 1 17  ASN 17  17  17  ASN ASN A . n 
A 1 18  LYS 18  18  18  LYS LYS A . n 
A 1 19  VAL 19  19  19  VAL VAL A . n 
A 1 20  ILE 20  20  20  ILE ILE A . n 
A 1 21  VAL 21  21  21  VAL VAL A . n 
A 1 22  TYR 22  22  22  TYR TYR A . n 
A 1 23  SER 23  23  23  SER SER A . n 
A 1 24  LYS 24  24  24  LYS LYS A . n 
A 1 25  THR 25  25  25  THR THR A . n 
A 1 26  TYR 26  26  26  TYR TYR A . n 
A 1 27  CYS 27  27  27  CYS CYS A . n 
A 1 28  PRO 28  28  28  PRO PRO A . n 
A 1 29  TYR 29  29  29  TYR TYR A . n 
A 1 30  CYS 30  30  30  CYS CYS A . n 
A 1 31  VAL 31  31  31  VAL VAL A . n 
A 1 32  LYS 32  32  32  LYS LYS A . n 
A 1 33  ALA 33  33  33  ALA ALA A . n 
A 1 34  LYS 34  34  34  LYS LYS A . n 
A 1 35  ASN 35  35  35  ASN ASN A . n 
A 1 36  ALA 36  36  36  ALA ALA A . n 
A 1 37  LEU 37  37  37  LEU LEU A . n 
A 1 38  ASN 38  38  38  ASN ASN A . n 
A 1 39  GLN 39  39  39  GLN GLN A . n 
A 1 40  PHE 40  40  40  PHE PHE A . n 
A 1 41  ILE 41  41  41  ILE ILE A . n 
A 1 42  ALA 42  42  42  ALA ALA A . n 
A 1 43  GLY 43  43  43  GLY GLY A . n 
A 1 44  LYS 44  44  44  LYS LYS A . n 
A 1 45  TYR 45  45  45  TYR TYR A . n 
A 1 46  THR 46  46  46  THR THR A . n 
A 1 47  VAL 47  47  47  VAL VAL A . n 
A 1 48  VAL 48  48  48  VAL VAL A . n 
A 1 49  GLU 49  49  49  GLU GLU A . n 
A 1 50  LEU 50  50  50  LEU LEU A . n 
A 1 51  GLU 51  51  51  GLU GLU A . n 
A 1 52  ASN 52  52  52  ASN ASN A . n 
A 1 53  ARG 53  53  53  ARG ARG A . n 
A 1 54  ALA 54  54  54  ALA ALA A . n 
A 1 55  ASP 55  55  55  ASP ASP A . n 
A 1 56  CSO 56  56  56  CSO CSO A . n 
A 1 57  ASP 57  57  57  ASP ASP A . n 
A 1 58  ALA 58  58  58  ALA ALA A . n 
A 1 59  MET 59  59  59  MET MET A . n 
A 1 60  GLN 60  60  60  GLN GLN A . n 
A 1 61  ASP 61  61  61  ASP ASP A . n 
A 1 62  ALA 62  62  62  ALA ALA A . n 
A 1 63  LEU 63  63  63  LEU LEU A . n 
A 1 64  LEU 64  64  64  LEU LEU A . n 
A 1 65  ASP 65  65  65  ASP ASP A . n 
A 1 66  ILE 66  66  66  ILE ILE A . n 
A 1 67  THR 67  67  67  THR THR A . n 
A 1 68  GLY 68  68  68  GLY GLY A . n 
A 1 69  GLY 69  69  69  GLY GLY A . n 
A 1 70  ARG 70  70  70  ARG ARG A . n 
A 1 71  SER 71  71  71  SER SER A . n 
A 1 72  VAL 72  72  72  VAL VAL A . n 
A 1 73  PRO 73  73  73  PRO PRO A . n 
A 1 74  ARG 74  74  74  ARG ARG A . n 
A 1 75  VAL 75  75  75  VAL VAL A . n 
A 1 76  PHE 76  76  76  PHE PHE A . n 
A 1 77  ILE 77  77  77  ILE ILE A . n 
A 1 78  ASN 78  78  78  ASN ASN A . n 
A 1 79  GLY 79  79  79  GLY GLY A . n 
A 1 80  LYS 80  80  80  LYS LYS A . n 
A 1 81  PHE 81  81  81  PHE PHE A . n 
A 1 82  LEU 82  82  82  LEU LEU A . n 
A 1 83  GLY 83  83  83  GLY GLY A . n 
A 1 84  GLY 84  84  84  GLY GLY A . n 
A 1 85  GLY 85  85  85  GLY GLY A . n 
A 1 86  ASP 86  86  86  ASP ASP A . n 
A 1 87  ASP 87  87  87  ASP ASP A . n 
A 1 88  THR 88  88  88  THR THR A . n 
A 1 89  ALA 89  89  89  ALA ALA A . n 
A 1 90  ALA 90  90  90  ALA ALA A . n 
A 1 91  ALA 91  91  91  ALA ALA A . n 
A 1 92  ALA 92  92  92  ALA ALA A . n 
A 1 93  SER 93  93  93  SER SER A . n 
A 1 94  ASN 94  94  94  ASN ASN A . n 
A 1 95  GLY 95  95  95  GLY GLY A . n 
A 1 96  THR 96  96  96  THR THR A . n 
A 1 97  LEU 97  97  97  LEU LEU A . n 
A 1 98  GLU 98  98  98  GLU GLU A . n 
A 1 99  LYS 99  99  99  LYS LYS A . n 
A 1 100 LEU 100 100 100 LEU LEU A . n 
A 1 101 LEU 101 101 101 LEU LEU A . n 
A 1 102 GLN 102 102 102 GLN GLN A . n 
A 1 103 GLU 103 103 103 GLU GLU A . n 
A 1 104 ALA 104 104 104 ALA ALA A . n 
A 1 105 GLY 105 105 105 GLY GLY A . n 
A 1 106 ALA 106 106 106 ALA ALA A . n 
A 1 107 LEU 107 107 107 LEU LEU A . n 
# 
loop_
_pdbx_nonpoly_scheme.asym_id 
_pdbx_nonpoly_scheme.entity_id 
_pdbx_nonpoly_scheme.mon_id 
_pdbx_nonpoly_scheme.ndb_seq_num 
_pdbx_nonpoly_scheme.pdb_seq_num 
_pdbx_nonpoly_scheme.auth_seq_num 
_pdbx_nonpoly_scheme.pdb_mon_id 
_pdbx_nonpoly_scheme.auth_mon_id 
_pdbx_nonpoly_scheme.pdb_strand_id 
_pdbx_nonpoly_scheme.pdb_ins_code 
B 2 ACT 1  201 201 ACT ACT A . 
C 3 HOH 1  301 45  HOH HOH A . 
C 3 HOH 2  302 8   HOH HOH A . 
C 3 HOH 3  303 20  HOH HOH A . 
C 3 HOH 4  304 49  HOH HOH A . 
C 3 HOH 5  305 40  HOH HOH A . 
C 3 HOH 6  306 48  HOH HOH A . 
C 3 HOH 7  307 88  HOH HOH A . 
C 3 HOH 8  308 81  HOH HOH A . 
C 3 HOH 9  309 52  HOH HOH A . 
C 3 HOH 10 310 90  HOH HOH A . 
C 3 HOH 11 311 4   HOH HOH A . 
C 3 HOH 12 312 73  HOH HOH A . 
C 3 HOH 13 313 36  HOH HOH A . 
C 3 HOH 14 314 82  HOH HOH A . 
C 3 HOH 15 315 50  HOH HOH A . 
C 3 HOH 16 316 24  HOH HOH A . 
C 3 HOH 17 317 7   HOH HOH A . 
C 3 HOH 18 318 80  HOH HOH A . 
C 3 HOH 19 319 26  HOH HOH A . 
C 3 HOH 20 320 3   HOH HOH A . 
C 3 HOH 21 321 19  HOH HOH A . 
C 3 HOH 22 322 27  HOH HOH A . 
C 3 HOH 23 323 72  HOH HOH A . 
C 3 HOH 24 324 15  HOH HOH A . 
C 3 HOH 25 325 1   HOH HOH A . 
C 3 HOH 26 326 65  HOH HOH A . 
C 3 HOH 27 327 71  HOH HOH A . 
C 3 HOH 28 328 10  HOH HOH A . 
C 3 HOH 29 329 21  HOH HOH A . 
C 3 HOH 30 330 5   HOH HOH A . 
C 3 HOH 31 331 79  HOH HOH A . 
C 3 HOH 32 332 59  HOH HOH A . 
C 3 HOH 33 333 11  HOH HOH A . 
C 3 HOH 34 334 22  HOH HOH A . 
C 3 HOH 35 335 28  HOH HOH A . 
C 3 HOH 36 336 18  HOH HOH A . 
C 3 HOH 37 337 86  HOH HOH A . 
C 3 HOH 38 338 17  HOH HOH A . 
C 3 HOH 39 339 42  HOH HOH A . 
C 3 HOH 40 340 60  HOH HOH A . 
C 3 HOH 41 341 38  HOH HOH A . 
C 3 HOH 42 342 14  HOH HOH A . 
C 3 HOH 43 343 25  HOH HOH A . 
C 3 HOH 44 344 70  HOH HOH A . 
C 3 HOH 45 345 29  HOH HOH A . 
C 3 HOH 46 346 2   HOH HOH A . 
C 3 HOH 47 347 6   HOH HOH A . 
C 3 HOH 48 348 23  HOH HOH A . 
C 3 HOH 49 349 77  HOH HOH A . 
C 3 HOH 50 350 16  HOH HOH A . 
C 3 HOH 51 351 46  HOH HOH A . 
C 3 HOH 52 352 31  HOH HOH A . 
C 3 HOH 53 353 9   HOH HOH A . 
C 3 HOH 54 354 87  HOH HOH A . 
C 3 HOH 55 355 89  HOH HOH A . 
C 3 HOH 56 356 67  HOH HOH A . 
C 3 HOH 57 357 58  HOH HOH A . 
C 3 HOH 58 358 91  HOH HOH A . 
C 3 HOH 59 359 12  HOH HOH A . 
C 3 HOH 60 360 56  HOH HOH A . 
C 3 HOH 61 361 13  HOH HOH A . 
C 3 HOH 62 362 44  HOH HOH A . 
C 3 HOH 63 363 55  HOH HOH A . 
C 3 HOH 64 364 76  HOH HOH A . 
C 3 HOH 65 365 85  HOH HOH A . 
C 3 HOH 66 366 96  HOH HOH A . 
C 3 HOH 67 367 35  HOH HOH A . 
C 3 HOH 68 368 34  HOH HOH A . 
C 3 HOH 69 369 75  HOH HOH A . 
C 3 HOH 70 370 32  HOH HOH A . 
C 3 HOH 71 371 74  HOH HOH A . 
C 3 HOH 72 372 95  HOH HOH A . 
C 3 HOH 73 373 62  HOH HOH A . 
C 3 HOH 74 374 47  HOH HOH A . 
C 3 HOH 75 375 51  HOH HOH A . 
C 3 HOH 76 376 41  HOH HOH A . 
C 3 HOH 77 377 93  HOH HOH A . 
C 3 HOH 78 378 63  HOH HOH A . 
C 3 HOH 79 379 61  HOH HOH A . 
C 3 HOH 80 380 66  HOH HOH A . 
C 3 HOH 81 381 33  HOH HOH A . 
C 3 HOH 82 382 54  HOH HOH A . 
C 3 HOH 83 383 69  HOH HOH A . 
C 3 HOH 84 384 39  HOH HOH A . 
C 3 HOH 85 385 53  HOH HOH A . 
C 3 HOH 86 386 57  HOH HOH A . 
C 3 HOH 87 387 68  HOH HOH A . 
C 3 HOH 88 388 43  HOH HOH A . 
C 3 HOH 89 389 78  HOH HOH A . 
C 3 HOH 90 390 37  HOH HOH A . 
C 3 HOH 91 391 30  HOH HOH A . 
C 3 HOH 92 392 64  HOH HOH A . 
# 
loop_
_software.citation_id 
_software.classification 
_software.compiler_name 
_software.compiler_version 
_software.contact_author 
_software.contact_author_email 
_software.date 
_software.description 
_software.dependencies 
_software.hardware 
_software.language 
_software.location 
_software.mods 
_software.name 
_software.os 
_software.os_version 
_software.type 
_software.version 
_software.pdbx_ordinal 
? 'data collection' ? ? ? ? ? ? ? ? ? ? ? CrysalisPro ? ? ? .           1 
? 'data reduction'  ? ? ? ? ? ? ? ? ? ? ? CrysalisPro ? ? ? .           2 
? 'data scaling'    ? ? ? ? ? ? ? ? ? ? ? CrysalisPro ? ? ? .           3 
? 'model building'  ? ? ? ? ? ? ? ? ? ? ? Coot        ? ? ? .           4 
? phasing           ? ? ? ? ? ? ? ? ? ? ? MOLREP      ? ? ? .           5 
? refinement        ? ? ? ? ? ? ? ? ? ? ? PHENIX      ? ? ? 1.18.2-3874 6 
# 
_cell.angle_alpha                  90.000 
_cell.angle_alpha_esd              ? 
_cell.angle_beta                   90.000 
_cell.angle_beta_esd               ? 
_cell.angle_gamma                  120.000 
_cell.angle_gamma_esd              ? 
_cell.entry_id                     7NCW 
_cell.details                      ? 
_cell.formula_units_Z              ? 
_cell.length_a                     45.383 
_cell.length_a_esd                 ? 
_cell.length_b                     45.383 
_cell.length_b_esd                 ? 
_cell.length_c                     104.238 
_cell.length_c_esd                 ? 
_cell.volume                       185928.914 
_cell.volume_esd                   ? 
_cell.Z_PDB                        6 
_cell.reciprocal_angle_alpha       ? 
_cell.reciprocal_angle_beta        ? 
_cell.reciprocal_angle_gamma       ? 
_cell.reciprocal_angle_alpha_esd   ? 
_cell.reciprocal_angle_beta_esd    ? 
_cell.reciprocal_angle_gamma_esd   ? 
_cell.reciprocal_length_a          ? 
_cell.reciprocal_length_b          ? 
_cell.reciprocal_length_c          ? 
_cell.reciprocal_length_a_esd      ? 
_cell.reciprocal_length_b_esd      ? 
_cell.reciprocal_length_c_esd      ? 
_cell.pdbx_unique_axis             ? 
# 
_symmetry.entry_id                         7NCW 
_symmetry.cell_setting                     ? 
_symmetry.Int_Tables_number                154 
_symmetry.space_group_name_Hall            
;P 32 2"
;
_symmetry.space_group_name_H-M             'P 32 2 1' 
_symmetry.pdbx_full_space_group_name_H-M   ? 
# 
_exptl.absorpt_coefficient_mu     ? 
_exptl.absorpt_correction_T_max   ? 
_exptl.absorpt_correction_T_min   ? 
_exptl.absorpt_correction_type    ? 
_exptl.absorpt_process_details    ? 
_exptl.entry_id                   7NCW 
_exptl.crystals_number            1 
_exptl.details                    ? 
_exptl.method                     'X-RAY DIFFRACTION' 
_exptl.method_details             ? 
# 
_exptl_crystal.colour                      ? 
_exptl_crystal.density_diffrn              ? 
_exptl_crystal.density_Matthews            2.73 
_exptl_crystal.density_method              ? 
_exptl_crystal.density_percent_sol         54.92 
_exptl_crystal.description                 ? 
_exptl_crystal.F_000                       ? 
_exptl_crystal.id                          1 
_exptl_crystal.preparation                 ? 
_exptl_crystal.size_max                    ? 
_exptl_crystal.size_mid                    ? 
_exptl_crystal.size_min                    ? 
_exptl_crystal.size_rad                    ? 
_exptl_crystal.colour_lustre               ? 
_exptl_crystal.colour_modifier             ? 
_exptl_crystal.colour_primary              ? 
_exptl_crystal.density_meas                ? 
_exptl_crystal.density_meas_esd            ? 
_exptl_crystal.density_meas_gt             ? 
_exptl_crystal.density_meas_lt             ? 
_exptl_crystal.density_meas_temp           ? 
_exptl_crystal.density_meas_temp_esd       ? 
_exptl_crystal.density_meas_temp_gt        ? 
_exptl_crystal.density_meas_temp_lt        ? 
_exptl_crystal.pdbx_crystal_image_url      ? 
_exptl_crystal.pdbx_crystal_image_format   ? 
_exptl_crystal.pdbx_mosaicity              ? 
_exptl_crystal.pdbx_mosaicity_esd          ? 
# 
_exptl_crystal_grow.apparatus       ? 
_exptl_crystal_grow.atmosphere      ? 
_exptl_crystal_grow.crystal_id      1 
_exptl_crystal_grow.details         ? 
_exptl_crystal_grow.method          MICROBATCH 
_exptl_crystal_grow.method_ref      ? 
_exptl_crystal_grow.pH              ? 
_exptl_crystal_grow.pressure        ? 
_exptl_crystal_grow.pressure_esd    ? 
_exptl_crystal_grow.seeding         ? 
_exptl_crystal_grow.seeding_ref     ? 
_exptl_crystal_grow.temp            277 
_exptl_crystal_grow.temp_details    ? 
_exptl_crystal_grow.temp_esd        ? 
_exptl_crystal_grow.time            ? 
_exptl_crystal_grow.pdbx_details    
;30% (w/v) PEG 8000
0.1 M sodium cacodylate pH 6.5
0.2 M sodium acetate
;
_exptl_crystal_grow.pdbx_pH_range   ? 
# 
_diffrn.ambient_environment              ? 
_diffrn.ambient_temp                     100 
_diffrn.ambient_temp_details             ? 
_diffrn.ambient_temp_esd                 ? 
_diffrn.crystal_id                       1 
_diffrn.crystal_support                  ? 
_diffrn.crystal_treatment                ? 
_diffrn.details                          ? 
_diffrn.id                               1 
_diffrn.ambient_pressure                 ? 
_diffrn.ambient_pressure_esd             ? 
_diffrn.ambient_pressure_gt              ? 
_diffrn.ambient_pressure_lt              ? 
_diffrn.ambient_temp_gt                  ? 
_diffrn.ambient_temp_lt                  ? 
_diffrn.pdbx_serial_crystal_experiment   N 
# 
_diffrn_detector.details                      ? 
_diffrn_detector.detector                     CCD 
_diffrn_detector.diffrn_id                    1 
_diffrn_detector.type                         'AGILENT ATLAS CCD' 
_diffrn_detector.area_resol_mean              ? 
_diffrn_detector.dtime                        ? 
_diffrn_detector.pdbx_frames_total            ? 
_diffrn_detector.pdbx_collection_time_total   ? 
_diffrn_detector.pdbx_collection_date         2013-01-23 
_diffrn_detector.pdbx_frequency               ? 
# 
_diffrn_radiation.collimation                      ? 
_diffrn_radiation.diffrn_id                        1 
_diffrn_radiation.filter_edge                      ? 
_diffrn_radiation.inhomogeneity                    ? 
_diffrn_radiation.monochromator                    ? 
_diffrn_radiation.polarisn_norm                    ? 
_diffrn_radiation.polarisn_ratio                   ? 
_diffrn_radiation.probe                            ? 
_diffrn_radiation.type                             ? 
_diffrn_radiation.xray_symbol                      ? 
_diffrn_radiation.wavelength_id                    1 
_diffrn_radiation.pdbx_monochromatic_or_laue_m_l   M 
_diffrn_radiation.pdbx_wavelength_list             ? 
_diffrn_radiation.pdbx_wavelength                  ? 
_diffrn_radiation.pdbx_diffrn_protocol             'SINGLE WAVELENGTH' 
_diffrn_radiation.pdbx_analyzer                    ? 
_diffrn_radiation.pdbx_scattering_type             x-ray 
# 
_diffrn_radiation_wavelength.id           1 
_diffrn_radiation_wavelength.wavelength   1.540562 
_diffrn_radiation_wavelength.wt           1.0 
# 
_diffrn_source.current                     ? 
_diffrn_source.details                     ? 
_diffrn_source.diffrn_id                   1 
_diffrn_source.power                       ? 
_diffrn_source.size                        ? 
_diffrn_source.source                      'SEALED TUBE' 
_diffrn_source.target                      ? 
_diffrn_source.type                        'OXFORD DIFFRACTION SUPERNOVA' 
_diffrn_source.voltage                     ? 
_diffrn_source.take-off_angle              ? 
_diffrn_source.pdbx_wavelength_list        1.540562 
_diffrn_source.pdbx_wavelength             ? 
_diffrn_source.pdbx_synchrotron_beamline   ? 
_diffrn_source.pdbx_synchrotron_site       ? 
# 
_reflns.B_iso_Wilson_estimate            21.36 
_reflns.entry_id                         7NCW 
_reflns.data_reduction_details           ? 
_reflns.data_reduction_method            ? 
_reflns.d_resolution_high                2.4 
_reflns.d_resolution_low                 14.7 
_reflns.details                          ? 
_reflns.limit_h_max                      ? 
_reflns.limit_h_min                      ? 
_reflns.limit_k_max                      ? 
_reflns.limit_k_min                      ? 
_reflns.limit_l_max                      ? 
_reflns.limit_l_min                      ? 
_reflns.number_all                       ? 
_reflns.number_obs                       5212 
_reflns.observed_criterion               ? 
_reflns.observed_criterion_F_max         ? 
_reflns.observed_criterion_F_min         ? 
_reflns.observed_criterion_I_max         ? 
_reflns.observed_criterion_I_min         ? 
_reflns.observed_criterion_sigma_F       ? 
_reflns.observed_criterion_sigma_I       ? 
_reflns.percent_possible_obs             99.1 
_reflns.R_free_details                   ? 
_reflns.Rmerge_F_all                     ? 
_reflns.Rmerge_F_obs                     ? 
_reflns.Friedel_coverage                 ? 
_reflns.number_gt                        ? 
_reflns.threshold_expression             ? 
_reflns.pdbx_redundancy                  6 
_reflns.pdbx_Rmerge_I_obs                0.108 
_reflns.pdbx_Rmerge_I_all                ? 
_reflns.pdbx_Rsym_value                  ? 
_reflns.pdbx_netI_over_av_sigmaI         ? 
_reflns.pdbx_netI_over_sigmaI            12.3 
_reflns.pdbx_res_netI_over_av_sigmaI_2   ? 
_reflns.pdbx_res_netI_over_sigmaI_2      ? 
_reflns.pdbx_chi_squared                 ? 
_reflns.pdbx_scaling_rejects             ? 
_reflns.pdbx_d_res_high_opt              ? 
_reflns.pdbx_d_res_low_opt               ? 
_reflns.pdbx_d_res_opt_method            ? 
_reflns.phase_calculation_details        ? 
_reflns.pdbx_Rrim_I_all                  0.118 
_reflns.pdbx_Rpim_I_all                  0.046 
_reflns.pdbx_d_opt                       ? 
_reflns.pdbx_number_measured_all         ? 
_reflns.pdbx_diffrn_id                   1 
_reflns.pdbx_ordinal                     1 
_reflns.pdbx_CC_half                     ? 
_reflns.pdbx_CC_star                     ? 
_reflns.pdbx_R_split                     ? 
# 
_reflns_shell.d_res_high                  2.4 
_reflns_shell.d_res_low                   2.53 
_reflns_shell.meanI_over_sigI_all         ? 
_reflns_shell.meanI_over_sigI_obs         3 
_reflns_shell.number_measured_all         ? 
_reflns_shell.number_measured_obs         ? 
_reflns_shell.number_possible             ? 
_reflns_shell.number_unique_all           ? 
_reflns_shell.number_unique_obs           723 
_reflns_shell.percent_possible_all        ? 
_reflns_shell.percent_possible_obs        ? 
_reflns_shell.Rmerge_F_all                ? 
_reflns_shell.Rmerge_F_obs                ? 
_reflns_shell.Rmerge_I_all                ? 
_reflns_shell.Rmerge_I_obs                0.378 
_reflns_shell.meanI_over_sigI_gt          ? 
_reflns_shell.meanI_over_uI_all           ? 
_reflns_shell.meanI_over_uI_gt            ? 
_reflns_shell.number_measured_gt          ? 
_reflns_shell.number_unique_gt            ? 
_reflns_shell.percent_possible_gt         ? 
_reflns_shell.Rmerge_F_gt                 ? 
_reflns_shell.Rmerge_I_gt                 ? 
_reflns_shell.pdbx_redundancy             ? 
_reflns_shell.pdbx_Rsym_value             ? 
_reflns_shell.pdbx_chi_squared            ? 
_reflns_shell.pdbx_netI_over_sigmaI_all   ? 
_reflns_shell.pdbx_netI_over_sigmaI_obs   ? 
_reflns_shell.pdbx_Rrim_I_all             0.435 
_reflns_shell.pdbx_Rpim_I_all             0.206 
_reflns_shell.pdbx_rejects                ? 
_reflns_shell.pdbx_ordinal                1 
_reflns_shell.pdbx_diffrn_id              1 
_reflns_shell.pdbx_CC_half                ? 
_reflns_shell.pdbx_CC_star                ? 
_reflns_shell.pdbx_R_split                ? 
# 
_refine.aniso_B[1][1]                            ? 
_refine.aniso_B[1][2]                            ? 
_refine.aniso_B[1][3]                            ? 
_refine.aniso_B[2][2]                            ? 
_refine.aniso_B[2][3]                            ? 
_refine.aniso_B[3][3]                            ? 
_refine.B_iso_max                                ? 
_refine.B_iso_mean                               24.53 
_refine.B_iso_min                                ? 
_refine.correlation_coeff_Fo_to_Fc               ? 
_refine.correlation_coeff_Fo_to_Fc_free          ? 
_refine.details                                  ? 
_refine.diff_density_max                         ? 
_refine.diff_density_max_esd                     ? 
_refine.diff_density_min                         ? 
_refine.diff_density_min_esd                     ? 
_refine.diff_density_rms                         ? 
_refine.diff_density_rms_esd                     ? 
_refine.entry_id                                 7NCW 
_refine.pdbx_refine_id                           'X-RAY DIFFRACTION' 
_refine.ls_abs_structure_details                 ? 
_refine.ls_abs_structure_Flack                   ? 
_refine.ls_abs_structure_Flack_esd               ? 
_refine.ls_abs_structure_Rogers                  ? 
_refine.ls_abs_structure_Rogers_esd              ? 
_refine.ls_d_res_high                            2.40 
_refine.ls_d_res_low                             14.30 
_refine.ls_extinction_coef                       ? 
_refine.ls_extinction_coef_esd                   ? 
_refine.ls_extinction_expression                 ? 
_refine.ls_extinction_method                     ? 
_refine.ls_goodness_of_fit_all                   ? 
_refine.ls_goodness_of_fit_all_esd               ? 
_refine.ls_goodness_of_fit_obs                   ? 
_refine.ls_goodness_of_fit_obs_esd               ? 
_refine.ls_hydrogen_treatment                    ? 
_refine.ls_matrix_type                           ? 
_refine.ls_number_constraints                    ? 
_refine.ls_number_parameters                     ? 
_refine.ls_number_reflns_all                     ? 
_refine.ls_number_reflns_obs                     5182 
_refine.ls_number_reflns_R_free                  236 
_refine.ls_number_reflns_R_work                  4946 
_refine.ls_number_restraints                     ? 
_refine.ls_percent_reflns_obs                    99.44 
_refine.ls_percent_reflns_R_free                 4.55 
_refine.ls_R_factor_all                          ? 
_refine.ls_R_factor_obs                          0.1986 
_refine.ls_R_factor_R_free                       0.2294 
_refine.ls_R_factor_R_free_error                 ? 
_refine.ls_R_factor_R_free_error_details         ? 
_refine.ls_R_factor_R_work                       0.1972 
_refine.ls_R_Fsqd_factor_obs                     ? 
_refine.ls_R_I_factor_obs                        ? 
_refine.ls_redundancy_reflns_all                 ? 
_refine.ls_redundancy_reflns_obs                 ? 
_refine.ls_restrained_S_all                      ? 
_refine.ls_restrained_S_obs                      ? 
_refine.ls_shift_over_esd_max                    ? 
_refine.ls_shift_over_esd_mean                   ? 
_refine.ls_structure_factor_coef                 ? 
_refine.ls_weighting_details                     ? 
_refine.ls_weighting_scheme                      ? 
_refine.ls_wR_factor_all                         ? 
_refine.ls_wR_factor_obs                         ? 
_refine.ls_wR_factor_R_free                      ? 
_refine.ls_wR_factor_R_work                      ? 
_refine.occupancy_max                            ? 
_refine.occupancy_min                            ? 
_refine.solvent_model_details                    'FLAT BULK SOLVENT MODEL' 
_refine.solvent_model_param_bsol                 ? 
_refine.solvent_model_param_ksol                 ? 
_refine.pdbx_R_complete                          ? 
_refine.ls_R_factor_gt                           ? 
_refine.ls_goodness_of_fit_gt                    ? 
_refine.ls_goodness_of_fit_ref                   ? 
_refine.ls_shift_over_su_max                     ? 
_refine.ls_shift_over_su_max_lt                  ? 
_refine.ls_shift_over_su_mean                    ? 
_refine.ls_shift_over_su_mean_lt                 ? 
_refine.pdbx_ls_sigma_I                          ? 
_refine.pdbx_ls_sigma_F                          1.34 
_refine.pdbx_ls_sigma_Fsqd                       ? 
_refine.pdbx_data_cutoff_high_absF               ? 
_refine.pdbx_data_cutoff_high_rms_absF           ? 
_refine.pdbx_data_cutoff_low_absF                ? 
_refine.pdbx_isotropic_thermal_model             ? 
_refine.pdbx_ls_cross_valid_method               'FREE R-VALUE' 
_refine.pdbx_method_to_determine_struct          'MOLECULAR REPLACEMENT' 
_refine.pdbx_starting_model                      2FLS 
_refine.pdbx_stereochemistry_target_values       'GeoStd + Monomer Library + CDL v1.2' 
_refine.pdbx_R_Free_selection_details            ? 
_refine.pdbx_stereochem_target_val_spec_case     ? 
_refine.pdbx_overall_ESU_R                       ? 
_refine.pdbx_overall_ESU_R_Free                  ? 
_refine.pdbx_solvent_vdw_probe_radii             1.1100 
_refine.pdbx_solvent_ion_probe_radii             ? 
_refine.pdbx_solvent_shrinkage_radii             0.9000 
_refine.pdbx_real_space_R                        ? 
_refine.pdbx_density_correlation                 ? 
_refine.pdbx_pd_number_of_powder_patterns        ? 
_refine.pdbx_pd_number_of_points                 ? 
_refine.pdbx_pd_meas_number_of_points            ? 
_refine.pdbx_pd_proc_ls_prof_R_factor            ? 
_refine.pdbx_pd_proc_ls_prof_wR_factor           ? 
_refine.pdbx_pd_Marquardt_correlation_coeff      ? 
_refine.pdbx_pd_Fsqrd_R_factor                   ? 
_refine.pdbx_pd_ls_matrix_band_width             ? 
_refine.pdbx_overall_phase_error                 22.1177 
_refine.pdbx_overall_SU_R_free_Cruickshank_DPI   ? 
_refine.pdbx_overall_SU_R_free_Blow_DPI          ? 
_refine.pdbx_overall_SU_R_Blow_DPI               ? 
_refine.pdbx_TLS_residual_ADP_flag               ? 
_refine.pdbx_diffrn_id                           1 
_refine.overall_SU_B                             ? 
_refine.overall_SU_ML                            0.1968 
_refine.overall_SU_R_Cruickshank_DPI             ? 
_refine.overall_SU_R_free                        ? 
_refine.overall_FOM_free_R_set                   ? 
_refine.overall_FOM_work_R_set                   ? 
_refine.pdbx_average_fsc_overall                 ? 
_refine.pdbx_average_fsc_work                    ? 
_refine.pdbx_average_fsc_free                    ? 
# 
_refine_hist.pdbx_refine_id                   'X-RAY DIFFRACTION' 
_refine_hist.cycle_id                         LAST 
_refine_hist.details                          ? 
_refine_hist.d_res_high                       2.40 
_refine_hist.d_res_low                        14.30 
_refine_hist.number_atoms_solvent             92 
_refine_hist.number_atoms_total               890 
_refine_hist.number_reflns_all                ? 
_refine_hist.number_reflns_obs                ? 
_refine_hist.number_reflns_R_free             ? 
_refine_hist.number_reflns_R_work             ? 
_refine_hist.R_factor_all                     ? 
_refine_hist.R_factor_obs                     ? 
_refine_hist.R_factor_R_free                  ? 
_refine_hist.R_factor_R_work                  ? 
_refine_hist.pdbx_number_residues_total       ? 
_refine_hist.pdbx_B_iso_mean_ligand           ? 
_refine_hist.pdbx_B_iso_mean_solvent          ? 
_refine_hist.pdbx_number_atoms_protein        794 
_refine_hist.pdbx_number_atoms_nucleic_acid   0 
_refine_hist.pdbx_number_atoms_ligand         4 
_refine_hist.pdbx_number_atoms_lipid          ? 
_refine_hist.pdbx_number_atoms_carb           ? 
_refine_hist.pdbx_pseudo_atom_details         ? 
# 
loop_
_refine_ls_restr.pdbx_refine_id 
_refine_ls_restr.criterion 
_refine_ls_restr.dev_ideal 
_refine_ls_restr.dev_ideal_target 
_refine_ls_restr.number 
_refine_ls_restr.rejects 
_refine_ls_restr.type 
_refine_ls_restr.weight 
_refine_ls_restr.pdbx_restraint_function 
'X-RAY DIFFRACTION' ? 0.0017  ? 805  ? f_bond_d           ? ? 
'X-RAY DIFFRACTION' ? 0.4209  ? 1084 ? f_angle_d          ? ? 
'X-RAY DIFFRACTION' ? 0.0399  ? 125  ? f_chiral_restr     ? ? 
'X-RAY DIFFRACTION' ? 0.0016  ? 143  ? f_plane_restr      ? ? 
'X-RAY DIFFRACTION' ? 16.0456 ? 295  ? f_dihedral_angle_d ? ? 
# 
loop_
_refine_ls_shell.pdbx_refine_id 
_refine_ls_shell.d_res_high 
_refine_ls_shell.d_res_low 
_refine_ls_shell.number_reflns_all 
_refine_ls_shell.number_reflns_obs 
_refine_ls_shell.number_reflns_R_free 
_refine_ls_shell.number_reflns_R_work 
_refine_ls_shell.percent_reflns_obs 
_refine_ls_shell.percent_reflns_R_free 
_refine_ls_shell.R_factor_all 
_refine_ls_shell.R_factor_obs 
_refine_ls_shell.R_factor_R_free 
_refine_ls_shell.R_factor_R_free_error 
_refine_ls_shell.R_factor_R_work 
_refine_ls_shell.redundancy_reflns_all 
_refine_ls_shell.redundancy_reflns_obs 
_refine_ls_shell.wR_factor_all 
_refine_ls_shell.wR_factor_obs 
_refine_ls_shell.wR_factor_R_free 
_refine_ls_shell.wR_factor_R_work 
_refine_ls_shell.pdbx_R_complete 
_refine_ls_shell.pdbx_total_number_of_bins_used 
_refine_ls_shell.pdbx_phase_error 
_refine_ls_shell.pdbx_fsc_work 
_refine_ls_shell.pdbx_fsc_free 
'X-RAY DIFFRACTION' 2.40 3.02  . . 106 2416 99.06 . . . 0.2384 . 0.2170 . . . . . . . . . . . 
'X-RAY DIFFRACTION' 3.02 14.30 . . 130 2530 99.81 . . . 0.2257 . 0.1875 . . . . . . . . . . . 
# 
_struct.entry_id                     7NCW 
_struct.title                        'Crystal structure of oxidized glutaredoxin 2 from Chlamydomonas reinhardtii' 
_struct.pdbx_model_details           ? 
_struct.pdbx_formula_weight          ? 
_struct.pdbx_formula_weight_method   ? 
_struct.pdbx_model_type_details      ? 
_struct.pdbx_CASP_flag               N 
# 
_struct_keywords.entry_id        7NCW 
_struct_keywords.text            'Chlamydomonas reinhardtii glutaredoxin, OXIDOREDUCTASE' 
_struct_keywords.pdbx_keywords   OXIDOREDUCTASE 
# 
loop_
_struct_asym.id 
_struct_asym.pdbx_blank_PDB_chainid_flag 
_struct_asym.pdbx_modified 
_struct_asym.entity_id 
_struct_asym.details 
A N N 1 ? 
B N N 2 ? 
C N N 3 ? 
# 
_struct_ref.id                         1 
_struct_ref.db_name                    UNP 
_struct_ref.db_code                    A8IYH1_CHLRE 
_struct_ref.pdbx_db_accession          A8IYH1 
_struct_ref.pdbx_db_isoform            ? 
_struct_ref.entity_id                  1 
_struct_ref.pdbx_seq_one_letter_code   
;MGKAEAINEIQKAVASNKVIVYSKTYCPYCVKAKNALNQFIAGKYTVVELENRADCDAMQDALLDITGGRSVPRVFINGK
FLGGGDDTAAAASNGTLEKLLQEAGAL
;
_struct_ref.pdbx_align_begin           1 
# 
_struct_ref_seq.align_id                      1 
_struct_ref_seq.ref_id                        1 
_struct_ref_seq.pdbx_PDB_id_code              7NCW 
_struct_ref_seq.pdbx_strand_id                A 
_struct_ref_seq.seq_align_beg                 1 
_struct_ref_seq.pdbx_seq_align_beg_ins_code   ? 
_struct_ref_seq.seq_align_end                 107 
_struct_ref_seq.pdbx_seq_align_end_ins_code   ? 
_struct_ref_seq.pdbx_db_accession             A8IYH1 
_struct_ref_seq.db_align_beg                  1 
_struct_ref_seq.pdbx_db_align_beg_ins_code    ? 
_struct_ref_seq.db_align_end                  107 
_struct_ref_seq.pdbx_db_align_end_ins_code    ? 
_struct_ref_seq.pdbx_auth_seq_align_beg       1 
_struct_ref_seq.pdbx_auth_seq_align_end       107 
# 
_pdbx_struct_assembly.id                   1 
_pdbx_struct_assembly.details              author_and_software_defined_assembly 
_pdbx_struct_assembly.method_details       PISA 
_pdbx_struct_assembly.oligomeric_details   monomeric 
_pdbx_struct_assembly.oligomeric_count     1 
# 
loop_
_pdbx_struct_assembly_prop.biol_id 
_pdbx_struct_assembly_prop.type 
_pdbx_struct_assembly_prop.value 
_pdbx_struct_assembly_prop.details 
1 'ABSA (A^2)' 200  ? 
1 MORE         -0   ? 
1 'SSA (A^2)'  5600 ? 
# 
_pdbx_struct_assembly_gen.assembly_id       1 
_pdbx_struct_assembly_gen.oper_expression   1 
_pdbx_struct_assembly_gen.asym_id_list      A,B,C 
# 
_pdbx_struct_assembly_auth_evidence.id                     1 
_pdbx_struct_assembly_auth_evidence.assembly_id            1 
_pdbx_struct_assembly_auth_evidence.experimental_support   'gel filtration' 
_pdbx_struct_assembly_auth_evidence.details                ? 
# 
_pdbx_struct_oper_list.id                   1 
_pdbx_struct_oper_list.type                 'identity operation' 
_pdbx_struct_oper_list.name                 1_555 
_pdbx_struct_oper_list.symmetry_operation   x,y,z 
_pdbx_struct_oper_list.matrix[1][1]         1.0000000000 
_pdbx_struct_oper_list.matrix[1][2]         0.0000000000 
_pdbx_struct_oper_list.matrix[1][3]         0.0000000000 
_pdbx_struct_oper_list.vector[1]            0.0000000000 
_pdbx_struct_oper_list.matrix[2][1]         0.0000000000 
_pdbx_struct_oper_list.matrix[2][2]         1.0000000000 
_pdbx_struct_oper_list.matrix[2][3]         0.0000000000 
_pdbx_struct_oper_list.vector[2]            0.0000000000 
_pdbx_struct_oper_list.matrix[3][1]         0.0000000000 
_pdbx_struct_oper_list.matrix[3][2]         0.0000000000 
_pdbx_struct_oper_list.matrix[3][3]         1.0000000000 
_pdbx_struct_oper_list.vector[3]            0.0000000000 
# 
loop_
_struct_conf.conf_type_id 
_struct_conf.id 
_struct_conf.pdbx_PDB_helix_id 
_struct_conf.beg_label_comp_id 
_struct_conf.beg_label_asym_id 
_struct_conf.beg_label_seq_id 
_struct_conf.pdbx_beg_PDB_ins_code 
_struct_conf.end_label_comp_id 
_struct_conf.end_label_asym_id 
_struct_conf.end_label_seq_id 
_struct_conf.pdbx_end_PDB_ins_code 
_struct_conf.beg_auth_comp_id 
_struct_conf.beg_auth_asym_id 
_struct_conf.beg_auth_seq_id 
_struct_conf.end_auth_comp_id 
_struct_conf.end_auth_asym_id 
_struct_conf.end_auth_seq_id 
_struct_conf.pdbx_PDB_helix_class 
_struct_conf.details 
_struct_conf.pdbx_PDB_helix_length 
HELX_P HELX_P1 AA1 GLY A 2  ? ASN A 17  ? GLY A 2  ASN A 17  1 ? 16 
HELX_P HELX_P2 AA2 CYS A 27 ? ALA A 42  ? CYS A 27 ALA A 42  1 ? 16 
HELX_P HELX_P3 AA3 ASP A 55 ? GLY A 68  ? ASP A 55 GLY A 68  1 ? 14 
HELX_P HELX_P4 AA4 GLY A 84 ? GLY A 95  ? GLY A 84 GLY A 95  1 ? 12 
HELX_P HELX_P5 AA5 GLY A 95 ? ALA A 104 ? GLY A 95 ALA A 104 1 ? 10 
# 
_struct_conf_type.id          HELX_P 
_struct_conf_type.criteria    ? 
_struct_conf_type.reference   ? 
# 
loop_
_struct_conn.id 
_struct_conn.conn_type_id 
_struct_conn.pdbx_leaving_atom_flag 
_struct_conn.pdbx_PDB_id 
_struct_conn.ptnr1_label_asym_id 
_struct_conn.ptnr1_label_comp_id 
_struct_conn.ptnr1_label_seq_id 
_struct_conn.ptnr1_label_atom_id 
_struct_conn.pdbx_ptnr1_label_alt_id 
_struct_conn.pdbx_ptnr1_PDB_ins_code 
_struct_conn.pdbx_ptnr1_standard_comp_id 
_struct_conn.ptnr1_symmetry 
_struct_conn.ptnr2_label_asym_id 
_struct_conn.ptnr2_label_comp_id 
_struct_conn.ptnr2_label_seq_id 
_struct_conn.ptnr2_label_atom_id 
_struct_conn.pdbx_ptnr2_label_alt_id 
_struct_conn.pdbx_ptnr2_PDB_ins_code 
_struct_conn.ptnr1_auth_asym_id 
_struct_conn.ptnr1_auth_comp_id 
_struct_conn.ptnr1_auth_seq_id 
_struct_conn.ptnr2_auth_asym_id 
_struct_conn.ptnr2_auth_comp_id 
_struct_conn.ptnr2_auth_seq_id 
_struct_conn.ptnr2_symmetry 
_struct_conn.pdbx_ptnr3_label_atom_id 
_struct_conn.pdbx_ptnr3_label_seq_id 
_struct_conn.pdbx_ptnr3_label_comp_id 
_struct_conn.pdbx_ptnr3_label_asym_id 
_struct_conn.pdbx_ptnr3_label_alt_id 
_struct_conn.pdbx_ptnr3_PDB_ins_code 
_struct_conn.details 
_struct_conn.pdbx_dist_value 
_struct_conn.pdbx_value_order 
_struct_conn.pdbx_role 
disulf1 disulf ?    ? A CYS 27 SG ? ? ? 1_555 A CYS 30 SG ? ? A CYS 27 A CYS 30 1_555 ? ? ? ? ? ? ? 2.036 ? ? 
covale1 covale both ? A ASP 55 C  ? ? ? 1_555 A CSO 56 N  ? ? A ASP 55 A CSO 56 1_555 ? ? ? ? ? ? ? 1.329 ? ? 
covale2 covale both ? A CSO 56 C  ? ? ? 1_555 A ASP 57 N  ? ? A CSO 56 A ASP 57 1_555 ? ? ? ? ? ? ? 1.330 ? ? 
# 
loop_
_struct_conn_type.id 
_struct_conn_type.criteria 
_struct_conn_type.reference 
disulf ? ? 
covale ? ? 
# 
loop_
_pdbx_modification_feature.ordinal 
_pdbx_modification_feature.label_comp_id 
_pdbx_modification_feature.label_asym_id 
_pdbx_modification_feature.label_seq_id 
_pdbx_modification_feature.label_alt_id 
_pdbx_modification_feature.modified_residue_label_comp_id 
_pdbx_modification_feature.modified_residue_label_asym_id 
_pdbx_modification_feature.modified_residue_label_seq_id 
_pdbx_modification_feature.modified_residue_label_alt_id 
_pdbx_modification_feature.auth_comp_id 
_pdbx_modification_feature.auth_asym_id 
_pdbx_modification_feature.auth_seq_id 
_pdbx_modification_feature.PDB_ins_code 
_pdbx_modification_feature.symmetry 
_pdbx_modification_feature.modified_residue_auth_comp_id 
_pdbx_modification_feature.modified_residue_auth_asym_id 
_pdbx_modification_feature.modified_residue_auth_seq_id 
_pdbx_modification_feature.modified_residue_PDB_ins_code 
_pdbx_modification_feature.modified_residue_symmetry 
_pdbx_modification_feature.comp_id_linking_atom 
_pdbx_modification_feature.modified_residue_id_linking_atom 
_pdbx_modification_feature.modified_residue_id 
_pdbx_modification_feature.ref_pcm_id 
_pdbx_modification_feature.ref_comp_id 
_pdbx_modification_feature.type 
_pdbx_modification_feature.category 
1 CSO A 56 ? .   . .  . CSO A 56 ? 1_555 .   . .  . .     .  .  CYS 1 CSO Hydroxylation 'Named protein modification' 
2 CYS A 27 ? CYS A 30 ? CYS A 27 ? 1_555 CYS A 30 ? 1_555 SG SG .   . .   None          'Disulfide bridge'           
# 
_struct_mon_prot_cis.pdbx_id                1 
_struct_mon_prot_cis.label_comp_id          VAL 
_struct_mon_prot_cis.label_seq_id           72 
_struct_mon_prot_cis.label_asym_id          A 
_struct_mon_prot_cis.label_alt_id           . 
_struct_mon_prot_cis.pdbx_PDB_ins_code      ? 
_struct_mon_prot_cis.auth_comp_id           VAL 
_struct_mon_prot_cis.auth_seq_id            72 
_struct_mon_prot_cis.auth_asym_id           A 
_struct_mon_prot_cis.pdbx_label_comp_id_2   PRO 
_struct_mon_prot_cis.pdbx_label_seq_id_2    73 
_struct_mon_prot_cis.pdbx_label_asym_id_2   A 
_struct_mon_prot_cis.pdbx_PDB_ins_code_2    ? 
_struct_mon_prot_cis.pdbx_auth_comp_id_2    PRO 
_struct_mon_prot_cis.pdbx_auth_seq_id_2     73 
_struct_mon_prot_cis.pdbx_auth_asym_id_2    A 
_struct_mon_prot_cis.pdbx_PDB_model_num     1 
_struct_mon_prot_cis.pdbx_omega_angle       1.01 
# 
_struct_sheet.id               AA1 
_struct_sheet.type             ? 
_struct_sheet.number_strands   4 
_struct_sheet.details          ? 
# 
loop_
_struct_sheet_order.sheet_id 
_struct_sheet_order.range_id_1 
_struct_sheet_order.range_id_2 
_struct_sheet_order.offset 
_struct_sheet_order.sense 
AA1 1 2 ? parallel      
AA1 2 3 ? anti-parallel 
AA1 3 4 ? anti-parallel 
# 
loop_
_struct_sheet_range.sheet_id 
_struct_sheet_range.id 
_struct_sheet_range.beg_label_comp_id 
_struct_sheet_range.beg_label_asym_id 
_struct_sheet_range.beg_label_seq_id 
_struct_sheet_range.pdbx_beg_PDB_ins_code 
_struct_sheet_range.end_label_comp_id 
_struct_sheet_range.end_label_asym_id 
_struct_sheet_range.end_label_seq_id 
_struct_sheet_range.pdbx_end_PDB_ins_code 
_struct_sheet_range.beg_auth_comp_id 
_struct_sheet_range.beg_auth_asym_id 
_struct_sheet_range.beg_auth_seq_id 
_struct_sheet_range.end_auth_comp_id 
_struct_sheet_range.end_auth_asym_id 
_struct_sheet_range.end_auth_seq_id 
AA1 1 THR A 46 ? GLU A 49 ? THR A 46 GLU A 49 
AA1 2 VAL A 19 ? SER A 23 ? VAL A 19 SER A 23 
AA1 3 ARG A 74 ? ILE A 77 ? ARG A 74 ILE A 77 
AA1 4 LYS A 80 ? GLY A 83 ? LYS A 80 GLY A 83 
# 
loop_
_pdbx_struct_sheet_hbond.sheet_id 
_pdbx_struct_sheet_hbond.range_id_1 
_pdbx_struct_sheet_hbond.range_id_2 
_pdbx_struct_sheet_hbond.range_1_label_atom_id 
_pdbx_struct_sheet_hbond.range_1_label_comp_id 
_pdbx_struct_sheet_hbond.range_1_label_asym_id 
_pdbx_struct_sheet_hbond.range_1_label_seq_id 
_pdbx_struct_sheet_hbond.range_1_PDB_ins_code 
_pdbx_struct_sheet_hbond.range_1_auth_atom_id 
_pdbx_struct_sheet_hbond.range_1_auth_comp_id 
_pdbx_struct_sheet_hbond.range_1_auth_asym_id 
_pdbx_struct_sheet_hbond.range_1_auth_seq_id 
_pdbx_struct_sheet_hbond.range_2_label_atom_id 
_pdbx_struct_sheet_hbond.range_2_label_comp_id 
_pdbx_struct_sheet_hbond.range_2_label_asym_id 
_pdbx_struct_sheet_hbond.range_2_label_seq_id 
_pdbx_struct_sheet_hbond.range_2_PDB_ins_code 
_pdbx_struct_sheet_hbond.range_2_auth_atom_id 
_pdbx_struct_sheet_hbond.range_2_auth_comp_id 
_pdbx_struct_sheet_hbond.range_2_auth_asym_id 
_pdbx_struct_sheet_hbond.range_2_auth_seq_id 
AA1 1 2 O VAL A 48 ? O VAL A 48 N SER A 23 ? N SER A 23 
AA1 2 3 N ILE A 20 ? N ILE A 20 O PHE A 76 ? O PHE A 76 
AA1 3 4 N VAL A 75 ? N VAL A 75 O LEU A 82 ? O LEU A 82 
# 
_pdbx_entry_details.entry_id                   7NCW 
_pdbx_entry_details.has_ligand_of_interest     N 
_pdbx_entry_details.compound_details           ? 
_pdbx_entry_details.source_details             ? 
_pdbx_entry_details.nonpolymer_details         ? 
_pdbx_entry_details.sequence_details           ? 
_pdbx_entry_details.has_protein_modification   Y 
# 
_pdbx_validate_torsion.id              1 
_pdbx_validate_torsion.PDB_model_num   1 
_pdbx_validate_torsion.auth_comp_id    CYS 
_pdbx_validate_torsion.auth_asym_id    A 
_pdbx_validate_torsion.auth_seq_id     27 
_pdbx_validate_torsion.PDB_ins_code    ? 
_pdbx_validate_torsion.label_alt_id    ? 
_pdbx_validate_torsion.phi             -164.99 
_pdbx_validate_torsion.psi             96.72 
# 
_pdbx_struct_mod_residue.id               1 
_pdbx_struct_mod_residue.label_asym_id    A 
_pdbx_struct_mod_residue.label_comp_id    CSO 
_pdbx_struct_mod_residue.label_seq_id     56 
_pdbx_struct_mod_residue.auth_asym_id     A 
_pdbx_struct_mod_residue.auth_comp_id     CSO 
_pdbx_struct_mod_residue.auth_seq_id      56 
_pdbx_struct_mod_residue.PDB_ins_code     ? 
_pdbx_struct_mod_residue.parent_comp_id   CYS 
_pdbx_struct_mod_residue.details          'modified residue' 
# 
_pdbx_struct_special_symmetry.id              1 
_pdbx_struct_special_symmetry.PDB_model_num   1 
_pdbx_struct_special_symmetry.auth_asym_id    A 
_pdbx_struct_special_symmetry.auth_comp_id    HOH 
_pdbx_struct_special_symmetry.auth_seq_id     360 
_pdbx_struct_special_symmetry.PDB_ins_code    ? 
_pdbx_struct_special_symmetry.label_asym_id   C 
_pdbx_struct_special_symmetry.label_comp_id   HOH 
_pdbx_struct_special_symmetry.label_seq_id    . 
# 
loop_
_space_group_symop.id 
_space_group_symop.operation_xyz 
1 x,y,z          
2 -y,x-y,z+2/3   
3 -x+y,-x,z+1/3  
4 x-y,-y,-z+1/3  
5 -x,-x+y,-z+2/3 
6 y,x,-z         
# 
_pdbx_refine_tls.id               1 
_pdbx_refine_tls.pdbx_refine_id   'X-RAY DIFFRACTION' 
_pdbx_refine_tls.details          ? 
_pdbx_refine_tls.method           refined 
_pdbx_refine_tls.origin_x         0.19390535451 
_pdbx_refine_tls.origin_y         -0.0873330163 
_pdbx_refine_tls.origin_z         0.28132405005 
_pdbx_refine_tls.T[1][1]          0.094994362860 
_pdbx_refine_tls.T[1][1]_esd      ? 
_pdbx_refine_tls.T[1][2]          0.017581730215 
_pdbx_refine_tls.T[1][2]_esd      ? 
_pdbx_refine_tls.T[1][3]          0.011728891430 
_pdbx_refine_tls.T[1][3]_esd      ? 
_pdbx_refine_tls.T[2][2]          0.11673537533 
_pdbx_refine_tls.T[2][2]_esd      ? 
_pdbx_refine_tls.T[2][3]          0.050206553126 
_pdbx_refine_tls.T[2][3]_esd      ? 
_pdbx_refine_tls.T[3][3]          0.176474387543 
_pdbx_refine_tls.T[3][3]_esd      ? 
_pdbx_refine_tls.L[1][1]          3.48155641047 
_pdbx_refine_tls.L[1][1]_esd      ? 
_pdbx_refine_tls.L[1][2]          -0.05553136072 
_pdbx_refine_tls.L[1][2]_esd      ? 
_pdbx_refine_tls.L[1][3]          0.103024729191 
_pdbx_refine_tls.L[1][3]_esd      ? 
_pdbx_refine_tls.L[2][2]          3.44128624057 
_pdbx_refine_tls.L[2][2]_esd      ? 
_pdbx_refine_tls.L[2][3]          -0.273506983761 
_pdbx_refine_tls.L[2][3]_esd      ? 
_pdbx_refine_tls.L[3][3]          1.37270559686 
_pdbx_refine_tls.L[3][3]_esd      ? 
_pdbx_refine_tls.S[1][1]          -0.102067153354 
_pdbx_refine_tls.S[1][1]_esd      ? 
_pdbx_refine_tls.S[1][2]          -0.098912788926 
_pdbx_refine_tls.S[1][2]_esd      ? 
_pdbx_refine_tls.S[1][3]          -0.020561687632 
_pdbx_refine_tls.S[1][3]_esd      ? 
_pdbx_refine_tls.S[2][1]          0.239553297831 
_pdbx_refine_tls.S[2][1]_esd      ? 
_pdbx_refine_tls.S[2][2]          -0.020596363796 
_pdbx_refine_tls.S[2][2]_esd      ? 
_pdbx_refine_tls.S[2][3]          0.382769866627 
_pdbx_refine_tls.S[2][3]_esd      ? 
_pdbx_refine_tls.S[3][1]          -0.070255102992 
_pdbx_refine_tls.S[3][1]_esd      ? 
_pdbx_refine_tls.S[3][2]          -0.087645527054 
_pdbx_refine_tls.S[3][2]_esd      ? 
_pdbx_refine_tls.S[3][3]          -0.017513895959 
_pdbx_refine_tls.S[3][3]_esd      ? 
# 
_pdbx_refine_tls_group.id                  1 
_pdbx_refine_tls_group.pdbx_refine_id      'X-RAY DIFFRACTION' 
_pdbx_refine_tls_group.refine_tls_id       1 
_pdbx_refine_tls_group.beg_label_asym_id   A 
_pdbx_refine_tls_group.beg_label_seq_id    1 
_pdbx_refine_tls_group.beg_auth_asym_id    A 
_pdbx_refine_tls_group.beg_auth_seq_id     1 
_pdbx_refine_tls_group.beg_PDB_ins_code    ? 
_pdbx_refine_tls_group.end_label_asym_id   A 
_pdbx_refine_tls_group.end_label_seq_id    107 
_pdbx_refine_tls_group.end_auth_asym_id    A 
_pdbx_refine_tls_group.end_auth_seq_id     107 
_pdbx_refine_tls_group.end_PDB_ins_code    ? 
_pdbx_refine_tls_group.selection           ? 
_pdbx_refine_tls_group.selection_details   
;(chain 'A' and resid 1 through 107)
;
# 
loop_
_chem_comp_atom.comp_id 
_chem_comp_atom.atom_id 
_chem_comp_atom.type_symbol 
_chem_comp_atom.pdbx_aromatic_flag 
_chem_comp_atom.pdbx_stereo_config 
_chem_comp_atom.pdbx_ordinal 
ACT C    C N N 1   
ACT O    O N N 2   
ACT OXT  O N N 3   
ACT CH3  C N N 4   
ACT H1   H N N 5   
ACT H2   H N N 6   
ACT H3   H N N 7   
ALA N    N N N 8   
ALA CA   C N S 9   
ALA C    C N N 10  
ALA O    O N N 11  
ALA CB   C N N 12  
ALA OXT  O N N 13  
ALA H    H N N 14  
ALA H2   H N N 15  
ALA HA   H N N 16  
ALA HB1  H N N 17  
ALA HB2  H N N 18  
ALA HB3  H N N 19  
ALA HXT  H N N 20  
ARG N    N N N 21  
ARG CA   C N S 22  
ARG C    C N N 23  
ARG O    O N N 24  
ARG CB   C N N 25  
ARG CG   C N N 26  
ARG CD   C N N 27  
ARG NE   N N N 28  
ARG CZ   C N N 29  
ARG NH1  N N N 30  
ARG NH2  N N N 31  
ARG OXT  O N N 32  
ARG H    H N N 33  
ARG H2   H N N 34  
ARG HA   H N N 35  
ARG HB2  H N N 36  
ARG HB3  H N N 37  
ARG HG2  H N N 38  
ARG HG3  H N N 39  
ARG HD2  H N N 40  
ARG HD3  H N N 41  
ARG HE   H N N 42  
ARG HH11 H N N 43  
ARG HH12 H N N 44  
ARG HH21 H N N 45  
ARG HH22 H N N 46  
ARG HXT  H N N 47  
ASN N    N N N 48  
ASN CA   C N S 49  
ASN C    C N N 50  
ASN O    O N N 51  
ASN CB   C N N 52  
ASN CG   C N N 53  
ASN OD1  O N N 54  
ASN ND2  N N N 55  
ASN OXT  O N N 56  
ASN H    H N N 57  
ASN H2   H N N 58  
ASN HA   H N N 59  
ASN HB2  H N N 60  
ASN HB3  H N N 61  
ASN HD21 H N N 62  
ASN HD22 H N N 63  
ASN HXT  H N N 64  
ASP N    N N N 65  
ASP CA   C N S 66  
ASP C    C N N 67  
ASP O    O N N 68  
ASP CB   C N N 69  
ASP CG   C N N 70  
ASP OD1  O N N 71  
ASP OD2  O N N 72  
ASP OXT  O N N 73  
ASP H    H N N 74  
ASP H2   H N N 75  
ASP HA   H N N 76  
ASP HB2  H N N 77  
ASP HB3  H N N 78  
ASP HD2  H N N 79  
ASP HXT  H N N 80  
CSO N    N N N 81  
CSO CA   C N R 82  
CSO CB   C N N 83  
CSO SG   S N N 84  
CSO C    C N N 85  
CSO O    O N N 86  
CSO OXT  O N N 87  
CSO OD   O N N 88  
CSO H    H N N 89  
CSO H2   H N N 90  
CSO HA   H N N 91  
CSO HB2  H N N 92  
CSO HB3  H N N 93  
CSO HXT  H N N 94  
CSO HD   H N N 95  
CYS N    N N N 96  
CYS CA   C N R 97  
CYS C    C N N 98  
CYS O    O N N 99  
CYS CB   C N N 100 
CYS SG   S N N 101 
CYS OXT  O N N 102 
CYS H    H N N 103 
CYS H2   H N N 104 
CYS HA   H N N 105 
CYS HB2  H N N 106 
CYS HB3  H N N 107 
CYS HG   H N N 108 
CYS HXT  H N N 109 
GLN N    N N N 110 
GLN CA   C N S 111 
GLN C    C N N 112 
GLN O    O N N 113 
GLN CB   C N N 114 
GLN CG   C N N 115 
GLN CD   C N N 116 
GLN OE1  O N N 117 
GLN NE2  N N N 118 
GLN OXT  O N N 119 
GLN H    H N N 120 
GLN H2   H N N 121 
GLN HA   H N N 122 
GLN HB2  H N N 123 
GLN HB3  H N N 124 
GLN HG2  H N N 125 
GLN HG3  H N N 126 
GLN HE21 H N N 127 
GLN HE22 H N N 128 
GLN HXT  H N N 129 
GLU N    N N N 130 
GLU CA   C N S 131 
GLU C    C N N 132 
GLU O    O N N 133 
GLU CB   C N N 134 
GLU CG   C N N 135 
GLU CD   C N N 136 
GLU OE1  O N N 137 
GLU OE2  O N N 138 
GLU OXT  O N N 139 
GLU H    H N N 140 
GLU H2   H N N 141 
GLU HA   H N N 142 
GLU HB2  H N N 143 
GLU HB3  H N N 144 
GLU HG2  H N N 145 
GLU HG3  H N N 146 
GLU HE2  H N N 147 
GLU HXT  H N N 148 
GLY N    N N N 149 
GLY CA   C N N 150 
GLY C    C N N 151 
GLY O    O N N 152 
GLY OXT  O N N 153 
GLY H    H N N 154 
GLY H2   H N N 155 
GLY HA2  H N N 156 
GLY HA3  H N N 157 
GLY HXT  H N N 158 
HOH O    O N N 159 
HOH H1   H N N 160 
HOH H2   H N N 161 
ILE N    N N N 162 
ILE CA   C N S 163 
ILE C    C N N 164 
ILE O    O N N 165 
ILE CB   C N S 166 
ILE CG1  C N N 167 
ILE CG2  C N N 168 
ILE CD1  C N N 169 
ILE OXT  O N N 170 
ILE H    H N N 171 
ILE H2   H N N 172 
ILE HA   H N N 173 
ILE HB   H N N 174 
ILE HG12 H N N 175 
ILE HG13 H N N 176 
ILE HG21 H N N 177 
ILE HG22 H N N 178 
ILE HG23 H N N 179 
ILE HD11 H N N 180 
ILE HD12 H N N 181 
ILE HD13 H N N 182 
ILE HXT  H N N 183 
LEU N    N N N 184 
LEU CA   C N S 185 
LEU C    C N N 186 
LEU O    O N N 187 
LEU CB   C N N 188 
LEU CG   C N N 189 
LEU CD1  C N N 190 
LEU CD2  C N N 191 
LEU OXT  O N N 192 
LEU H    H N N 193 
LEU H2   H N N 194 
LEU HA   H N N 195 
LEU HB2  H N N 196 
LEU HB3  H N N 197 
LEU HG   H N N 198 
LEU HD11 H N N 199 
LEU HD12 H N N 200 
LEU HD13 H N N 201 
LEU HD21 H N N 202 
LEU HD22 H N N 203 
LEU HD23 H N N 204 
LEU HXT  H N N 205 
LYS N    N N N 206 
LYS CA   C N S 207 
LYS C    C N N 208 
LYS O    O N N 209 
LYS CB   C N N 210 
LYS CG   C N N 211 
LYS CD   C N N 212 
LYS CE   C N N 213 
LYS NZ   N N N 214 
LYS OXT  O N N 215 
LYS H    H N N 216 
LYS H2   H N N 217 
LYS HA   H N N 218 
LYS HB2  H N N 219 
LYS HB3  H N N 220 
LYS HG2  H N N 221 
LYS HG3  H N N 222 
LYS HD2  H N N 223 
LYS HD3  H N N 224 
LYS HE2  H N N 225 
LYS HE3  H N N 226 
LYS HZ1  H N N 227 
LYS HZ2  H N N 228 
LYS HZ3  H N N 229 
LYS HXT  H N N 230 
MET N    N N N 231 
MET CA   C N S 232 
MET C    C N N 233 
MET O    O N N 234 
MET CB   C N N 235 
MET CG   C N N 236 
MET SD   S N N 237 
MET CE   C N N 238 
MET OXT  O N N 239 
MET H    H N N 240 
MET H2   H N N 241 
MET HA   H N N 242 
MET HB2  H N N 243 
MET HB3  H N N 244 
MET HG2  H N N 245 
MET HG3  H N N 246 
MET HE1  H N N 247 
MET HE2  H N N 248 
MET HE3  H N N 249 
MET HXT  H N N 250 
PHE N    N N N 251 
PHE CA   C N S 252 
PHE C    C N N 253 
PHE O    O N N 254 
PHE CB   C N N 255 
PHE CG   C Y N 256 
PHE CD1  C Y N 257 
PHE CD2  C Y N 258 
PHE CE1  C Y N 259 
PHE CE2  C Y N 260 
PHE CZ   C Y N 261 
PHE OXT  O N N 262 
PHE H    H N N 263 
PHE H2   H N N 264 
PHE HA   H N N 265 
PHE HB2  H N N 266 
PHE HB3  H N N 267 
PHE HD1  H N N 268 
PHE HD2  H N N 269 
PHE HE1  H N N 270 
PHE HE2  H N N 271 
PHE HZ   H N N 272 
PHE HXT  H N N 273 
PRO N    N N N 274 
PRO CA   C N S 275 
PRO C    C N N 276 
PRO O    O N N 277 
PRO CB   C N N 278 
PRO CG   C N N 279 
PRO CD   C N N 280 
PRO OXT  O N N 281 
PRO H    H N N 282 
PRO HA   H N N 283 
PRO HB2  H N N 284 
PRO HB3  H N N 285 
PRO HG2  H N N 286 
PRO HG3  H N N 287 
PRO HD2  H N N 288 
PRO HD3  H N N 289 
PRO HXT  H N N 290 
SER N    N N N 291 
SER CA   C N S 292 
SER C    C N N 293 
SER O    O N N 294 
SER CB   C N N 295 
SER OG   O N N 296 
SER OXT  O N N 297 
SER H    H N N 298 
SER H2   H N N 299 
SER HA   H N N 300 
SER HB2  H N N 301 
SER HB3  H N N 302 
SER HG   H N N 303 
SER HXT  H N N 304 
THR N    N N N 305 
THR CA   C N S 306 
THR C    C N N 307 
THR O    O N N 308 
THR CB   C N R 309 
THR OG1  O N N 310 
THR CG2  C N N 311 
THR OXT  O N N 312 
THR H    H N N 313 
THR H2   H N N 314 
THR HA   H N N 315 
THR HB   H N N 316 
THR HG1  H N N 317 
THR HG21 H N N 318 
THR HG22 H N N 319 
THR HG23 H N N 320 
THR HXT  H N N 321 
TYR N    N N N 322 
TYR CA   C N S 323 
TYR C    C N N 324 
TYR O    O N N 325 
TYR CB   C N N 326 
TYR CG   C Y N 327 
TYR CD1  C Y N 328 
TYR CD2  C Y N 329 
TYR CE1  C Y N 330 
TYR CE2  C Y N 331 
TYR CZ   C Y N 332 
TYR OH   O N N 333 
TYR OXT  O N N 334 
TYR H    H N N 335 
TYR H2   H N N 336 
TYR HA   H N N 337 
TYR HB2  H N N 338 
TYR HB3  H N N 339 
TYR HD1  H N N 340 
TYR HD2  H N N 341 
TYR HE1  H N N 342 
TYR HE2  H N N 343 
TYR HH   H N N 344 
TYR HXT  H N N 345 
VAL N    N N N 346 
VAL CA   C N S 347 
VAL C    C N N 348 
VAL O    O N N 349 
VAL CB   C N N 350 
VAL CG1  C N N 351 
VAL CG2  C N N 352 
VAL OXT  O N N 353 
VAL H    H N N 354 
VAL H2   H N N 355 
VAL HA   H N N 356 
VAL HB   H N N 357 
VAL HG11 H N N 358 
VAL HG12 H N N 359 
VAL HG13 H N N 360 
VAL HG21 H N N 361 
VAL HG22 H N N 362 
VAL HG23 H N N 363 
VAL HXT  H N N 364 
# 
loop_
_chem_comp_bond.comp_id 
_chem_comp_bond.atom_id_1 
_chem_comp_bond.atom_id_2 
_chem_comp_bond.value_order 
_chem_comp_bond.pdbx_aromatic_flag 
_chem_comp_bond.pdbx_stereo_config 
_chem_comp_bond.pdbx_ordinal 
ACT C   O    doub N N 1   
ACT C   OXT  sing N N 2   
ACT C   CH3  sing N N 3   
ACT CH3 H1   sing N N 4   
ACT CH3 H2   sing N N 5   
ACT CH3 H3   sing N N 6   
ALA N   CA   sing N N 7   
ALA N   H    sing N N 8   
ALA N   H2   sing N N 9   
ALA CA  C    sing N N 10  
ALA CA  CB   sing N N 11  
ALA CA  HA   sing N N 12  
ALA C   O    doub N N 13  
ALA C   OXT  sing N N 14  
ALA CB  HB1  sing N N 15  
ALA CB  HB2  sing N N 16  
ALA CB  HB3  sing N N 17  
ALA OXT HXT  sing N N 18  
ARG N   CA   sing N N 19  
ARG N   H    sing N N 20  
ARG N   H2   sing N N 21  
ARG CA  C    sing N N 22  
ARG CA  CB   sing N N 23  
ARG CA  HA   sing N N 24  
ARG C   O    doub N N 25  
ARG C   OXT  sing N N 26  
ARG CB  CG   sing N N 27  
ARG CB  HB2  sing N N 28  
ARG CB  HB3  sing N N 29  
ARG CG  CD   sing N N 30  
ARG CG  HG2  sing N N 31  
ARG CG  HG3  sing N N 32  
ARG CD  NE   sing N N 33  
ARG CD  HD2  sing N N 34  
ARG CD  HD3  sing N N 35  
ARG NE  CZ   sing N N 36  
ARG NE  HE   sing N N 37  
ARG CZ  NH1  sing N N 38  
ARG CZ  NH2  doub N N 39  
ARG NH1 HH11 sing N N 40  
ARG NH1 HH12 sing N N 41  
ARG NH2 HH21 sing N N 42  
ARG NH2 HH22 sing N N 43  
ARG OXT HXT  sing N N 44  
ASN N   CA   sing N N 45  
ASN N   H    sing N N 46  
ASN N   H2   sing N N 47  
ASN CA  C    sing N N 48  
ASN CA  CB   sing N N 49  
ASN CA  HA   sing N N 50  
ASN C   O    doub N N 51  
ASN C   OXT  sing N N 52  
ASN CB  CG   sing N N 53  
ASN CB  HB2  sing N N 54  
ASN CB  HB3  sing N N 55  
ASN CG  OD1  doub N N 56  
ASN CG  ND2  sing N N 57  
ASN ND2 HD21 sing N N 58  
ASN ND2 HD22 sing N N 59  
ASN OXT HXT  sing N N 60  
ASP N   CA   sing N N 61  
ASP N   H    sing N N 62  
ASP N   H2   sing N N 63  
ASP CA  C    sing N N 64  
ASP CA  CB   sing N N 65  
ASP CA  HA   sing N N 66  
ASP C   O    doub N N 67  
ASP C   OXT  sing N N 68  
ASP CB  CG   sing N N 69  
ASP CB  HB2  sing N N 70  
ASP CB  HB3  sing N N 71  
ASP CG  OD1  doub N N 72  
ASP CG  OD2  sing N N 73  
ASP OD2 HD2  sing N N 74  
ASP OXT HXT  sing N N 75  
CSO N   CA   sing N N 76  
CSO N   H    sing N N 77  
CSO N   H2   sing N N 78  
CSO CA  CB   sing N N 79  
CSO CA  C    sing N N 80  
CSO CA  HA   sing N N 81  
CSO CB  SG   sing N N 82  
CSO CB  HB2  sing N N 83  
CSO CB  HB3  sing N N 84  
CSO SG  OD   sing N N 85  
CSO C   O    doub N N 86  
CSO C   OXT  sing N N 87  
CSO OXT HXT  sing N N 88  
CSO OD  HD   sing N N 89  
CYS N   CA   sing N N 90  
CYS N   H    sing N N 91  
CYS N   H2   sing N N 92  
CYS CA  C    sing N N 93  
CYS CA  CB   sing N N 94  
CYS CA  HA   sing N N 95  
CYS C   O    doub N N 96  
CYS C   OXT  sing N N 97  
CYS CB  SG   sing N N 98  
CYS CB  HB2  sing N N 99  
CYS CB  HB3  sing N N 100 
CYS SG  HG   sing N N 101 
CYS OXT HXT  sing N N 102 
GLN N   CA   sing N N 103 
GLN N   H    sing N N 104 
GLN N   H2   sing N N 105 
GLN CA  C    sing N N 106 
GLN CA  CB   sing N N 107 
GLN CA  HA   sing N N 108 
GLN C   O    doub N N 109 
GLN C   OXT  sing N N 110 
GLN CB  CG   sing N N 111 
GLN CB  HB2  sing N N 112 
GLN CB  HB3  sing N N 113 
GLN CG  CD   sing N N 114 
GLN CG  HG2  sing N N 115 
GLN CG  HG3  sing N N 116 
GLN CD  OE1  doub N N 117 
GLN CD  NE2  sing N N 118 
GLN NE2 HE21 sing N N 119 
GLN NE2 HE22 sing N N 120 
GLN OXT HXT  sing N N 121 
GLU N   CA   sing N N 122 
GLU N   H    sing N N 123 
GLU N   H2   sing N N 124 
GLU CA  C    sing N N 125 
GLU CA  CB   sing N N 126 
GLU CA  HA   sing N N 127 
GLU C   O    doub N N 128 
GLU C   OXT  sing N N 129 
GLU CB  CG   sing N N 130 
GLU CB  HB2  sing N N 131 
GLU CB  HB3  sing N N 132 
GLU CG  CD   sing N N 133 
GLU CG  HG2  sing N N 134 
GLU CG  HG3  sing N N 135 
GLU CD  OE1  doub N N 136 
GLU CD  OE2  sing N N 137 
GLU OE2 HE2  sing N N 138 
GLU OXT HXT  sing N N 139 
GLY N   CA   sing N N 140 
GLY N   H    sing N N 141 
GLY N   H2   sing N N 142 
GLY CA  C    sing N N 143 
GLY CA  HA2  sing N N 144 
GLY CA  HA3  sing N N 145 
GLY C   O    doub N N 146 
GLY C   OXT  sing N N 147 
GLY OXT HXT  sing N N 148 
HOH O   H1   sing N N 149 
HOH O   H2   sing N N 150 
ILE N   CA   sing N N 151 
ILE N   H    sing N N 152 
ILE N   H2   sing N N 153 
ILE CA  C    sing N N 154 
ILE CA  CB   sing N N 155 
ILE CA  HA   sing N N 156 
ILE C   O    doub N N 157 
ILE C   OXT  sing N N 158 
ILE CB  CG1  sing N N 159 
ILE CB  CG2  sing N N 160 
ILE CB  HB   sing N N 161 
ILE CG1 CD1  sing N N 162 
ILE CG1 HG12 sing N N 163 
ILE CG1 HG13 sing N N 164 
ILE CG2 HG21 sing N N 165 
ILE CG2 HG22 sing N N 166 
ILE CG2 HG23 sing N N 167 
ILE CD1 HD11 sing N N 168 
ILE CD1 HD12 sing N N 169 
ILE CD1 HD13 sing N N 170 
ILE OXT HXT  sing N N 171 
LEU N   CA   sing N N 172 
LEU N   H    sing N N 173 
LEU N   H2   sing N N 174 
LEU CA  C    sing N N 175 
LEU CA  CB   sing N N 176 
LEU CA  HA   sing N N 177 
LEU C   O    doub N N 178 
LEU C   OXT  sing N N 179 
LEU CB  CG   sing N N 180 
LEU CB  HB2  sing N N 181 
LEU CB  HB3  sing N N 182 
LEU CG  CD1  sing N N 183 
LEU CG  CD2  sing N N 184 
LEU CG  HG   sing N N 185 
LEU CD1 HD11 sing N N 186 
LEU CD1 HD12 sing N N 187 
LEU CD1 HD13 sing N N 188 
LEU CD2 HD21 sing N N 189 
LEU CD2 HD22 sing N N 190 
LEU CD2 HD23 sing N N 191 
LEU OXT HXT  sing N N 192 
LYS N   CA   sing N N 193 
LYS N   H    sing N N 194 
LYS N   H2   sing N N 195 
LYS CA  C    sing N N 196 
LYS CA  CB   sing N N 197 
LYS CA  HA   sing N N 198 
LYS C   O    doub N N 199 
LYS C   OXT  sing N N 200 
LYS CB  CG   sing N N 201 
LYS CB  HB2  sing N N 202 
LYS CB  HB3  sing N N 203 
LYS CG  CD   sing N N 204 
LYS CG  HG2  sing N N 205 
LYS CG  HG3  sing N N 206 
LYS CD  CE   sing N N 207 
LYS CD  HD2  sing N N 208 
LYS CD  HD3  sing N N 209 
LYS CE  NZ   sing N N 210 
LYS CE  HE2  sing N N 211 
LYS CE  HE3  sing N N 212 
LYS NZ  HZ1  sing N N 213 
LYS NZ  HZ2  sing N N 214 
LYS NZ  HZ3  sing N N 215 
LYS OXT HXT  sing N N 216 
MET N   CA   sing N N 217 
MET N   H    sing N N 218 
MET N   H2   sing N N 219 
MET CA  C    sing N N 220 
MET CA  CB   sing N N 221 
MET CA  HA   sing N N 222 
MET C   O    doub N N 223 
MET C   OXT  sing N N 224 
MET CB  CG   sing N N 225 
MET CB  HB2  sing N N 226 
MET CB  HB3  sing N N 227 
MET CG  SD   sing N N 228 
MET CG  HG2  sing N N 229 
MET CG  HG3  sing N N 230 
MET SD  CE   sing N N 231 
MET CE  HE1  sing N N 232 
MET CE  HE2  sing N N 233 
MET CE  HE3  sing N N 234 
MET OXT HXT  sing N N 235 
PHE N   CA   sing N N 236 
PHE N   H    sing N N 237 
PHE N   H2   sing N N 238 
PHE CA  C    sing N N 239 
PHE CA  CB   sing N N 240 
PHE CA  HA   sing N N 241 
PHE C   O    doub N N 242 
PHE C   OXT  sing N N 243 
PHE CB  CG   sing N N 244 
PHE CB  HB2  sing N N 245 
PHE CB  HB3  sing N N 246 
PHE CG  CD1  doub Y N 247 
PHE CG  CD2  sing Y N 248 
PHE CD1 CE1  sing Y N 249 
PHE CD1 HD1  sing N N 250 
PHE CD2 CE2  doub Y N 251 
PHE CD2 HD2  sing N N 252 
PHE CE1 CZ   doub Y N 253 
PHE CE1 HE1  sing N N 254 
PHE CE2 CZ   sing Y N 255 
PHE CE2 HE2  sing N N 256 
PHE CZ  HZ   sing N N 257 
PHE OXT HXT  sing N N 258 
PRO N   CA   sing N N 259 
PRO N   CD   sing N N 260 
PRO N   H    sing N N 261 
PRO CA  C    sing N N 262 
PRO CA  CB   sing N N 263 
PRO CA  HA   sing N N 264 
PRO C   O    doub N N 265 
PRO C   OXT  sing N N 266 
PRO CB  CG   sing N N 267 
PRO CB  HB2  sing N N 268 
PRO CB  HB3  sing N N 269 
PRO CG  CD   sing N N 270 
PRO CG  HG2  sing N N 271 
PRO CG  HG3  sing N N 272 
PRO CD  HD2  sing N N 273 
PRO CD  HD3  sing N N 274 
PRO OXT HXT  sing N N 275 
SER N   CA   sing N N 276 
SER N   H    sing N N 277 
SER N   H2   sing N N 278 
SER CA  C    sing N N 279 
SER CA  CB   sing N N 280 
SER CA  HA   sing N N 281 
SER C   O    doub N N 282 
SER C   OXT  sing N N 283 
SER CB  OG   sing N N 284 
SER CB  HB2  sing N N 285 
SER CB  HB3  sing N N 286 
SER OG  HG   sing N N 287 
SER OXT HXT  sing N N 288 
THR N   CA   sing N N 289 
THR N   H    sing N N 290 
THR N   H2   sing N N 291 
THR CA  C    sing N N 292 
THR CA  CB   sing N N 293 
THR CA  HA   sing N N 294 
THR C   O    doub N N 295 
THR C   OXT  sing N N 296 
THR CB  OG1  sing N N 297 
THR CB  CG2  sing N N 298 
THR CB  HB   sing N N 299 
THR OG1 HG1  sing N N 300 
THR CG2 HG21 sing N N 301 
THR CG2 HG22 sing N N 302 
THR CG2 HG23 sing N N 303 
THR OXT HXT  sing N N 304 
TYR N   CA   sing N N 305 
TYR N   H    sing N N 306 
TYR N   H2   sing N N 307 
TYR CA  C    sing N N 308 
TYR CA  CB   sing N N 309 
TYR CA  HA   sing N N 310 
TYR C   O    doub N N 311 
TYR C   OXT  sing N N 312 
TYR CB  CG   sing N N 313 
TYR CB  HB2  sing N N 314 
TYR CB  HB3  sing N N 315 
TYR CG  CD1  doub Y N 316 
TYR CG  CD2  sing Y N 317 
TYR CD1 CE1  sing Y N 318 
TYR CD1 HD1  sing N N 319 
TYR CD2 CE2  doub Y N 320 
TYR CD2 HD2  sing N N 321 
TYR CE1 CZ   doub Y N 322 
TYR CE1 HE1  sing N N 323 
TYR CE2 CZ   sing Y N 324 
TYR CE2 HE2  sing N N 325 
TYR CZ  OH   sing N N 326 
TYR OH  HH   sing N N 327 
TYR OXT HXT  sing N N 328 
VAL N   CA   sing N N 329 
VAL N   H    sing N N 330 
VAL N   H2   sing N N 331 
VAL CA  C    sing N N 332 
VAL CA  CB   sing N N 333 
VAL CA  HA   sing N N 334 
VAL C   O    doub N N 335 
VAL C   OXT  sing N N 336 
VAL CB  CG1  sing N N 337 
VAL CB  CG2  sing N N 338 
VAL CB  HB   sing N N 339 
VAL CG1 HG11 sing N N 340 
VAL CG1 HG12 sing N N 341 
VAL CG1 HG13 sing N N 342 
VAL CG2 HG21 sing N N 343 
VAL CG2 HG22 sing N N 344 
VAL CG2 HG23 sing N N 345 
VAL OXT HXT  sing N N 346 
# 
_pdbx_initial_refinement_model.id               1 
_pdbx_initial_refinement_model.entity_id_list   ? 
_pdbx_initial_refinement_model.type             'experimental model' 
_pdbx_initial_refinement_model.source_name      PDB 
_pdbx_initial_refinement_model.accession_code   2FLS 
_pdbx_initial_refinement_model.details          ? 
# 
_space_group.name_H-M_alt     'P 32 2 1' 
_space_group.name_Hall        
;P 32 2"
;
_space_group.IT_number        154 
_space_group.crystal_system   trigonal 
_space_group.id               1 
# 
_atom_sites.entry_id                    7NCW 
_atom_sites.Cartn_transf_matrix[1][1]   ? 
_atom_sites.Cartn_transf_matrix[1][2]   ? 
_atom_sites.Cartn_transf_matrix[1][3]   ? 
_atom_sites.Cartn_transf_matrix[2][1]   ? 
_atom_sites.Cartn_transf_matrix[2][2]   ? 
_atom_sites.Cartn_transf_matrix[2][3]   ? 
_atom_sites.Cartn_transf_matrix[3][1]   ? 
_atom_sites.Cartn_transf_matrix[3][2]   ? 
_atom_sites.Cartn_transf_matrix[3][3]   ? 
_atom_sites.Cartn_transf_vector[1]      ? 
_atom_sites.Cartn_transf_vector[2]      ? 
_atom_sites.Cartn_transf_vector[3]      ? 
_atom_sites.fract_transf_matrix[1][1]   0.02525482 
_atom_sites.fract_transf_matrix[1][2]   0.00112265 
_atom_sites.fract_transf_matrix[1][3]   -0.00288521 
_atom_sites.fract_transf_matrix[2][1]   0.01513731 
_atom_sites.fract_transf_matrix[2][2]   0.00034758 
_atom_sites.fract_transf_matrix[2][3]   0.02044718 
_atom_sites.fract_transf_matrix[3][1]   0.00040994 
_atom_sites.fract_transf_matrix[3][2]   -0.00958321 
_atom_sites.fract_transf_matrix[3][3]   -0.00014058 
_atom_sites.fract_transf_vector[1]      -0.176986 
_atom_sites.fract_transf_vector[2]      -0.512165 
_atom_sites.fract_transf_vector[3]      -0.096473 
_atom_sites.solution_primary            ? 
_atom_sites.solution_secondary          ? 
_atom_sites.solution_hydrogens          ? 
_atom_sites.special_details             ? 
# 
loop_
_atom_type.symbol 
_atom_type.scat_dispersion_real 
_atom_type.scat_dispersion_imag 
_atom_type.scat_Cromer_Mann_a1 
_atom_type.scat_Cromer_Mann_a2 
_atom_type.scat_Cromer_Mann_a3 
_atom_type.scat_Cromer_Mann_a4 
_atom_type.scat_Cromer_Mann_b1 
_atom_type.scat_Cromer_Mann_b2 
_atom_type.scat_Cromer_Mann_b3 
_atom_type.scat_Cromer_Mann_b4 
_atom_type.scat_Cromer_Mann_c 
_atom_type.scat_source 
_atom_type.scat_dispersion_source 
C ? ? 3.54356 2.42580 ? ? 25.62398 1.50364  ? ? 0.0 
;2-Gaussian fit: Grosse-Kunstleve RW, Sauter NK, Adams PD: Newsletter of the IUCr Commission on Crystallographic Computing 2004, 3, 22-31.
;
? 
N ? ? 4.01032 2.96436 ? ? 19.97189 1.75589  ? ? 0.0 
;2-Gaussian fit: Grosse-Kunstleve RW, Sauter NK, Adams PD: Newsletter of the IUCr Commission on Crystallographic Computing 2004, 3, 22-31.
;
? 
O ? ? 4.49882 3.47563 ? ? 15.80542 1.70748  ? ? 0.0 
;2-Gaussian fit: Grosse-Kunstleve RW, Sauter NK, Adams PD: Newsletter of the IUCr Commission on Crystallographic Computing 2004, 3, 22-31.
;
? 
S ? ? 9.55732 6.39887 ? ? 1.23737  29.19336 ? ? 0.0 
;2-Gaussian fit: Grosse-Kunstleve RW, Sauter NK, Adams PD: Newsletter of the IUCr Commission on Crystallographic Computing 2004, 3, 22-31.
;
? 
# 
loop_
_atom_site.group_PDB 
_atom_site.id 
_atom_site.type_symbol 
_atom_site.label_atom_id 
_atom_site.label_alt_id 
_atom_site.label_comp_id 
_atom_site.label_asym_id 
_atom_site.label_entity_id 
_atom_site.label_seq_id 
_atom_site.pdbx_PDB_ins_code 
_atom_site.Cartn_x 
_atom_site.Cartn_y 
_atom_site.Cartn_z 
_atom_site.occupancy 
_atom_site.B_iso_or_equiv 
_atom_site.pdbx_formal_charge 
_atom_site.auth_seq_id 
_atom_site.auth_comp_id 
_atom_site.auth_asym_id 
_atom_site.auth_atom_id 
_atom_site.pdbx_PDB_model_num 
ATOM   1   N N   . MET A 1 1   ? -0.81313  12.61122  17.74653  1.000 40.89791 ? 1   MET A N   1 
ATOM   2   C CA  . MET A 1 1   ? -0.62789  11.68863  16.63101  1.000 47.32288 ? 1   MET A CA  1 
ATOM   3   C C   . MET A 1 1   ? -1.34617  10.36133  16.87806  1.000 47.55727 ? 1   MET A C   1 
ATOM   4   O O   . MET A 1 1   ? -0.81470  9.29114   16.57815  1.000 48.31523 ? 1   MET A O   1 
ATOM   5   C CB  . MET A 1 1   ? 0.86378   11.44415  16.38054  1.000 42.66053 ? 1   MET A CB  1 
ATOM   6   C CG  . MET A 1 1   ? 1.65048   11.02844  17.61781  1.000 44.34456 ? 1   MET A CG  1 
ATOM   7   S SD  . MET A 1 1   ? 3.36629   10.60687  17.24575  1.000 55.23275 ? 1   MET A SD  1 
ATOM   8   C CE  . MET A 1 1   ? 3.94493   10.08723  18.86083  1.000 41.03753 ? 1   MET A CE  1 
ATOM   9   N N   . GLY A 1 2   ? -2.56315  10.44188  17.41394  1.000 47.21891 ? 2   GLY A N   1 
ATOM   10  C CA  . GLY A 1 2   ? -3.33759  9.26049   17.74430  1.000 39.96436 ? 2   GLY A CA  1 
ATOM   11  C C   . GLY A 1 2   ? -3.87880  8.51226   16.54314  1.000 39.97882 ? 2   GLY A C   1 
ATOM   12  O O   . GLY A 1 2   ? -3.31722  8.59254   15.44700  1.000 42.27818 ? 2   GLY A O   1 
ATOM   13  N N   . LYS A 1 3   ? -4.97765  7.77866   16.73528  1.000 40.87246 ? 3   LYS A N   1 
ATOM   14  C CA  . LYS A 1 3   ? -5.51554  6.96138   15.65256  1.000 40.29531 ? 3   LYS A CA  1 
ATOM   15  C C   . LYS A 1 3   ? -6.38131  7.77952   14.70268  1.000 39.12021 ? 3   LYS A C   1 
ATOM   16  O O   . LYS A 1 3   ? -6.39383  7.51848   13.49384  1.000 37.43683 ? 3   LYS A O   1 
ATOM   17  C CB  . LYS A 1 3   ? -6.31619  5.78704   16.21764  1.000 38.90384 ? 3   LYS A CB  1 
ATOM   18  C CG  . LYS A 1 3   ? -6.58215  4.69353   15.19332  1.000 36.61500 ? 3   LYS A CG  1 
ATOM   19  C CD  . LYS A 1 3   ? -8.06990  4.45732   14.97870  1.000 40.61373 ? 3   LYS A CD  1 
ATOM   20  C CE  . LYS A 1 3   ? -8.65312  3.54748   16.04917  1.000 41.76540 ? 3   LYS A CE  1 
ATOM   21  N NZ  . LYS A 1 3   ? -10.08445 3.22793   15.78306  1.000 38.97487 ? 3   LYS A NZ  1 
ATOM   22  N N   . ALA A 1 4   ? -7.11825  8.76104   15.22930  1.000 37.65953 ? 4   ALA A N   1 
ATOM   23  C CA  . ALA A 1 4   ? -7.92171  9.62149   14.36692  1.000 38.86690 ? 4   ALA A CA  1 
ATOM   24  C C   . ALA A 1 4   ? -7.04547  10.36824  13.37036  1.000 35.04451 ? 4   ALA A C   1 
ATOM   25  O O   . ALA A 1 4   ? -7.38605  10.47069  12.18566  1.000 34.79808 ? 4   ALA A O   1 
ATOM   26  C CB  . ALA A 1 4   ? -8.73410  10.60308  15.21106  1.000 39.93654 ? 4   ALA A CB  1 
ATOM   27  N N   . GLU A 1 5   ? -5.90829  10.89329  13.83254  1.000 35.99700 ? 5   GLU A N   1 
ATOM   28  C CA  . GLU A 1 5   ? -4.96592  11.53116  12.92042  1.000 36.44618 ? 5   GLU A CA  1 
ATOM   29  C C   . GLU A 1 5   ? -4.41312  10.52758  11.91817  1.000 32.91269 ? 5   GLU A C   1 
ATOM   30  O O   . GLU A 1 5   ? -4.17596  10.86788  10.75344  1.000 33.66670 ? 5   GLU A O   1 
ATOM   31  C CB  . GLU A 1 5   ? -3.82582  12.18237  13.70641  1.000 38.10264 ? 5   GLU A CB  1 
ATOM   32  C CG  . GLU A 1 5   ? -4.24997  13.29594  14.65741  1.000 38.46461 ? 5   GLU A CG  1 
ATOM   33  C CD  . GLU A 1 5   ? -4.72210  12.78184  16.00734  1.000 41.36478 ? 5   GLU A CD  1 
ATOM   34  O OE1 . GLU A 1 5   ? -5.27570  11.66394  16.06876  1.000 44.03865 ? 5   GLU A OE1 1 
ATOM   35  O OE2 . GLU A 1 5   ? -4.53473  13.49829  17.01261  1.000 50.06050 ? 5   GLU A OE2 1 
ATOM   36  N N   . ALA A 1 6   ? -4.20428  9.28244   12.35384  1.000 33.50675 ? 6   ALA A N   1 
ATOM   37  C CA  . ALA A 1 6   ? -3.66842  8.26361   11.45758  1.000 32.26435 ? 6   ALA A CA  1 
ATOM   38  C C   . ALA A 1 6   ? -4.65345  7.93150   10.34460  1.000 29.42012 ? 6   ALA A C   1 
ATOM   39  O O   . ALA A 1 6   ? -4.25670  7.78844   9.18230   1.000 28.83555 ? 6   ALA A O   1 
ATOM   40  C CB  . ALA A 1 6   ? -3.30465  7.00706   12.24753  1.000 32.49943 ? 6   ALA A CB  1 
ATOM   41  N N   . ILE A 1 7   ? -5.93953  7.79857   10.68051  1.000 30.09094 ? 7   ILE A N   1 
ATOM   42  C CA  . ILE A 1 7   ? -6.95276  7.54723   9.65844   1.000 30.58045 ? 7   ILE A CA  1 
ATOM   43  C C   . ILE A 1 7   ? -6.98661  8.69082   8.65529   1.000 32.37650 ? 7   ILE A C   1 
ATOM   44  O O   . ILE A 1 7   ? -7.03959  8.47076   7.43856   1.000 31.78234 ? 7   ILE A O   1 
ATOM   45  C CB  . ILE A 1 7   ? -8.33113  7.32738   10.30961  1.000 33.74776 ? 7   ILE A CB  1 
ATOM   46  C CG1 . ILE A 1 7   ? -8.35008  6.01475   11.09628  1.000 31.44622 ? 7   ILE A CG1 1 
ATOM   47  C CG2 . ILE A 1 7   ? -9.43046  7.34545   9.25612   1.000 30.89187 ? 7   ILE A CG2 1 
ATOM   48  C CD1 . ILE A 1 7   ? -9.68491  5.69772   11.72970  1.000 31.81716 ? 7   ILE A CD1 1 
ATOM   49  N N   . ASN A 1 8   ? -6.94308  9.92991   9.14992   1.000 33.26023 ? 8   ASN A N   1 
ATOM   50  C CA  . ASN A 1 8   ? -6.94063  11.08679  8.26173   1.000 30.45493 ? 8   ASN A CA  1 
ATOM   51  C C   . ASN A 1 8   ? -5.70495  11.10028  7.37019   1.000 28.66147 ? 8   ASN A C   1 
ATOM   52  O O   . ASN A 1 8   ? -5.80506  11.35269  6.16377   1.000 30.02971 ? 8   ASN A O   1 
ATOM   53  C CB  . ASN A 1 8   ? -7.02621  12.37178  9.08525   1.000 32.16600 ? 8   ASN A CB  1 
ATOM   54  C CG  . ASN A 1 8   ? -6.87639  13.62066  8.23792   1.000 33.03362 ? 8   ASN A CG  1 
ATOM   55  O OD1 . ASN A 1 8   ? -7.84611  14.11467  7.66308   1.000 39.34283 ? 8   ASN A OD1 1 
ATOM   56  N ND2 . ASN A 1 8   ? -5.65644  14.14212  8.16164   1.000 31.15549 ? 8   ASN A ND2 1 
ATOM   57  N N   . GLU A 1 9   ? -4.53106  10.82825  7.94562   1.000 28.46665 ? 9   GLU A N   1 
ATOM   58  C CA  . GLU A 1 9   ? -3.29723  10.86405  7.16587   1.000 28.26112 ? 9   GLU A CA  1 
ATOM   59  C C   . GLU A 1 9   ? -3.30431  9.81379   6.06188   1.000 27.34146 ? 9   GLU A C   1 
ATOM   60  O O   . GLU A 1 9   ? -2.90925  10.09771  4.92460   1.000 24.81931 ? 9   GLU A O   1 
ATOM   61  C CB  . GLU A 1 9   ? -2.09017  10.66839  8.08375   1.000 29.03276 ? 9   GLU A CB  1 
ATOM   62  C CG  . GLU A 1 9   ? -0.79121  10.37937  7.34368   1.000 27.53398 ? 9   GLU A CG  1 
ATOM   63  C CD  . GLU A 1 9   ? 0.41163   10.33079  8.26384   1.000 27.53510 ? 9   GLU A CD  1 
ATOM   64  O OE1 . GLU A 1 9   ? 0.53897   11.22686  9.12500   1.000 31.38748 ? 9   GLU A OE1 1 
ATOM   65  O OE2 . GLU A 1 9   ? 1.22774   9.39437   8.12963   1.000 26.34293 ? 9   GLU A OE2 1 
ATOM   66  N N   . ILE A 1 10  ? -3.75392  8.59577   6.37551   1.000 27.01166 ? 10  ILE A N   1 
ATOM   67  C CA  . ILE A 1 10  ? -3.75474  7.52503   5.38271   1.000 25.57398 ? 10  ILE A CA  1 
ATOM   68  C C   . ILE A 1 10  ? -4.76240  7.81540   4.27658   1.000 25.63250 ? 10  ILE A C   1 
ATOM   69  O O   . ILE A 1 10  ? -4.46419  7.64445   3.08876   1.000 24.36774 ? 10  ILE A O   1 
ATOM   70  C CB  . ILE A 1 10  ? -4.02704  6.16808   6.05817   1.000 25.32346 ? 10  ILE A CB  1 
ATOM   71  C CG1 . ILE A 1 10  ? -2.88253  5.80976   7.00656   1.000 28.14115 ? 10  ILE A CG1 1 
ATOM   72  C CG2 . ILE A 1 10  ? -4.21343  5.07470   5.01591   1.000 20.30556 ? 10  ILE A CG2 1 
ATOM   73  C CD1 . ILE A 1 10  ? -3.04319  4.46470   7.68553   1.000 27.37358 ? 10  ILE A CD1 1 
ATOM   74  N N   . GLN A 1 11  ? -5.96643  8.26150   4.64353   1.000 25.57656 ? 11  GLN A N   1 
ATOM   75  C CA  . GLN A 1 11  ? -6.98634  8.54490   3.63797   1.000 27.99264 ? 11  GLN A CA  1 
ATOM   76  C C   . GLN A 1 11  ? -6.54249  9.65607   2.69489   1.000 29.13638 ? 11  GLN A C   1 
ATOM   77  O O   . GLN A 1 11  ? -6.80445  9.59687   1.48774   1.000 28.94664 ? 11  GLN A O   1 
ATOM   78  C CB  . GLN A 1 11  ? -8.30759  8.91017   4.31653   1.000 27.48972 ? 11  GLN A CB  1 
ATOM   79  C CG  . GLN A 1 11  ? -9.01595  7.72936   4.96315   1.000 27.14788 ? 11  GLN A CG  1 
ATOM   80  C CD  . GLN A 1 11  ? -10.28986 8.13060   5.68342   1.000 29.38958 ? 11  GLN A CD  1 
ATOM   81  O OE1 . GLN A 1 11  ? -10.45194 9.28105   6.09170   1.000 30.22660 ? 11  GLN A OE1 1 
ATOM   82  N NE2 . GLN A 1 11  ? -11.20285 7.17974   5.84234   1.000 31.03732 ? 11  GLN A NE2 1 
ATOM   83  N N   . LYS A 1 12  ? -5.86493  10.67672  3.22527   1.000 28.91726 ? 12  LYS A N   1 
ATOM   84  C CA  . LYS A 1 12  ? -5.38827  11.76285  2.37541   1.000 28.47030 ? 12  LYS A CA  1 
ATOM   85  C C   . LYS A 1 12  ? -4.28818  11.28658  1.43566   1.000 27.05697 ? 12  LYS A C   1 
ATOM   86  O O   . LYS A 1 12  ? -4.26368  11.66217  0.25725   1.000 27.27451 ? 12  LYS A O   1 
ATOM   87  C CB  . LYS A 1 12  ? -4.89572  12.92725  3.23579   1.000 28.10352 ? 12  LYS A CB  1 
ATOM   88  C CG  . LYS A 1 12  ? -3.89354  13.83181  2.53400   1.000 33.12537 ? 12  LYS A CG  1 
ATOM   89  C CD  . LYS A 1 12  ? -3.54446  15.05013  3.37368   1.000 38.61334 ? 12  LYS A CD  1 
ATOM   90  C CE  . LYS A 1 12  ? -2.30454  15.75028  2.83211   1.000 41.21913 ? 12  LYS A CE  1 
ATOM   91  N NZ  . LYS A 1 12  ? -2.40646  16.02385  1.36946   1.000 40.97471 ? 12  LYS A NZ  1 
ATOM   92  N N   . ALA A 1 13  ? -3.37232  10.45519  1.93533   1.000 24.55461 ? 13  ALA A N   1 
ATOM   93  C CA  . ALA A 1 13  ? -2.28148  9.97643   1.09358   1.000 25.52684 ? 13  ALA A CA  1 
ATOM   94  C C   . ALA A 1 13  ? -2.78048  8.98007   0.05450   1.000 24.66842 ? 13  ALA A C   1 
ATOM   95  O O   . ALA A 1 13  ? -2.29448  8.96647   -1.08306  1.000 22.83300 ? 13  ALA A O   1 
ATOM   96  C CB  . ALA A 1 13  ? -1.18579  9.35546   1.95769   1.000 21.48885 ? 13  ALA A CB  1 
ATOM   97  N N   . VAL A 1 14  ? -3.75026  8.14047   0.42599   1.000 22.22125 ? 14  VAL A N   1 
ATOM   98  C CA  . VAL A 1 14  ? -4.30888  7.17897   -0.51935  1.000 21.36202 ? 14  VAL A CA  1 
ATOM   99  C C   . VAL A 1 14  ? -5.03705  7.89944   -1.64832  1.000 23.38784 ? 14  VAL A C   1 
ATOM   100 O O   . VAL A 1 14  ? -4.96046  7.49300   -2.81450  1.000 20.75700 ? 14  VAL A O   1 
ATOM   101 C CB  . VAL A 1 14  ? -5.22945  6.18691   0.21699   1.000 22.75426 ? 14  VAL A CB  1 
ATOM   102 C CG1 . VAL A 1 14  ? -6.11186  5.43223   -0.76502  1.000 22.07358 ? 14  VAL A CG1 1 
ATOM   103 C CG2 . VAL A 1 14  ? -4.40286  5.20908   1.03987   1.000 21.90646 ? 14  VAL A CG2 1 
ATOM   104 N N   . ALA A 1 15  ? -5.73636  8.98995   -1.32791  1.000 22.35693 ? 15  ALA A N   1 
ATOM   105 C CA  . ALA A 1 15  ? -6.47147  9.72739   -2.34848  1.000 25.53715 ? 15  ALA A CA  1 
ATOM   106 C C   . ALA A 1 15  ? -5.55682  10.57177  -3.22716  1.000 26.16771 ? 15  ALA A C   1 
ATOM   107 O O   . ALA A 1 15  ? -5.90682  10.85796  -4.37730  1.000 29.28202 ? 15  ALA A O   1 
ATOM   108 C CB  . ALA A 1 15  ? -7.53235  10.61603  -1.69609  1.000 21.70419 ? 15  ALA A CB  1 
ATOM   109 N N   . SER A 1 16  ? -4.39284  10.97365  -2.71891  1.000 24.26001 ? 16  SER A N   1 
ATOM   110 C CA  . SER A 1 16  ? -3.49998  11.86866  -3.44284  1.000 23.77616 ? 16  SER A CA  1 
ATOM   111 C C   . SER A 1 16  ? -2.32737  11.15168  -4.10006  1.000 24.00849 ? 16  SER A C   1 
ATOM   112 O O   . SER A 1 16  ? -1.49347  11.81012  -4.72758  1.000 27.22789 ? 16  SER A O   1 
ATOM   113 C CB  . SER A 1 16  ? -2.97667  12.96372  -2.50528  1.000 24.91962 ? 16  SER A CB  1 
ATOM   114 O OG  . SER A 1 16  ? -2.40287  12.40734  -1.33517  1.000 28.20331 ? 16  SER A OG  1 
ATOM   115 N N   . ASN A 1 17  ? -2.23894  9.83023   -3.97758  1.000 23.08467 ? 17  ASN A N   1 
ATOM   116 C CA  . ASN A 1 17  ? -1.18375  9.05138   -4.61217  1.000 22.07202 ? 17  ASN A CA  1 
ATOM   117 C C   . ASN A 1 17  ? -1.80692  8.00699   -5.52452  1.000 19.85817 ? 17  ASN A C   1 
ATOM   118 O O   . ASN A 1 17  ? -2.73471  7.29892   -5.12012  1.000 20.37593 ? 17  ASN A O   1 
ATOM   119 C CB  . ASN A 1 17  ? -0.28323  8.37421   -3.57323  1.000 19.14289 ? 17  ASN A CB  1 
ATOM   120 C CG  . ASN A 1 17  ? 0.64877   9.35169   -2.88383  1.000 22.29527 ? 17  ASN A CG  1 
ATOM   121 O OD1 . ASN A 1 17  ? 1.68360   9.73187   -3.43324  1.000 21.69761 ? 17  ASN A OD1 1 
ATOM   122 N ND2 . ASN A 1 17  ? 0.28904   9.76035   -1.67244  1.000 21.17165 ? 17  ASN A ND2 1 
ATOM   123 N N   . LYS A 1 18  ? -1.30061  7.92172   -6.75712  1.000 21.42280 ? 18  LYS A N   1 
ATOM   124 C CA  . LYS A 1 18  ? -1.76700  6.88841   -7.67556  1.000 19.53459 ? 18  LYS A CA  1 
ATOM   125 C C   . LYS A 1 18  ? -1.49751  5.49879   -7.11629  1.000 20.02611 ? 18  LYS A C   1 
ATOM   126 O O   . LYS A 1 18  ? -2.36315  4.61776   -7.17617  1.000 22.73963 ? 18  LYS A O   1 
ATOM   127 C CB  . LYS A 1 18  ? -1.10053  7.05960   -9.04041  1.000 19.41499 ? 18  LYS A CB  1 
ATOM   128 C CG  . LYS A 1 18  ? -1.73134  8.13621   -9.90748  1.000 19.32172 ? 18  LYS A CG  1 
ATOM   129 C CD  . LYS A 1 18  ? -0.82164  8.51720   -11.06354 1.000 26.92589 ? 18  LYS A CD  1 
ATOM   130 C CE  . LYS A 1 18  ? -1.58450  9.27075   -12.14384 1.000 28.31168 ? 18  LYS A CE  1 
ATOM   131 N NZ  . LYS A 1 18  ? -2.48177  10.31300  -11.57480 1.000 31.62000 ? 18  LYS A NZ  1 
ATOM   132 N N   . VAL A 1 19  ? -0.30405  5.28503   -6.56710  1.000 19.17093 ? 19  VAL A N   1 
ATOM   133 C CA  . VAL A 1 19  ? 0.07025   4.02198   -5.93995  1.000 18.39642 ? 19  VAL A CA  1 
ATOM   134 C C   . VAL A 1 19  ? 0.79230   4.33472   -4.63860  1.000 19.78460 ? 19  VAL A C   1 
ATOM   135 O O   . VAL A 1 19  ? 1.75527   5.10921   -4.62766  1.000 20.54676 ? 19  VAL A O   1 
ATOM   136 C CB  . VAL A 1 19  ? 0.96562   3.16039   -6.85186  1.000 15.92540 ? 19  VAL A CB  1 
ATOM   137 C CG1 . VAL A 1 19  ? 1.37925   1.88377   -6.13403  1.000 17.66453 ? 19  VAL A CG1 1 
ATOM   138 C CG2 . VAL A 1 19  ? 0.24892   2.83520   -8.14399  1.000 17.06135 ? 19  VAL A CG2 1 
ATOM   139 N N   . ILE A 1 20  ? 0.32772   3.74033   -3.54441  1.000 16.48180 ? 20  ILE A N   1 
ATOM   140 C CA  . ILE A 1 20  ? 0.95525   3.90424   -2.23977  1.000 16.73912 ? 20  ILE A CA  1 
ATOM   141 C C   . ILE A 1 20  ? 0.89415   2.57035   -1.50822  1.000 16.26924 ? 20  ILE A C   1 
ATOM   142 O O   . ILE A 1 20  ? -0.12152  1.86822   -1.55429  1.000 14.47432 ? 20  ILE A O   1 
ATOM   143 C CB  . ILE A 1 20  ? 0.28613   5.03175   -1.42230  1.000 18.30010 ? 20  ILE A CB  1 
ATOM   144 C CG1 . ILE A 1 20  ? 0.93279   5.15417   -0.03919  1.000 19.64677 ? 20  ILE A CG1 1 
ATOM   145 C CG2 . ILE A 1 20  ? -1.21554  4.80363   -1.31014  1.000 18.31101 ? 20  ILE A CG2 1 
ATOM   146 C CD1 . ILE A 1 20  ? 0.52859   6.39946   0.72142   1.000 17.92459 ? 20  ILE A CD1 1 
ATOM   147 N N   . VAL A 1 21  ? 1.99436   2.21231   -0.85061  1.000 17.00805 ? 21  VAL A N   1 
ATOM   148 C CA  . VAL A 1 21  ? 2.11536   0.95203   -0.12862  1.000 15.53772 ? 21  VAL A CA  1 
ATOM   149 C C   . VAL A 1 21  ? 2.58915   1.25650   1.28386   1.000 17.03625 ? 21  VAL A C   1 
ATOM   150 O O   . VAL A 1 21  ? 3.69158   1.78465   1.47174   1.000 18.19049 ? 21  VAL A O   1 
ATOM   151 C CB  . VAL A 1 21  ? 3.08915   -0.01947  -0.81665  1.000 15.40164 ? 21  VAL A CB  1 
ATOM   152 C CG1 . VAL A 1 21  ? 3.14193   -1.34073  -0.05927  1.000 16.87396 ? 21  VAL A CG1 1 
ATOM   153 C CG2 . VAL A 1 21  ? 2.69177   -0.24224  -2.26437  1.000 15.03999 ? 21  VAL A CG2 1 
ATOM   154 N N   . TYR A 1 22  ? 1.76390   0.92863   2.27184   1.000 16.35760 ? 22  TYR A N   1 
ATOM   155 C CA  . TYR A 1 22  ? 2.20572   0.96915   3.65659   1.000 17.87660 ? 22  TYR A CA  1 
ATOM   156 C C   . TYR A 1 22  ? 2.93878   -0.32622  3.97169   1.000 20.40318 ? 22  TYR A C   1 
ATOM   157 O O   . TYR A 1 22  ? 2.44623   -1.41793  3.67202   1.000 17.63119 ? 22  TYR A O   1 
ATOM   158 C CB  . TYR A 1 22  ? 1.01918   1.19308   4.59243   1.000 16.46743 ? 22  TYR A CB  1 
ATOM   159 C CG  . TYR A 1 22  ? 0.50491   2.60870   4.48632   1.000 22.65539 ? 22  TYR A CG  1 
ATOM   160 C CD1 . TYR A 1 22  ? -0.45311  2.95145   3.53984   1.000 18.80834 ? 22  TYR A CD1 1 
ATOM   161 C CD2 . TYR A 1 22  ? 1.01351   3.61419   5.29943   1.000 18.98312 ? 22  TYR A CD2 1 
ATOM   162 C CE1 . TYR A 1 22  ? -0.90746  4.25038   3.42450   1.000 20.78318 ? 22  TYR A CE1 1 
ATOM   163 C CE2 . TYR A 1 22  ? 0.56596   4.91521   5.19000   1.000 20.19238 ? 22  TYR A CE2 1 
ATOM   164 C CZ  . TYR A 1 22  ? -0.39466  5.22785   4.25127   1.000 21.83855 ? 22  TYR A CZ  1 
ATOM   165 O OH  . TYR A 1 22  ? -0.84336  6.52348   4.13806   1.000 23.35914 ? 22  TYR A OH  1 
ATOM   166 N N   . SER A 1 23  ? 4.13003   -0.20213  4.54919   1.000 19.47908 ? 23  SER A N   1 
ATOM   167 C CA  . SER A 1 23  ? 5.06448   -1.31317  4.59453   1.000 18.92396 ? 23  SER A CA  1 
ATOM   168 C C   . SER A 1 23  ? 5.93113   -1.19908  5.84058   1.000 21.77348 ? 23  SER A C   1 
ATOM   169 O O   . SER A 1 23  ? 5.83354   -0.23889  6.61034   1.000 22.73360 ? 23  SER A O   1 
ATOM   170 C CB  . SER A 1 23  ? 5.92015   -1.33972  3.32188   1.000 18.00364 ? 23  SER A CB  1 
ATOM   171 O OG  . SER A 1 23  ? 7.06326   -2.16300  3.47496   1.000 20.29389 ? 23  SER A OG  1 
ATOM   172 N N   . LYS A 1 24  ? 6.77097   -2.21181  6.04027   1.000 17.76764 ? 24  LYS A N   1 
ATOM   173 C CA  . LYS A 1 24  ? 7.87038   -2.16180  6.98800   1.000 18.73658 ? 24  LYS A CA  1 
ATOM   174 C C   . LYS A 1 24  ? 9.12237   -2.66229  6.28441   1.000 21.24606 ? 24  LYS A C   1 
ATOM   175 O O   . LYS A 1 24  ? 9.04200   -3.44314  5.33199   1.000 21.24563 ? 24  LYS A O   1 
ATOM   176 C CB  . LYS A 1 24  ? 7.58528   -2.99321  8.24367   1.000 20.76103 ? 24  LYS A CB  1 
ATOM   177 C CG  . LYS A 1 24  ? 6.45232   -2.44185  9.09336   1.000 26.01609 ? 24  LYS A CG  1 
ATOM   178 C CD  . LYS A 1 24  ? 6.19020   -3.31186  10.31358  1.000 25.71837 ? 24  LYS A CD  1 
ATOM   179 C CE  . LYS A 1 24  ? 4.97581   -2.81345  11.07906  1.000 23.92664 ? 24  LYS A CE  1 
ATOM   180 N NZ  . LYS A 1 24  ? 4.67543   -3.65721  12.26629  1.000 26.01883 ? 24  LYS A NZ  1 
ATOM   181 N N   . THR A 1 25  ? 10.28122  -2.18493  6.74467   1.000 21.43662 ? 25  THR A N   1 
ATOM   182 C CA  . THR A 1 25  ? 11.54004  -2.55379  6.10355   1.000 21.15971 ? 25  THR A CA  1 
ATOM   183 C C   . THR A 1 25  ? 11.75419  -4.06166  6.14261   1.000 20.09553 ? 25  THR A C   1 
ATOM   184 O O   . THR A 1 25  ? 12.00269  -4.69164  5.10841   1.000 18.51831 ? 25  THR A O   1 
ATOM   185 C CB  . THR A 1 25  ? 12.70698  -1.82646  6.77313   1.000 23.64336 ? 25  THR A CB  1 
ATOM   186 O OG1 . THR A 1 25  ? 12.56936  -0.41387  6.57310   1.000 21.45403 ? 25  THR A OG1 1 
ATOM   187 C CG2 . THR A 1 25  ? 14.03507  -2.29161  6.18872   1.000 21.43252 ? 25  THR A CG2 1 
ATOM   188 N N   . TYR A 1 26  ? 11.65046  -4.65897  7.32935   1.000 20.82404 ? 26  TYR A N   1 
ATOM   189 C CA  . TYR A 1 26  ? 11.82315  -6.10101  7.50066   1.000 19.52269 ? 26  TYR A CA  1 
ATOM   190 C C   . TYR A 1 26  ? 10.45223  -6.75196  7.37526   1.000 20.96760 ? 26  TYR A C   1 
ATOM   191 O O   . TYR A 1 26  ? 9.71299   -6.89616  8.35115   1.000 20.77504 ? 26  TYR A O   1 
ATOM   192 C CB  . TYR A 1 26  ? 12.47863  -6.41268  8.83952   1.000 19.05251 ? 26  TYR A CB  1 
ATOM   193 C CG  . TYR A 1 26  ? 13.03897  -7.81336  8.92267   1.000 21.39805 ? 26  TYR A CG  1 
ATOM   194 C CD1 . TYR A 1 26  ? 12.24234  -8.88029  9.31833   1.000 21.72983 ? 26  TYR A CD1 1 
ATOM   195 C CD2 . TYR A 1 26  ? 14.36462  -8.06986  8.59828   1.000 19.79738 ? 26  TYR A CD2 1 
ATOM   196 C CE1 . TYR A 1 26  ? 12.75339  -10.16259 9.39286   1.000 21.10459 ? 26  TYR A CE1 1 
ATOM   197 C CE2 . TYR A 1 26  ? 14.88206  -9.34637  8.66824   1.000 20.95638 ? 26  TYR A CE2 1 
ATOM   198 C CZ  . TYR A 1 26  ? 14.07326  -10.38760 9.06499   1.000 21.60038 ? 26  TYR A CZ  1 
ATOM   199 O OH  . TYR A 1 26  ? 14.58925  -11.65823 9.13393   1.000 22.97029 ? 26  TYR A OH  1 
ATOM   200 N N   . CYS A 1 27  ? 10.11336  -7.15831  6.15531   1.000 17.69419 ? 27  CYS A N   1 
ATOM   201 C CA  . CYS A 1 27  ? 8.77741   -7.65285  5.85563   1.000 20.92106 ? 27  CYS A CA  1 
ATOM   202 C C   . CYS A 1 27  ? 8.78047   -8.38067  4.51559   1.000 21.18720 ? 27  CYS A C   1 
ATOM   203 O O   . CYS A 1 27  ? 8.67852   -7.74082  3.46050   1.000 19.21481 ? 27  CYS A O   1 
ATOM   204 C CB  . CYS A 1 27  ? 7.78153   -6.49044  5.84676   1.000 17.20141 ? 27  CYS A CB  1 
ATOM   205 S SG  . CYS A 1 27  ? 6.14061   -6.88882  5.22935   1.000 20.11958 ? 27  CYS A SG  1 
ATOM   206 N N   . PRO A 1 28  ? 8.89606   -9.71187  4.51521   1.000 19.22183 ? 28  PRO A N   1 
ATOM   207 C CA  . PRO A 1 28  ? 8.98025   -10.43889 3.23679   1.000 18.69555 ? 28  PRO A CA  1 
ATOM   208 C C   . PRO A 1 28  ? 7.73662   -10.31083 2.37501   1.000 20.52365 ? 28  PRO A C   1 
ATOM   209 O O   . PRO A 1 28  ? 7.84668   -10.33417 1.14221   1.000 20.65245 ? 28  PRO A O   1 
ATOM   210 C CB  . PRO A 1 28  ? 9.21877   -11.89140 3.67654   1.000 22.09418 ? 28  PRO A CB  1 
ATOM   211 C CG  . PRO A 1 28  ? 8.71094   -11.95688 5.08199   1.000 21.46503 ? 28  PRO A CG  1 
ATOM   212 C CD  . PRO A 1 28  ? 9.00332   -10.61173 5.67510   1.000 20.61787 ? 28  PRO A CD  1 
ATOM   213 N N   . TYR A 1 29  ? 6.55338   -10.17755 2.97809   1.000 18.92184 ? 29  TYR A N   1 
ATOM   214 C CA  . TYR A 1 29  ? 5.35296   -9.97491  2.17479   1.000 18.99206 ? 29  TYR A CA  1 
ATOM   215 C C   . TYR A 1 29  ? 5.30025   -8.57077  1.58551   1.000 19.86967 ? 29  TYR A C   1 
ATOM   216 O O   . TYR A 1 29  ? 4.74186   -8.37992  0.49861   1.000 19.12869 ? 29  TYR A O   1 
ATOM   217 C CB  . TYR A 1 29  ? 4.10215   -10.26026 3.00587   1.000 20.70252 ? 29  TYR A CB  1 
ATOM   218 C CG  . TYR A 1 29  ? 3.79769   -11.73605 3.14230   1.000 22.44338 ? 29  TYR A CG  1 
ATOM   219 C CD1 . TYR A 1 29  ? 3.29346   -12.45971 2.06873   1.000 21.87759 ? 29  TYR A CD1 1 
ATOM   220 C CD2 . TYR A 1 29  ? 4.01318   -12.40533 4.33977   1.000 24.75352 ? 29  TYR A CD2 1 
ATOM   221 C CE1 . TYR A 1 29  ? 3.01329   -13.80717 2.18120   1.000 23.79707 ? 29  TYR A CE1 1 
ATOM   222 C CE2 . TYR A 1 29  ? 3.73584   -13.75773 4.46287   1.000 25.94250 ? 29  TYR A CE2 1 
ATOM   223 C CZ  . TYR A 1 29  ? 3.23496   -14.45228 3.37924   1.000 28.13019 ? 29  TYR A CZ  1 
ATOM   224 O OH  . TYR A 1 29  ? 2.95503   -15.79642 3.48914   1.000 28.95325 ? 29  TYR A OH  1 
ATOM   225 N N   . CYS A 1 30  ? 5.86779   -7.57873  2.27788   1.000 17.54040 ? 30  CYS A N   1 
ATOM   226 C CA  . CYS A 1 30  ? 5.97660   -6.25001  1.68424   1.000 18.09903 ? 30  CYS A CA  1 
ATOM   227 C C   . CYS A 1 30  ? 6.89071   -6.27545  0.46756   1.000 19.13892 ? 30  CYS A C   1 
ATOM   228 O O   . CYS A 1 30  ? 6.59284   -5.64523  -0.55455  1.000 15.80281 ? 30  CYS A O   1 
ATOM   229 C CB  . CYS A 1 30  ? 6.48992   -5.24236  2.71279   1.000 18.32415 ? 30  CYS A CB  1 
ATOM   230 S SG  . CYS A 1 30  ? 5.57573   -5.18124  4.27508   1.000 20.27357 ? 30  CYS A SG  1 
ATOM   231 N N   . VAL A 1 31  ? 8.00727   -7.00327  0.56273   1.000 17.99404 ? 31  VAL A N   1 
ATOM   232 C CA  . VAL A 1 31  ? 8.89793   -7.17321  -0.58149  1.000 19.55949 ? 31  VAL A CA  1 
ATOM   233 C C   . VAL A 1 31  ? 8.15566   -7.82223  -1.74040  1.000 20.28683 ? 31  VAL A C   1 
ATOM   234 O O   . VAL A 1 31  ? 8.37891   -7.48576  -2.90978  1.000 19.59920 ? 31  VAL A O   1 
ATOM   235 C CB  . VAL A 1 31  ? 10.13187  -7.99835  -0.17461  1.000 21.49367 ? 31  VAL A CB  1 
ATOM   236 C CG1 . VAL A 1 31  ? 11.09104  -8.13941  -1.34922  1.000 18.51432 ? 31  VAL A CG1 1 
ATOM   237 C CG2 . VAL A 1 31  ? 10.81657  -7.36596  1.02309   1.000 17.59442 ? 31  VAL A CG2 1 
ATOM   238 N N   . LYS A 1 32  ? 7.26314   -8.76528  -1.43331  1.000 19.20739 ? 32  LYS A N   1 
ATOM   239 C CA  . LYS A 1 32  ? 6.47913   -9.41430  -2.47670  1.000 20.28572 ? 32  LYS A CA  1 
ATOM   240 C C   . LYS A 1 32  ? 5.63470   -8.39954  -3.23719  1.000 19.53436 ? 32  LYS A C   1 
ATOM   241 O O   . LYS A 1 32  ? 5.57075   -8.43214  -4.47188  1.000 19.74538 ? 32  LYS A O   1 
ATOM   242 C CB  . LYS A 1 32  ? 5.59988   -10.49991 -1.85751  1.000 18.44281 ? 32  LYS A CB  1 
ATOM   243 C CG  . LYS A 1 32  ? 5.18665   -11.59584 -2.81554  1.000 22.02022 ? 32  LYS A CG  1 
ATOM   244 C CD  . LYS A 1 32  ? 4.54718   -12.74986 -2.06352  1.000 26.06898 ? 32  LYS A CD  1 
ATOM   245 C CE  . LYS A 1 32  ? 4.37599   -13.96613 -2.95581  1.000 30.37250 ? 32  LYS A CE  1 
ATOM   246 N NZ  . LYS A 1 32  ? 3.70768   -15.08434 -2.23732  1.000 27.19148 ? 32  LYS A NZ  1 
ATOM   247 N N   . ALA A 1 33  ? 4.98914   -7.48135  -2.51529  1.000 18.13879 ? 33  ALA A N   1 
ATOM   248 C CA  . ALA A 1 33  ? 4.20055   -6.44286  -3.16965  1.000 16.64494 ? 33  ALA A CA  1 
ATOM   249 C C   . ALA A 1 33  ? 5.09378   -5.45168  -3.90426  1.000 18.36339 ? 33  ALA A C   1 
ATOM   250 O O   . ALA A 1 33  ? 4.77511   -5.03126  -5.02280  1.000 19.62253 ? 33  ALA A O   1 
ATOM   251 C CB  . ALA A 1 33  ? 3.32809   -5.72172  -2.14224  1.000 15.38172 ? 33  ALA A CB  1 
ATOM   252 N N   . LYS A 1 34  ? 6.21587   -5.06611  -3.29110  1.000 18.66189 ? 34  LYS A N   1 
ATOM   253 C CA  . LYS A 1 34  ? 7.13263   -4.13534  -3.94151  1.000 17.56935 ? 34  LYS A CA  1 
ATOM   254 C C   . LYS A 1 34  ? 7.68193   -4.71580  -5.23694  1.000 19.31265 ? 34  LYS A C   1 
ATOM   255 O O   . LYS A 1 34  ? 7.73360   -4.02473  -6.26163  1.000 18.92104 ? 34  LYS A O   1 
ATOM   256 C CB  . LYS A 1 34  ? 8.27489   -3.77287  -2.99343  1.000 18.83030 ? 34  LYS A CB  1 
ATOM   257 C CG  . LYS A 1 34  ? 7.84753   -2.97146  -1.77232  1.000 19.00463 ? 34  LYS A CG  1 
ATOM   258 C CD  . LYS A 1 34  ? 8.99349   -2.84460  -0.78065  1.000 18.97627 ? 34  LYS A CD  1 
ATOM   259 C CE  . LYS A 1 34  ? 8.60560   -2.00295  0.42188   1.000 18.16423 ? 34  LYS A CE  1 
ATOM   260 N NZ  . LYS A 1 34  ? 9.69836   -1.97319  1.43308   1.000 20.87171 ? 34  LYS A NZ  1 
ATOM   261 N N   . ASN A 1 35  ? 8.09427   -5.98632  -5.21133  1.000 17.83845 ? 35  ASN A N   1 
ATOM   262 C CA  . ASN A 1 35  ? 8.63245   -6.61701  -6.41229  1.000 17.66139 ? 35  ASN A CA  1 
ATOM   263 C C   . ASN A 1 35  ? 7.57248   -6.73595  -7.49931  1.000 17.17982 ? 35  ASN A C   1 
ATOM   264 O O   . ASN A 1 35  ? 7.87967   -6.59859  -8.68927  1.000 17.49186 ? 35  ASN A O   1 
ATOM   265 C CB  . ASN A 1 35  ? 9.21046   -7.99150  -6.07238  1.000 19.61471 ? 35  ASN A CB  1 
ATOM   266 C CG  . ASN A 1 35  ? 10.53701  -7.90073  -5.34183  1.000 23.95559 ? 35  ASN A CG  1 
ATOM   267 O OD1 . ASN A 1 35  ? 11.23285  -6.88656  -5.41920  1.000 25.77197 ? 35  ASN A OD1 1 
ATOM   268 N ND2 . ASN A 1 35  ? 10.89827  -8.96503  -4.63284  1.000 22.48498 ? 35  ASN A ND2 1 
ATOM   269 N N   . ALA A 1 36  ? 6.32035   -6.98843  -7.11090  1.000 17.22862 ? 36  ALA A N   1 
ATOM   270 C CA  . ALA A 1 36  ? 5.24225   -7.05610  -8.09174  1.000 18.60386 ? 36  ALA A CA  1 
ATOM   271 C C   . ALA A 1 36  ? 5.03401   -5.70842  -8.77263  1.000 18.65110 ? 36  ALA A C   1 
ATOM   272 O O   . ALA A 1 36  ? 4.83956   -5.64246  -9.99211  1.000 19.10483 ? 36  ALA A O   1 
ATOM   273 C CB  . ALA A 1 36  ? 3.95211   -7.53006  -7.42179  1.000 14.75781 ? 36  ALA A CB  1 
ATOM   274 N N   . LEU A 1 37  ? 5.08040   -4.61970  -8.00207  1.000 17.08587 ? 37  LEU A N   1 
ATOM   275 C CA  . LEU A 1 37  ? 4.94753   -3.29425  -8.59604  1.000 18.48797 ? 37  LEU A CA  1 
ATOM   276 C C   . LEU A 1 37  ? 6.18835   -2.90723  -9.38971  1.000 17.94528 ? 37  LEU A C   1 
ATOM   277 O O   . LEU A 1 37  ? 6.07645   -2.22767  -10.41660 1.000 17.47647 ? 37  LEU A O   1 
ATOM   278 C CB  . LEU A 1 37  ? 4.66722   -2.25763  -7.50915  1.000 17.47244 ? 37  LEU A CB  1 
ATOM   279 C CG  . LEU A 1 37  ? 3.32651   -2.39755  -6.78814  1.000 19.28814 ? 37  LEU A CG  1 
ATOM   280 C CD1 . LEU A 1 37  ? 3.31883   -1.56777  -5.51871  1.000 15.22695 ? 37  LEU A CD1 1 
ATOM   281 C CD2 . LEU A 1 37  ? 2.18304   -1.98815  -7.70693  1.000 17.52967 ? 37  LEU A CD2 1 
ATOM   282 N N   . ASN A 1 38  ? 7.37252   -3.33330  -8.93962  1.000 16.98968 ? 38  ASN A N   1 
ATOM   283 C CA  . ASN A 1 38  ? 8.60382   -2.99832  -9.64717  1.000 16.87952 ? 38  ASN A CA  1 
ATOM   284 C C   . ASN A 1 38  ? 8.65115   -3.59694  -11.04586 1.000 17.86603 ? 38  ASN A C   1 
ATOM   285 O O   . ASN A 1 38  ? 9.43181   -3.12641  -11.88010 1.000 18.54506 ? 38  ASN A O   1 
ATOM   286 C CB  . ASN A 1 38  ? 9.82402   -3.45986  -8.84660  1.000 17.10661 ? 38  ASN A CB  1 
ATOM   287 C CG  . ASN A 1 38  ? 10.02737  -2.65835  -7.57455  1.000 17.43387 ? 38  ASN A CG  1 
ATOM   288 O OD1 . ASN A 1 38  ? 9.39464   -1.62121  -7.37006  1.000 18.04269 ? 38  ASN A OD1 1 
ATOM   289 N ND2 . ASN A 1 38  ? 10.92338  -3.13146  -6.71548  1.000 17.08401 ? 38  ASN A ND2 1 
ATOM   290 N N   . GLN A 1 39  ? 7.84217   -4.62380  -11.32190 1.000 19.93564 ? 39  GLN A N   1 
ATOM   291 C CA  . GLN A 1 39  ? 7.77195   -5.16529  -12.67399 1.000 23.99081 ? 39  GLN A CA  1 
ATOM   292 C C   . GLN A 1 39  ? 7.23618   -4.14745  -13.67080 1.000 22.83473 ? 39  GLN A C   1 
ATOM   293 O O   . GLN A 1 39  ? 7.51889   -4.25928  -14.86893 1.000 22.45124 ? 39  GLN A O   1 
ATOM   294 C CB  . GLN A 1 39  ? 6.88755   -6.41416  -12.70859 1.000 22.40813 ? 39  GLN A CB  1 
ATOM   295 C CG  . GLN A 1 39  ? 7.36998   -7.56817  -11.84955 1.000 24.32242 ? 39  GLN A CG  1 
ATOM   296 C CD  . GLN A 1 39  ? 6.50221   -8.80282  -12.00999 1.000 29.43733 ? 39  GLN A CD  1 
ATOM   297 O OE1 . GLN A 1 39  ? 5.68063   -8.88227  -12.92593 1.000 29.19151 ? 39  GLN A OE1 1 
ATOM   298 N NE2 . GLN A 1 39  ? 6.67954   -9.77396  -11.11908 1.000 27.67165 ? 39  GLN A NE2 1 
ATOM   299 N N   . PHE A 1 40  ? 6.47604   -3.16101  -13.20686 1.000 19.84604 ? 40  PHE A N   1 
ATOM   300 C CA  . PHE A 1 40  ? 5.80552   -2.21581  -14.08931 1.000 22.91895 ? 40  PHE A CA  1 
ATOM   301 C C   . PHE A 1 40  ? 6.16210   -0.76460  -13.81511 1.000 20.75305 ? 40  PHE A C   1 
ATOM   302 O O   . PHE A 1 40  ? 6.31020   0.01116   -14.76136 1.000 20.47134 ? 40  PHE A O   1 
ATOM   303 C CB  . PHE A 1 40  ? 4.28275   -2.39257  -13.98398 1.000 22.51893 ? 40  PHE A CB  1 
ATOM   304 C CG  . PHE A 1 40  ? 3.82338   -3.81143  -14.16857 1.000 21.85763 ? 40  PHE A CG  1 
ATOM   305 C CD1 . PHE A 1 40  ? 3.62083   -4.32961  -15.43742 1.000 20.11167 ? 40  PHE A CD1 1 
ATOM   306 C CD2 . PHE A 1 40  ? 3.59083   -4.62660  -13.07239 1.000 20.40639 ? 40  PHE A CD2 1 
ATOM   307 C CE1 . PHE A 1 40  ? 3.19797   -5.63550  -15.60997 1.000 19.73724 ? 40  PHE A CE1 1 
ATOM   308 C CE2 . PHE A 1 40  ? 3.16712   -5.93449  -13.23951 1.000 21.24979 ? 40  PHE A CE2 1 
ATOM   309 C CZ  . PHE A 1 40  ? 2.97221   -6.43785  -14.50979 1.000 18.60134 ? 40  PHE A CZ  1 
ATOM   310 N N   . ILE A 1 41  ? 6.30459   -0.37132  -12.54843 1.000 20.30267 ? 41  ILE A N   1 
ATOM   311 C CA  . ILE A 1 41  ? 6.51705   1.03063   -12.19935 1.000 19.74881 ? 41  ILE A CA  1 
ATOM   312 C C   . ILE A 1 41  ? 7.62439   1.16464   -11.16123 1.000 21.66025 ? 41  ILE A C   1 
ATOM   313 O O   . ILE A 1 41  ? 7.47593   1.89679   -10.17465 1.000 19.68879 ? 41  ILE A O   1 
ATOM   314 C CB  . ILE A 1 41  ? 5.21593   1.67701   -11.68544 1.000 19.50030 ? 41  ILE A CB  1 
ATOM   315 C CG1 . ILE A 1 41  ? 4.60368   0.83185   -10.56397 1.000 17.68291 ? 41  ILE A CG1 1 
ATOM   316 C CG2 . ILE A 1 41  ? 4.22386   1.86942   -12.82300 1.000 19.20885 ? 41  ILE A CG2 1 
ATOM   317 C CD1 . ILE A 1 41  ? 3.50413   1.53401   -9.79802  1.000 19.78012 ? 41  ILE A CD1 1 
ATOM   318 N N   . ALA A 1 42  ? 8.74321   0.47425   -11.38148 1.000 18.88286 ? 42  ALA A N   1 
ATOM   319 C CA  . ALA A 1 42  ? 9.86156   0.53863   -10.44737 1.000 20.49533 ? 42  ALA A CA  1 
ATOM   320 C C   . ALA A 1 42  ? 10.30919  1.98052   -10.23928 1.000 18.02405 ? 42  ALA A C   1 
ATOM   321 O O   . ALA A 1 42  ? 10.53635  2.71919   -11.20163 1.000 15.83572 ? 42  ALA A O   1 
ATOM   322 C CB  . ALA A 1 42  ? 11.02781  -0.30759  -10.95774 1.000 16.60906 ? 42  ALA A CB  1 
ATOM   323 N N   . GLY A 1 43  ? 10.42195  2.37902   -8.97313  1.000 17.79508 ? 43  GLY A N   1 
ATOM   324 C CA  . GLY A 1 43  ? 10.84405  3.72386   -8.63502  1.000 17.27633 ? 43  GLY A CA  1 
ATOM   325 C C   . GLY A 1 43  ? 9.82266   4.80819   -8.89104  1.000 18.68057 ? 43  GLY A C   1 
ATOM   326 O O   . GLY A 1 43  ? 10.18933  5.98439   -8.94390  1.000 18.68696 ? 43  GLY A O   1 
ATOM   327 N N   . LYS A 1 44  ? 8.54735   4.45341   -9.04278  1.000 19.65161 ? 44  LYS A N   1 
ATOM   328 C CA  . LYS A 1 44  ? 7.49469   5.40864   -9.37464  1.000 20.09229 ? 44  LYS A CA  1 
ATOM   329 C C   . LYS A 1 44  ? 6.28224   5.23564   -8.47087  1.000 24.13334 ? 44  LYS A C   1 
ATOM   330 O O   . LYS A 1 44  ? 5.13768   5.28395   -8.93333  1.000 28.32479 ? 44  LYS A O   1 
ATOM   331 C CB  . LYS A 1 44  ? 7.05467   5.27256   -10.83107 1.000 22.25399 ? 44  LYS A CB  1 
ATOM   332 C CG  . LYS A 1 44  ? 8.12915   5.44559   -11.88133 1.000 22.71817 ? 44  LYS A CG  1 
ATOM   333 C CD  . LYS A 1 44  ? 7.49669   5.31362   -13.25898 1.000 24.22443 ? 44  LYS A CD  1 
ATOM   334 C CE  . LYS A 1 44  ? 8.52650   5.30639   -14.36370 1.000 29.82752 ? 44  LYS A CE  1 
ATOM   335 N NZ  . LYS A 1 44  ? 7.88319   5.11290   -15.69248 1.000 36.03101 ? 44  LYS A NZ  1 
ATOM   336 N N   . TYR A 1 45  ? 6.49566   5.02796   -7.17372  1.000 22.43129 ? 45  TYR A N   1 
ATOM   337 C CA  . TYR A 1 45  ? 5.36454   4.93439   -6.25928  1.000 21.79015 ? 45  TYR A CA  1 
ATOM   338 C C   . TYR A 1 45  ? 5.84751   5.14211   -4.83317  1.000 21.58048 ? 45  TYR A C   1 
ATOM   339 O O   . TYR A 1 45  ? 7.01630   4.91417   -4.51126  1.000 20.10232 ? 45  TYR A O   1 
ATOM   340 C CB  . TYR A 1 45  ? 4.62536   3.59614   -6.39492  1.000 18.19676 ? 45  TYR A CB  1 
ATOM   341 C CG  . TYR A 1 45  ? 5.44168   2.37091   -6.05499  1.000 18.91733 ? 45  TYR A CG  1 
ATOM   342 C CD1 . TYR A 1 45  ? 6.24678   1.76153   -7.00752  1.000 16.36848 ? 45  TYR A CD1 1 
ATOM   343 C CD2 . TYR A 1 45  ? 5.38870   1.80971   -4.78571  1.000 19.82804 ? 45  TYR A CD2 1 
ATOM   344 C CE1 . TYR A 1 45  ? 6.98659   0.63675   -6.70215  1.000 17.75268 ? 45  TYR A CE1 1 
ATOM   345 C CE2 . TYR A 1 45  ? 6.12251   0.68387   -4.47259  1.000 19.90897 ? 45  TYR A CE2 1 
ATOM   346 C CZ  . TYR A 1 45  ? 6.92019   0.10261   -5.43296  1.000 18.28981 ? 45  TYR A CZ  1 
ATOM   347 O OH  . TYR A 1 45  ? 7.65196   -1.01794  -5.11869  1.000 20.16301 ? 45  TYR A OH  1 
ATOM   348 N N   . THR A 1 46  ? 4.92016   5.57570   -3.98332  1.000 21.30683 ? 46  THR A N   1 
ATOM   349 C CA  . THR A 1 46  ? 5.22268   5.90925   -2.60021  1.000 20.62933 ? 46  THR A CA  1 
ATOM   350 C C   . THR A 1 46  ? 5.19325   4.66560   -1.72231  1.000 19.25503 ? 46  THR A C   1 
ATOM   351 O O   . THR A 1 46  ? 4.28021   3.84089   -1.82004  1.000 17.89300 ? 46  THR A O   1 
ATOM   352 C CB  . THR A 1 46  ? 4.22250   6.93543   -2.06541  1.000 20.82819 ? 46  THR A CB  1 
ATOM   353 O OG1 . THR A 1 46  ? 4.16665   8.05866   -2.95380  1.000 21.73480 ? 46  THR A OG1 1 
ATOM   354 C CG2 . THR A 1 46  ? 4.63562   7.40889   -0.67759  1.000 20.48284 ? 46  THR A CG2 1 
ATOM   355 N N   . VAL A 1 47  ? 6.20136   4.53990   -0.86364  1.000 17.63032 ? 47  VAL A N   1 
ATOM   356 C CA  . VAL A 1 47  ? 6.23402   3.53238   0.18901   1.000 17.85478 ? 47  VAL A CA  1 
ATOM   357 C C   . VAL A 1 47  ? 6.37868   4.26150   1.51694   1.000 18.03018 ? 47  VAL A C   1 
ATOM   358 O O   . VAL A 1 47  ? 7.32019   5.04340   1.70287   1.000 16.90839 ? 47  VAL A O   1 
ATOM   359 C CB  . VAL A 1 47  ? 7.37766   2.52375   -0.00760  1.000 20.22294 ? 47  VAL A CB  1 
ATOM   360 C CG1 . VAL A 1 47  ? 7.41288   1.52960   1.15002   1.000 14.86795 ? 47  VAL A CG1 1 
ATOM   361 C CG2 . VAL A 1 47  ? 7.22889   1.79927   -1.33609  1.000 17.91209 ? 47  VAL A CG2 1 
ATOM   362 N N   . VAL A 1 48  ? 5.44970   4.01379   2.43338   1.000 16.74864 ? 48  VAL A N   1 
ATOM   363 C CA  . VAL A 1 48  ? 5.51010   4.55854   3.78429   1.000 18.03449 ? 48  VAL A CA  1 
ATOM   364 C C   . VAL A 1 48  ? 5.91058   3.42205   4.71359   1.000 17.74328 ? 48  VAL A C   1 
ATOM   365 O O   . VAL A 1 48  ? 5.09999   2.53522   5.00840   1.000 18.60382 ? 48  VAL A O   1 
ATOM   366 C CB  . VAL A 1 48  ? 4.17693   5.18439   4.21578   1.000 17.52864 ? 48  VAL A CB  1 
ATOM   367 C CG1 . VAL A 1 48  ? 4.31794   5.82705   5.58611   1.000 15.79869 ? 48  VAL A CG1 1 
ATOM   368 C CG2 . VAL A 1 48  ? 3.70960   6.20344   3.18973   1.000 18.16997 ? 48  VAL A CG2 1 
ATOM   369 N N   . GLU A 1 49  ? 7.16169   3.43730   5.16708   1.000 18.44346 ? 49  GLU A N   1 
ATOM   370 C CA  . GLU A 1 49  ? 7.63656   2.43915   6.11466   1.000 17.70770 ? 49  GLU A CA  1 
ATOM   371 C C   . GLU A 1 49  ? 7.22151   2.82938   7.52733   1.000 19.48300 ? 49  GLU A C   1 
ATOM   372 O O   . GLU A 1 49  ? 7.26179   4.00580   7.89830   1.000 19.80093 ? 49  GLU A O   1 
ATOM   373 C CB  . GLU A 1 49  ? 9.15663   2.29295   6.02359   1.000 17.08700 ? 49  GLU A CB  1 
ATOM   374 C CG  . GLU A 1 49  ? 9.69029   2.07007   4.60596   1.000 16.72622 ? 49  GLU A CG  1 
ATOM   375 C CD  . GLU A 1 49  ? 9.41432   0.67290   4.05940   1.000 20.65492 ? 49  GLU A CD  1 
ATOM   376 O OE1 . GLU A 1 49  ? 8.68564   -0.10415  4.71004   1.000 17.33909 ? 49  GLU A OE1 1 
ATOM   377 O OE2 . GLU A 1 49  ? 9.93514   0.34840   2.96968   1.000 20.60443 ? 49  GLU A OE2 1 
ATOM   378 N N   . LEU A 1 50  ? 6.82051   1.83406   8.31981   1.000 18.38515 ? 50  LEU A N   1 
ATOM   379 C CA  . LEU A 1 50  ? 6.16756   2.09574   9.59456   1.000 20.97095 ? 50  LEU A CA  1 
ATOM   380 C C   . LEU A 1 50  ? 6.98475   1.71272   10.82046  1.000 22.74948 ? 50  LEU A C   1 
ATOM   381 O O   . LEU A 1 50  ? 6.63347   2.14321   11.92400  1.000 22.14491 ? 50  LEU A O   1 
ATOM   382 C CB  . LEU A 1 50  ? 4.81637   1.36525   9.65511   1.000 20.23275 ? 50  LEU A CB  1 
ATOM   383 C CG  . LEU A 1 50  ? 3.78146   1.77259   8.60404   1.000 20.02395 ? 50  LEU A CG  1 
ATOM   384 C CD1 . LEU A 1 50  ? 2.46005   1.06628   8.85151   1.000 19.80054 ? 50  LEU A CD1 1 
ATOM   385 C CD2 . LEU A 1 50  ? 3.59429   3.28456   8.58836   1.000 19.02540 ? 50  LEU A CD2 1 
ATOM   386 N N   . GLU A 1 51  ? 8.05651   0.92725   10.67137  1.000 22.20548 ? 51  GLU A N   1 
ATOM   387 C CA  . GLU A 1 51  ? 8.73598   0.39135   11.84818  1.000 22.46565 ? 51  GLU A CA  1 
ATOM   388 C C   . GLU A 1 51  ? 9.38181   1.47605   12.70309  1.000 25.59069 ? 51  GLU A C   1 
ATOM   389 O O   . GLU A 1 51  ? 9.58607   1.25947   13.90203  1.000 28.47732 ? 51  GLU A O   1 
ATOM   390 C CB  . GLU A 1 51  ? 9.78920   -0.64444  11.43995  1.000 21.63877 ? 51  GLU A CB  1 
ATOM   391 C CG  . GLU A 1 51  ? 11.03133  -0.07535  10.77324  1.000 22.87852 ? 51  GLU A CG  1 
ATOM   392 C CD  . GLU A 1 51  ? 10.84511  0.16156   9.28828   1.000 22.89184 ? 51  GLU A CD  1 
ATOM   393 O OE1 . GLU A 1 51  ? 9.74334   -0.11895  8.77132   1.000 20.40489 ? 51  GLU A OE1 1 
ATOM   394 O OE2 . GLU A 1 51  ? 11.80445  0.62590   8.63763   1.000 23.12062 ? 51  GLU A OE2 1 
ATOM   395 N N   . ASN A 1 52  ? 9.69888   2.63286   12.12726  1.000 24.85979 ? 52  ASN A N   1 
ATOM   396 C CA  . ASN A 1 52  ? 10.30515  3.72652   12.87289  1.000 26.67138 ? 52  ASN A CA  1 
ATOM   397 C C   . ASN A 1 52  ? 9.32131   4.84493   13.19103  1.000 26.86106 ? 52  ASN A C   1 
ATOM   398 O O   . ASN A 1 52  ? 9.71916   5.85241   13.78466  1.000 25.75529 ? 52  ASN A O   1 
ATOM   399 C CB  . ASN A 1 52  ? 11.50610  4.28618   12.10328  1.000 25.23905 ? 52  ASN A CB  1 
ATOM   400 C CG  . ASN A 1 52  ? 12.66487  3.30667   12.04501  1.000 27.95943 ? 52  ASN A CG  1 
ATOM   401 O OD1 . ASN A 1 52  ? 12.89323  2.54532   12.98421  1.000 26.49713 ? 52  ASN A OD1 1 
ATOM   402 N ND2 . ASN A 1 52  ? 13.40079  3.32053   10.93935  1.000 25.76621 ? 52  ASN A ND2 1 
ATOM   403 N N   . ARG A 1 53  ? 8.05420   4.69318   12.81335  1.000 25.27049 ? 53  ARG A N   1 
ATOM   404 C CA  . ARG A 1 53  ? 7.02983   5.66511   13.16601  1.000 24.70768 ? 53  ARG A CA  1 
ATOM   405 C C   . ARG A 1 53  ? 6.64136   5.49284   14.62845  1.000 28.00565 ? 53  ARG A C   1 
ATOM   406 O O   . ARG A 1 53  ? 6.28394   4.39172   15.05712  1.000 28.86225 ? 53  ARG A O   1 
ATOM   407 C CB  . ARG A 1 53  ? 5.80341   5.49712   12.26778  1.000 23.38694 ? 53  ARG A CB  1 
ATOM   408 C CG  . ARG A 1 53  ? 6.00169   5.96853   10.83361  1.000 23.21795 ? 53  ARG A CG  1 
ATOM   409 C CD  . ARG A 1 53  ? 5.88518   7.48273   10.72874  1.000 22.45689 ? 53  ARG A CD  1 
ATOM   410 N NE  . ARG A 1 53  ? 4.53148   7.94486   11.02409  1.000 22.98524 ? 53  ARG A NE  1 
ATOM   411 C CZ  . ARG A 1 53  ? 3.61651   8.22116   10.09968  1.000 24.13230 ? 53  ARG A CZ  1 
ATOM   412 N NH1 . ARG A 1 53  ? 3.90914   8.08745   8.81279   1.000 23.81655 ? 53  ARG A NH1 1 
ATOM   413 N NH2 . ARG A 1 53  ? 2.40972   8.63656   10.46054  1.000 22.09476 ? 53  ARG A NH2 1 
ATOM   414 N N   . ALA A 1 54  ? 6.71266   6.58315   15.39667  1.000 28.77517 ? 54  ALA A N   1 
ATOM   415 C CA  . ALA A 1 54  ? 6.29510   6.52793   16.79318  1.000 31.63723 ? 54  ALA A CA  1 
ATOM   416 C C   . ALA A 1 54  ? 4.80212   6.26383   16.93338  1.000 31.83628 ? 54  ALA A C   1 
ATOM   417 O O   . ALA A 1 54  ? 4.34851   5.88053   18.01658  1.000 34.08324 ? 54  ALA A O   1 
ATOM   418 C CB  . ALA A 1 54  ? 6.66748   7.82798   17.50789  1.000 34.12296 ? 54  ALA A CB  1 
ATOM   419 N N   . ASP A 1 55  ? 4.03493   6.45830   15.86665  1.000 30.47672 ? 55  ASP A N   1 
ATOM   420 C CA  . ASP A 1 55  ? 2.60014   6.20875   15.87423  1.000 31.19710 ? 55  ASP A CA  1 
ATOM   421 C C   . ASP A 1 55  ? 2.27377   4.97328   15.04213  1.000 27.68195 ? 55  ASP A C   1 
ATOM   422 O O   . ASP A 1 55  ? 1.19711   4.87894   14.45377  1.000 27.32299 ? 55  ASP A O   1 
ATOM   423 C CB  . ASP A 1 55  ? 1.84830   7.42334   15.32780  1.000 29.85576 ? 55  ASP A CB  1 
ATOM   424 C CG  . ASP A 1 55  ? 2.24513   7.75400   13.90072  1.000 27.88806 ? 55  ASP A CG  1 
ATOM   425 O OD1 . ASP A 1 55  ? 3.36454   7.37503   13.49669  1.000 26.92752 ? 55  ASP A OD1 1 
ATOM   426 O OD2 . ASP A 1 55  ? 1.44333   8.38755   13.18186  1.000 29.67407 ? 55  ASP A OD2 1 
HETATM 427 N N   . CSO A 1 56  ? 3.21079   4.03155   14.99878  1.000 26.91481 ? 56  CSO A N   1 
HETATM 428 C CA  . CSO A 1 56  ? 3.11111   2.88315   14.10475  1.000 29.85260 ? 56  CSO A CA  1 
HETATM 429 C CB  . CSO A 1 56  ? 4.39326   2.04830   14.17616  1.000 29.46431 ? 56  CSO A CB  1 
HETATM 430 S SG  . CSO A 1 56  ? 4.04883   0.27825   14.09654  1.000 39.48377 ? 56  CSO A SG  1 
HETATM 431 C C   . CSO A 1 56  ? 1.89166   2.02350   14.43368  1.000 29.54519 ? 56  CSO A C   1 
HETATM 432 O O   . CSO A 1 56  ? 1.22515   1.50921   13.53393  1.000 29.51684 ? 56  CSO A O   1 
HETATM 433 O OD  . CSO A 1 56  ? 5.36275   -0.57000  13.25009  1.000 29.16264 ? 56  CSO A OD  1 
ATOM   434 N N   . ASP A 1 57  ? 1.59703   1.88436   15.72345  1.000 30.41452 ? 57  ASP A N   1 
ATOM   435 C CA  . ASP A 1 57  ? 0.43950   1.11251   16.16633  1.000 32.63988 ? 57  ASP A CA  1 
ATOM   436 C C   . ASP A 1 57  ? -0.85966  1.77031   15.71569  1.000 32.82120 ? 57  ASP A C   1 
ATOM   437 O O   . ASP A 1 57  ? -1.78033  1.09444   15.25431  1.000 33.16153 ? 57  ASP A O   1 
ATOM   438 C CB  . ASP A 1 57  ? 0.44475   0.94968   17.68822  1.000 32.50234 ? 57  ASP A CB  1 
ATOM   439 C CG  . ASP A 1 57  ? 1.56615   0.05269   18.17560  1.000 35.16328 ? 57  ASP A CG  1 
ATOM   440 O OD1 . ASP A 1 57  ? 2.05553   -0.77695  17.37977  1.000 34.58953 ? 57  ASP A OD1 1 
ATOM   441 O OD2 . ASP A 1 57  ? 1.95434   0.17332   19.35697  1.000 37.16579 ? 57  ASP A OD2 1 
ATOM   442 N N   . ALA A 1 58  ? -0.92854  3.09658   15.85485  1.000 30.57063 ? 58  ALA A N   1 
ATOM   443 C CA  . ALA A 1 58  ? -2.10832  3.82229   15.39821  1.000 31.08122 ? 58  ALA A CA  1 
ATOM   444 C C   . ALA A 1 58  ? -2.24691  3.76866   13.88262  1.000 29.65497 ? 58  ALA A C   1 
ATOM   445 O O   . ALA A 1 58  ? -3.36943  3.73376   13.36540  1.000 30.39821 ? 58  ALA A O   1 
ATOM   446 C CB  . ALA A 1 58  ? -2.05428  5.27305   15.87757  1.000 33.60878 ? 58  ALA A CB  1 
ATOM   447 N N   . MET A 1 59  ? -1.12597  3.75769   13.15727  1.000 27.84716 ? 59  MET A N   1 
ATOM   448 C CA  . MET A 1 59  ? -1.19119  3.66283   11.70240  1.000 28.09038 ? 59  MET A CA  1 
ATOM   449 C C   . MET A 1 59  ? -1.71649  2.30245   11.26237  1.000 28.82865 ? 59  MET A C   1 
ATOM   450 O O   . MET A 1 59  ? -2.50183  2.21236   10.31149  1.000 26.17561 ? 59  MET A O   1 
ATOM   451 C CB  . MET A 1 59  ? 0.18498   3.93490   11.09588  1.000 23.34444 ? 59  MET A CB  1 
ATOM   452 C CG  . MET A 1 59  ? 0.64152   5.37805   11.23261  1.000 26.91911 ? 59  MET A CG  1 
ATOM   453 S SD  . MET A 1 59  ? -0.31100  6.51024   10.19764  1.000 24.95399 ? 59  MET A SD  1 
ATOM   454 C CE  . MET A 1 59  ? 0.31519   6.08269   8.57608   1.000 20.88710 ? 59  MET A CE  1 
ATOM   455 N N   . GLN A 1 60  ? -1.29889  1.23227   11.94292  1.000 28.66991 ? 60  GLN A N   1 
ATOM   456 C CA  . GLN A 1 60  ? -1.83060  -0.08755  11.62326  1.000 29.03811 ? 60  GLN A CA  1 
ATOM   457 C C   . GLN A 1 60  ? -3.26274  -0.24508  12.11721  1.000 30.20953 ? 60  GLN A C   1 
ATOM   458 O O   . GLN A 1 60  ? -4.06694  -0.92393  11.46815  1.000 27.68853 ? 60  GLN A O   1 
ATOM   459 C CB  . GLN A 1 60  ? -0.93185  -1.17553  12.20936  1.000 29.07816 ? 60  GLN A CB  1 
ATOM   460 C CG  . GLN A 1 60  ? 0.47797   -1.17798  11.63434  1.000 28.35185 ? 60  GLN A CG  1 
ATOM   461 C CD  . GLN A 1 60  ? 1.27190   -2.40624  12.03476  1.000 27.79067 ? 60  GLN A CD  1 
ATOM   462 O OE1 . GLN A 1 60  ? 2.18264   -2.33033  12.85933  1.000 26.41973 ? 60  GLN A OE1 1 
ATOM   463 N NE2 . GLN A 1 60  ? 0.93212   -3.54713  11.44618  1.000 24.92631 ? 60  GLN A NE2 1 
ATOM   464 N N   . ASP A 1 61  ? -3.59932  0.36819   13.25692  1.000 29.57213 ? 61  ASP A N   1 
ATOM   465 C CA  . ASP A 1 61  ? -4.99727  0.43325   13.67132  1.000 29.60048 ? 61  ASP A CA  1 
ATOM   466 C C   . ASP A 1 61  ? -5.83982  1.14356   12.62118  1.000 31.59888 ? 61  ASP A C   1 
ATOM   467 O O   . ASP A 1 61  ? -6.96094  0.71733   12.31851  1.000 31.81395 ? 61  ASP A O   1 
ATOM   468 C CB  . ASP A 1 61  ? -5.12127  1.14459   15.01968  1.000 30.56210 ? 61  ASP A CB  1 
ATOM   469 C CG  . ASP A 1 61  ? -4.66027  0.28730   16.18124  1.000 33.91373 ? 61  ASP A CG  1 
ATOM   470 O OD1 . ASP A 1 61  ? -4.30836  -0.89051  15.95567  1.000 36.60485 ? 61  ASP A OD1 1 
ATOM   471 O OD2 . ASP A 1 61  ? -4.65198  0.79394   17.32418  1.000 34.90722 ? 61  ASP A OD2 1 
ATOM   472 N N   . ALA A 1 62  ? -5.31136  2.23149   12.05367  1.000 29.47756 ? 62  ALA A N   1 
ATOM   473 C CA  . ALA A 1 62  ? -6.02046  2.93837   10.99300  1.000 28.21604 ? 62  ALA A CA  1 
ATOM   474 C C   . ALA A 1 62  ? -6.16426  2.06781   9.75152   1.000 26.44942 ? 62  ALA A C   1 
ATOM   475 O O   . ALA A 1 62  ? -7.22290  2.05527   9.11345   1.000 29.16492 ? 62  ALA A O   1 
ATOM   476 C CB  . ALA A 1 62  ? -5.29383  4.24035   10.65599  1.000 29.15996 ? 62  ALA A CB  1 
ATOM   477 N N   . LEU A 1 63  ? -5.10777  1.33227   9.39266   1.000 27.49125 ? 63  LEU A N   1 
ATOM   478 C CA  . LEU A 1 63  ? -5.19019  0.42008   8.25569   1.000 29.09189 ? 63  LEU A CA  1 
ATOM   479 C C   . LEU A 1 63  ? -6.24555  -0.65672  8.47546   1.000 28.79802 ? 63  LEU A C   1 
ATOM   480 O O   . LEU A 1 63  ? -6.87444  -1.11510  7.51431   1.000 29.77535 ? 63  LEU A O   1 
ATOM   481 C CB  . LEU A 1 63  ? -3.82470  -0.21779  7.99324   1.000 24.00534 ? 63  LEU A CB  1 
ATOM   482 C CG  . LEU A 1 63  ? -2.72982  0.69830   7.43835   1.000 26.75254 ? 63  LEU A CG  1 
ATOM   483 C CD1 . LEU A 1 63  ? -1.37154  0.02152   7.51692   1.000 23.18324 ? 63  LEU A CD1 1 
ATOM   484 C CD2 . LEU A 1 63  ? -3.04081  1.10963   6.00428   1.000 23.62408 ? 63  LEU A CD2 1 
ATOM   485 N N   . LEU A 1 64  ? -6.45549  -1.07049  9.72658   1.000 29.26101 ? 64  LEU A N   1 
ATOM   486 C CA  . LEU A 1 64  ? -7.49862  -2.04819  10.01987  1.000 29.88213 ? 64  LEU A CA  1 
ATOM   487 C C   . LEU A 1 64  ? -8.88176  -1.47580  9.73136   1.000 30.78805 ? 64  LEU A C   1 
ATOM   488 O O   . LEU A 1 64  ? -9.71072  -2.12401  9.08227   1.000 33.44991 ? 64  LEU A O   1 
ATOM   489 C CB  . LEU A 1 64  ? -7.39245  -2.50270  11.47631  1.000 30.27964 ? 64  LEU A CB  1 
ATOM   490 C CG  . LEU A 1 64  ? -8.46764  -3.45691  11.99983  1.000 31.14855 ? 64  LEU A CG  1 
ATOM   491 C CD1 . LEU A 1 64  ? -8.46844  -4.75948  11.21626  1.000 30.36426 ? 64  LEU A CD1 1 
ATOM   492 C CD2 . LEU A 1 64  ? -8.26164  -3.72401  13.48198  1.000 31.87866 ? 64  LEU A CD2 1 
ATOM   493 N N   . ASP A 1 65  ? -9.14743  -0.25534  10.20320  1.000 29.31931 ? 65  ASP A N   1 
ATOM   494 C CA  . ASP A 1 65  ? -10.44720 0.36357   9.96294   1.000 33.75031 ? 65  ASP A CA  1 
ATOM   495 C C   . ASP A 1 65  ? -10.67976 0.64142   8.48211   1.000 32.08630 ? 65  ASP A C   1 
ATOM   496 O O   . ASP A 1 65  ? -11.82203 0.58091   8.01396   1.000 33.26604 ? 65  ASP A O   1 
ATOM   497 C CB  . ASP A 1 65  ? -10.56889 1.66064   10.76422  1.000 35.26254 ? 65  ASP A CB  1 
ATOM   498 C CG  . ASP A 1 65  ? -10.43833 1.44019   12.25947  1.000 42.62777 ? 65  ASP A CG  1 
ATOM   499 O OD1 . ASP A 1 65  ? -10.25583 0.27712   12.67987  1.000 44.35505 ? 65  ASP A OD1 1 
ATOM   500 O OD2 . ASP A 1 65  ? -10.51907 2.43219   13.01606  1.000 44.26237 ? 65  ASP A OD2 1 
ATOM   501 N N   . ILE A 1 66  ? -9.61849  0.93493   7.73121   1.000 28.77412 ? 66  ILE A N   1 
ATOM   502 C CA  . ILE A 1 66  ? -9.77836  1.32309   6.33404   1.000 27.37149 ? 66  ILE A CA  1 
ATOM   503 C C   . ILE A 1 66  ? -9.85991  0.10037   5.42518   1.000 29.21428 ? 66  ILE A C   1 
ATOM   504 O O   . ILE A 1 66  ? -10.65787 0.07026   4.48207   1.000 31.89825 ? 66  ILE A O   1 
ATOM   505 C CB  . ILE A 1 66  ? -8.63267  2.26549   5.92084   1.000 29.42809 ? 66  ILE A CB  1 
ATOM   506 C CG1 . ILE A 1 66  ? -8.69141  3.56227   6.73311   1.000 28.15785 ? 66  ILE A CG1 1 
ATOM   507 C CG2 . ILE A 1 66  ? -8.69199  2.56850   4.43150   1.000 25.39139 ? 66  ILE A CG2 1 
ATOM   508 C CD1 . ILE A 1 66  ? -7.48787  4.45353   6.54559   1.000 22.90145 ? 66  ILE A CD1 1 
ATOM   509 N N   . THR A 1 67  ? -9.05090  -0.92772  5.68881   1.000 26.60685 ? 67  THR A N   1 
ATOM   510 C CA  . THR A 1 67  ? -8.92182  -2.05474  4.77452   1.000 29.36078 ? 67  THR A CA  1 
ATOM   511 C C   . THR A 1 67  ? -9.48227  -3.36313  5.31184   1.000 31.23375 ? 67  THR A C   1 
ATOM   512 O O   . THR A 1 67  ? -9.64558  -4.30798  4.53147   1.000 30.54717 ? 67  THR A O   1 
ATOM   513 C CB  . THR A 1 67  ? -7.44735  -2.27894  4.40572   1.000 27.73275 ? 67  THR A CB  1 
ATOM   514 O OG1 . THR A 1 67  ? -6.77926  -2.93933  5.48868   1.000 24.82366 ? 67  THR A OG1 1 
ATOM   515 C CG2 . THR A 1 67  ? -6.76121  -0.95440  4.12650   1.000 24.66741 ? 67  THR A CG2 1 
ATOM   516 N N   . GLY A 1 68  ? -9.76862  -3.45435  6.60959   1.000 30.44273 ? 68  GLY A N   1 
ATOM   517 C CA  . GLY A 1 68  ? -10.18418 -4.70089  7.21405   1.000 27.61356 ? 68  GLY A CA  1 
ATOM   518 C C   . GLY A 1 68  ? -9.06592  -5.50988  7.83590   1.000 28.61473 ? 68  GLY A C   1 
ATOM   519 O O   . GLY A 1 68  ? -9.34849  -6.47306  8.55945   1.000 31.67695 ? 68  GLY A O   1 
ATOM   520 N N   . GLY A 1 69  ? -7.80866  -5.15475  7.57369   1.000 31.04598 ? 69  GLY A N   1 
ATOM   521 C CA  . GLY A 1 69  ? -6.68479  -5.82190  8.19603   1.000 28.65964 ? 69  GLY A CA  1 
ATOM   522 C C   . GLY A 1 69  ? -5.61542  -4.81175  8.56011   1.000 29.76238 ? 69  GLY A C   1 
ATOM   523 O O   . GLY A 1 69  ? -5.52072  -3.73448  7.96693   1.000 29.83675 ? 69  GLY A O   1 
ATOM   524 N N   . ARG A 1 70  ? -4.80530  -5.17551  9.55377   1.000 29.90855 ? 70  ARG A N   1 
ATOM   525 C CA  . ARG A 1 70  ? -3.80507  -4.26439  10.09497  1.000 31.71106 ? 70  ARG A CA  1 
ATOM   526 C C   . ARG A 1 70  ? -2.37347  -4.65412  9.75126   1.000 30.63690 ? 70  ARG A C   1 
ATOM   527 O O   . ARG A 1 70  ? -1.44922  -3.90212  10.07911  1.000 28.54353 ? 70  ARG A O   1 
ATOM   528 C CB  . ARG A 1 70  ? -3.95701  -4.15532  11.61757  1.000 29.73592 ? 70  ARG A CB  1 
ATOM   529 C CG  . ARG A 1 70  ? -3.31682  -5.28526  12.39976  1.000 31.16286 ? 70  ARG A CG  1 
ATOM   530 C CD  . ARG A 1 70  ? -3.65225  -5.17996  13.88159  1.000 34.83475 ? 70  ARG A CD  1 
ATOM   531 N NE  . ARG A 1 70  ? -3.40475  -3.84228  14.41764  1.000 31.00959 ? 70  ARG A NE  1 
ATOM   532 C CZ  . ARG A 1 70  ? -2.25162  -3.45082  14.95157  1.000 30.82588 ? 70  ARG A CZ  1 
ATOM   533 N NH1 . ARG A 1 70  ? -1.23002  -4.29200  15.02101  1.000 32.09287 ? 70  ARG A NH1 1 
ATOM   534 N NH2 . ARG A 1 70  ? -2.11837  -2.21740  15.41698  1.000 30.54906 ? 70  ARG A NH2 1 
ATOM   535 N N   . SER A 1 71  ? -2.16050  -5.79163  9.09679   1.000 28.88388 ? 71  SER A N   1 
ATOM   536 C CA  . SER A 1 71  ? -0.81182  -6.22241  8.76331   1.000 25.46762 ? 71  SER A CA  1 
ATOM   537 C C   . SER A 1 71  ? -0.29726  -5.49647  7.52645   1.000 24.57246 ? 71  SER A C   1 
ATOM   538 O O   . SER A 1 71  ? -1.05689  -5.15734  6.61482   1.000 26.46279 ? 71  SER A O   1 
ATOM   539 C CB  . SER A 1 71  ? -0.77104  -7.73092  8.52113   1.000 29.24925 ? 71  SER A CB  1 
ATOM   540 O OG  . SER A 1 71  ? -1.44932  -8.06699  7.32195   1.000 31.53107 ? 71  SER A OG  1 
ATOM   541 N N   . VAL A 1 72  ? 1.01016   -5.25761  7.50535   1.000 21.26267 ? 72  VAL A N   1 
ATOM   542 C CA  . VAL A 1 72  ? 1.68169   -4.73930  6.31707   1.000 19.61962 ? 72  VAL A CA  1 
ATOM   543 C C   . VAL A 1 72  ? 2.03935   -5.93070  5.43557   1.000 19.93709 ? 72  VAL A C   1 
ATOM   544 O O   . VAL A 1 72  ? 2.27778   -7.03050  5.95616   1.000 18.68593 ? 72  VAL A O   1 
ATOM   545 C CB  . VAL A 1 72  ? 2.92330   -3.90967  6.68478   1.000 21.24440 ? 72  VAL A CB  1 
ATOM   546 C CG1 . VAL A 1 72  ? 2.51379   -2.61421  7.38020   1.000 23.52286 ? 72  VAL A CG1 1 
ATOM   547 C CG2 . VAL A 1 72  ? 3.87169   -4.72143  7.55625   1.000 16.10083 ? 72  VAL A CG2 1 
ATOM   548 N N   . PRO A 1 73  ? 2.08040   -5.77449  4.10279   1.000 18.94978 ? 73  PRO A N   1 
ATOM   549 C CA  . PRO A 1 73  ? 1.82640   -4.52298  3.38411   1.000 17.66740 ? 73  PRO A CA  1 
ATOM   550 C C   . PRO A 1 73  ? 0.34638   -4.23623  3.14953   1.000 19.91499 ? 73  PRO A C   1 
ATOM   551 O O   . PRO A 1 73  ? -0.49095  -5.13522  3.23662   1.000 16.90659 ? 73  PRO A O   1 
ATOM   552 C CB  . PRO A 1 73  ? 2.53816   -4.74833  2.05431   1.000 15.71825 ? 73  PRO A CB  1 
ATOM   553 C CG  . PRO A 1 73  ? 2.36900   -6.21182  1.81755   1.000 18.08598 ? 73  PRO A CG  1 
ATOM   554 C CD  . PRO A 1 73  ? 2.45236   -6.86274  3.18058   1.000 19.49407 ? 73  PRO A CD  1 
ATOM   555 N N   . ARG A 1 74  ? 0.04183   -2.97401  2.85728   1.000 17.62585 ? 74  ARG A N   1 
ATOM   556 C CA  . ARG A 1 74  ? -1.28967  -2.54370  2.44411   1.000 17.78272 ? 74  ARG A CA  1 
ATOM   557 C C   . ARG A 1 74  ? -1.11739  -1.70212  1.18740   1.000 17.43679 ? 74  ARG A C   1 
ATOM   558 O O   . ARG A 1 74  ? -0.53363  -0.61495  1.24123   1.000 17.82354 ? 74  ARG A O   1 
ATOM   559 C CB  . ARG A 1 74  ? -1.98808  -1.75746  3.55447   1.000 19.46317 ? 74  ARG A CB  1 
ATOM   560 C CG  . ARG A 1 74  ? -2.31696  -2.59788  4.77784   1.000 22.10527 ? 74  ARG A CG  1 
ATOM   561 C CD  . ARG A 1 74  ? -3.43105  -3.58746  4.47577   1.000 23.17301 ? 74  ARG A CD  1 
ATOM   562 N NE  . ARG A 1 74  ? -3.35270  -4.77941  5.31381   1.000 24.16474 ? 74  ARG A NE  1 
ATOM   563 C CZ  . ARG A 1 74  ? -4.34485  -5.65043  5.47127   1.000 27.27409 ? 74  ARG A CZ  1 
ATOM   564 N NH1 . ARG A 1 74  ? -4.18280  -6.70978  6.25380   1.000 32.59820 ? 74  ARG A NH1 1 
ATOM   565 N NH2 . ARG A 1 74  ? -5.50356  -5.45860  4.85629   1.000 24.28165 ? 74  ARG A NH2 1 
ATOM   566 N N   . VAL A 1 75  ? -1.60745  -2.20698  0.05833   1.000 17.26120 ? 75  VAL A N   1 
ATOM   567 C CA  . VAL A 1 75  ? -1.35176  -1.61841  -1.25184  1.000 18.53482 ? 75  VAL A CA  1 
ATOM   568 C C   . VAL A 1 75  ? -2.62480  -0.94712  -1.74613  1.000 19.81241 ? 75  VAL A C   1 
ATOM   569 O O   . VAL A 1 75  ? -3.68979  -1.57534  -1.79175  1.000 20.45328 ? 75  VAL A O   1 
ATOM   570 C CB  . VAL A 1 75  ? -0.86070  -2.67636  -2.25659  1.000 19.59596 ? 75  VAL A CB  1 
ATOM   571 C CG1 . VAL A 1 75  ? -0.50381  -2.02594  -3.58419  1.000 18.69001 ? 75  VAL A CG1 1 
ATOM   572 C CG2 . VAL A 1 75  ? 0.33438   -3.43369  -1.69084  1.000 17.94948 ? 75  VAL A CG2 1 
ATOM   573 N N   . PHE A 1 76  ? -2.51207  0.32573   -2.11827  1.000 17.87891 ? 76  PHE A N   1 
ATOM   574 C CA  . PHE A 1 76  ? -3.62149  1.09892   -2.65544  1.000 18.53259 ? 76  PHE A CA  1 
ATOM   575 C C   . PHE A 1 76  ? -3.28080  1.56559   -4.06277  1.000 18.43393 ? 76  PHE A C   1 
ATOM   576 O O   . PHE A 1 76  ? -2.15319  1.99237   -4.32964  1.000 17.40041 ? 76  PHE A O   1 
ATOM   577 C CB  . PHE A 1 76  ? -3.93593  2.31508   -1.78114  1.000 18.88639 ? 76  PHE A CB  1 
ATOM   578 C CG  . PHE A 1 76  ? -4.32676  1.97456   -0.37379  1.000 19.68104 ? 76  PHE A CG  1 
ATOM   579 C CD1 . PHE A 1 76  ? -3.36054  1.73168   0.58912   1.000 18.40810 ? 76  PHE A CD1 1 
ATOM   580 C CD2 . PHE A 1 76  ? -5.66222  1.92449   -0.00537  1.000 21.27768 ? 76  PHE A CD2 1 
ATOM   581 C CE1 . PHE A 1 76  ? -3.71868  1.42907   1.88792   1.000 18.93216 ? 76  PHE A CE1 1 
ATOM   582 C CE2 . PHE A 1 76  ? -6.02582  1.62245   1.29229   1.000 19.66406 ? 76  PHE A CE2 1 
ATOM   583 C CZ  . PHE A 1 76  ? -5.05132  1.37650   2.23996   1.000 18.73668 ? 76  PHE A CZ  1 
ATOM   584 N N   . ILE A 1 77  ? -4.25703  1.48131   -4.96182  1.000 19.67076 ? 77  ILE A N   1 
ATOM   585 C CA  . ILE A 1 77  ? -4.11158  1.96415   -6.32966  1.000 20.14380 ? 77  ILE A CA  1 
ATOM   586 C C   . ILE A 1 77  ? -5.34172  2.79295   -6.66569  1.000 20.45868 ? 77  ILE A C   1 
ATOM   587 O O   . ILE A 1 77  ? -6.47231  2.31056   -6.52935  1.000 21.35557 ? 77  ILE A O   1 
ATOM   588 C CB  . ILE A 1 77  ? -3.94225  0.81788   -7.34019  1.000 19.49807 ? 77  ILE A CB  1 
ATOM   589 C CG1 . ILE A 1 77  ? -2.71211  -0.02599  -6.99772  1.000 21.23756 ? 77  ILE A CG1 1 
ATOM   590 C CG2 . ILE A 1 77  ? -3.82700  1.37152   -8.75248  1.000 17.88758 ? 77  ILE A CG2 1 
ATOM   591 C CD1 . ILE A 1 77  ? -2.51591  -1.20997  -7.91558  1.000 18.16417 ? 77  ILE A CD1 1 
ATOM   592 N N   . ASN A 1 78  ? -5.12182  4.03882   -7.08956  1.000 19.80680 ? 78  ASN A N   1 
ATOM   593 C CA  . ASN A 1 78  ? -6.19598  4.91867   -7.55265  1.000 23.71771 ? 78  ASN A CA  1 
ATOM   594 C C   . ASN A 1 78  ? -7.22881  5.16505   -6.45295  1.000 22.82646 ? 78  ASN A C   1 
ATOM   595 O O   . ASN A 1 78  ? -8.42868  5.27205   -6.71390  1.000 19.76750 ? 78  ASN A O   1 
ATOM   596 C CB  . ASN A 1 78  ? -6.86058  4.35228   -8.81010  1.000 20.79005 ? 78  ASN A CB  1 
ATOM   597 C CG  . ASN A 1 78  ? -7.46838  5.42747   -9.68292  1.000 21.57413 ? 78  ASN A CG  1 
ATOM   598 O OD1 . ASN A 1 78  ? -6.99768  6.56267   -9.70404  1.000 28.02683 ? 78  ASN A OD1 1 
ATOM   599 N ND2 . ASN A 1 78  ? -8.51839  5.07370   -10.41375 1.000 22.58936 ? 78  ASN A ND2 1 
ATOM   600 N N   . GLY A 1 79  ? -6.75848  5.25602   -5.20988  1.000 21.31579 ? 79  GLY A N   1 
ATOM   601 C CA  . GLY A 1 79  ? -7.63235  5.44686   -4.07175  1.000 20.90944 ? 79  GLY A CA  1 
ATOM   602 C C   . GLY A 1 79  ? -8.35294  4.20423   -3.59526  1.000 25.96673 ? 79  GLY A C   1 
ATOM   603 O O   . GLY A 1 79  ? -9.12943  4.28956   -2.63425  1.000 25.15826 ? 79  GLY A O   1 
ATOM   604 N N   . LYS A 1 80  ? -8.11920  3.05405   -4.22280  1.000 23.57797 ? 80  LYS A N   1 
ATOM   605 C CA  . LYS A 1 80  ? -8.81709  1.81782   -3.89940  1.000 23.60197 ? 80  LYS A CA  1 
ATOM   606 C C   . LYS A 1 80  ? -7.83150  0.80764   -3.33128  1.000 24.19133 ? 80  LYS A C   1 
ATOM   607 O O   . LYS A 1 80  ? -6.76176  0.58296   -3.90812  1.000 23.73340 ? 80  LYS A O   1 
ATOM   608 C CB  . LYS A 1 80  ? -9.51324  1.24273   -5.13560  1.000 25.29123 ? 80  LYS A CB  1 
ATOM   609 C CG  . LYS A 1 80  ? -10.28290 -0.04504  -4.87912  1.000 28.70053 ? 80  LYS A CG  1 
ATOM   610 C CD  . LYS A 1 80  ? -10.94777 -0.54935  -6.15288  1.000 30.06608 ? 80  LYS A CD  1 
ATOM   611 C CE  . LYS A 1 80  ? -11.56022 -1.92547  -5.95532  1.000 29.60979 ? 80  LYS A CE  1 
ATOM   612 N NZ  . LYS A 1 80  ? -12.57773 -1.92577  -4.86949  1.000 39.10171 ? 80  LYS A NZ  1 
ATOM   613 N N   . PHE A 1 81  ? -8.19802  0.20397   -2.20401  1.000 22.39017 ? 81  PHE A N   1 
ATOM   614 C CA  . PHE A 1 81  ? -7.36494  -0.81469  -1.58158  1.000 22.15322 ? 81  PHE A CA  1 
ATOM   615 C C   . PHE A 1 81  ? -7.30329  -2.05519  -2.46483  1.000 23.62966 ? 81  PHE A C   1 
ATOM   616 O O   . PHE A 1 81  ? -8.33457  -2.56067  -2.91925  1.000 23.92359 ? 81  PHE A O   1 
ATOM   617 C CB  . PHE A 1 81  ? -7.91663  -1.16079  -0.19767  1.000 22.39227 ? 81  PHE A CB  1 
ATOM   618 C CG  . PHE A 1 81  ? -7.19671  -2.28853  0.48757   1.000 19.95980 ? 81  PHE A CG  1 
ATOM   619 C CD1 . PHE A 1 81  ? -5.83942  -2.20571  0.75358   1.000 19.48482 ? 81  PHE A CD1 1 
ATOM   620 C CD2 . PHE A 1 81  ? -7.88611  -3.42212  0.88985   1.000 20.12710 ? 81  PHE A CD2 1 
ATOM   621 C CE1 . PHE A 1 81  ? -5.17894  -3.24144  1.39276   1.000 19.48861 ? 81  PHE A CE1 1 
ATOM   622 C CE2 . PHE A 1 81  ? -7.23241  -4.46027  1.53032   1.000 19.36328 ? 81  PHE A CE2 1 
ATOM   623 C CZ  . PHE A 1 81  ? -5.87785  -4.36795  1.78391   1.000 18.07197 ? 81  PHE A CZ  1 
ATOM   624 N N   . LEU A 1 82  ? -6.08740  -2.53774  -2.71803  1.000 21.03645 ? 82  LEU A N   1 
ATOM   625 C CA  . LEU A 1 82  ? -5.86849  -3.72358  -3.53724  1.000 20.97542 ? 82  LEU A CA  1 
ATOM   626 C C   . LEU A 1 82  ? -5.76140  -4.99473  -2.70504  1.000 22.01379 ? 82  LEU A C   1 
ATOM   627 O O   . LEU A 1 82  ? -6.47185  -5.96930  -2.96720  1.000 21.54569 ? 82  LEU A O   1 
ATOM   628 C CB  . LEU A 1 82  ? -4.60326  -3.55251  -4.38719  1.000 20.10402 ? 82  LEU A CB  1 
ATOM   629 C CG  . LEU A 1 82  ? -4.17350  -4.76989  -5.21034  1.000 20.68111 ? 82  LEU A CG  1 
ATOM   630 C CD1 . LEU A 1 82  ? -5.25290  -5.13698  -6.20864  1.000 23.63935 ? 82  LEU A CD1 1 
ATOM   631 C CD2 . LEU A 1 82  ? -2.85216  -4.52047  -5.92227  1.000 22.78835 ? 82  LEU A CD2 1 
ATOM   632 N N   . GLY A 1 83  ? -4.89270  -4.99833  -1.70632  1.000 20.00804 ? 83  GLY A N   1 
ATOM   633 C CA  . GLY A 1 83  ? -4.66011  -6.16331  -0.88183  1.000 20.85174 ? 83  GLY A CA  1 
ATOM   634 C C   . GLY A 1 83  ? -3.26158  -6.12102  -0.29639  1.000 19.94837 ? 83  GLY A C   1 
ATOM   635 O O   . GLY A 1 83  ? -2.64030  -5.06573  -0.21871  1.000 19.20721 ? 83  GLY A O   1 
ATOM   636 N N   . GLY A 1 84  ? -2.78595  -7.29500  0.10770   1.000 19.37043 ? 84  GLY A N   1 
ATOM   637 C CA  . GLY A 1 84  ? -1.46553  -7.45533  0.67118   1.000 17.96832 ? 84  GLY A CA  1 
ATOM   638 C C   . GLY A 1 84  ? -0.45339  -7.92310  -0.35477  1.000 19.16278 ? 84  GLY A C   1 
ATOM   639 O O   . GLY A 1 84  ? -0.61583  -7.73253  -1.56455  1.000 19.03195 ? 84  GLY A O   1 
ATOM   640 N N   . GLY A 1 85  ? 0.61221   -8.55374  0.14372   1.000 17.84018 ? 85  GLY A N   1 
ATOM   641 C CA  . GLY A 1 85  ? 1.67677   -8.99780  -0.74272  1.000 17.32022 ? 85  GLY A CA  1 
ATOM   642 C C   . GLY A 1 85  ? 1.22668   -10.08963 -1.69493  1.000 20.00437 ? 85  GLY A C   1 
ATOM   643 O O   . GLY A 1 85  ? 1.48312   -10.02268 -2.90049  1.000 20.44461 ? 85  GLY A O   1 
ATOM   644 N N   . ASP A 1 86  ? 0.55539   -11.11569 -1.16540  1.000 21.41230 ? 86  ASP A N   1 
ATOM   645 C CA  . ASP A 1 86  ? 0.04440   -12.17854 -2.02534  1.000 22.15741 ? 86  ASP A CA  1 
ATOM   646 C C   . ASP A 1 86  ? -0.97315  -11.63902 -3.02233  1.000 21.99065 ? 86  ASP A C   1 
ATOM   647 O O   . ASP A 1 86  ? -0.96388  -12.02441 -4.19705  1.000 22.43998 ? 86  ASP A O   1 
ATOM   648 C CB  . ASP A 1 86  ? -0.57006  -13.29415 -1.17987  1.000 20.85176 ? 86  ASP A CB  1 
ATOM   649 C CG  . ASP A 1 86  ? 0.47428   -14.21954 -0.58602  1.000 23.66960 ? 86  ASP A CG  1 
ATOM   650 O OD1 . ASP A 1 86  ? 1.66452   -14.09051 -0.94369  1.000 23.84736 ? 86  ASP A OD1 1 
ATOM   651 O OD2 . ASP A 1 86  ? 0.10382   -15.07997 0.23885   1.000 26.35762 ? 86  ASP A OD2 1 
ATOM   652 N N   . ASP A 1 87  ? -1.85611  -10.74148 -2.57303  1.000 20.27965 ? 87  ASP A N   1 
ATOM   653 C CA  . ASP A 1 87  ? -2.84786  -10.15982 -3.47339  1.000 20.57899 ? 87  ASP A CA  1 
ATOM   654 C C   . ASP A 1 87  ? -2.18105  -9.38706  -4.60429  1.000 21.18854 ? 87  ASP A C   1 
ATOM   655 O O   . ASP A 1 87  ? -2.63421  -9.43831  -5.75376  1.000 21.16832 ? 87  ASP A O   1 
ATOM   656 C CB  . ASP A 1 87  ? -3.79503  -9.24535  -2.69464  1.000 20.68293 ? 87  ASP A CB  1 
ATOM   657 C CG  . ASP A 1 87  ? -4.56404  -9.98089  -1.61501  1.000 23.59298 ? 87  ASP A CG  1 
ATOM   658 O OD1 . ASP A 1 87  ? -5.05540  -11.09703 -1.88609  1.000 21.06181 ? 87  ASP A OD1 1 
ATOM   659 O OD2 . ASP A 1 87  ? -4.67494  -9.44118  -0.49274  1.000 22.20373 ? 87  ASP A OD2 1 
ATOM   660 N N   . THR A 1 88  ? -1.10062  -8.66553  -4.29584  1.000 20.46916 ? 88  THR A N   1 
ATOM   661 C CA  . THR A 1 88  ? -0.42589  -7.86239  -5.31031  1.000 19.74895 ? 88  THR A CA  1 
ATOM   662 C C   . THR A 1 88  ? 0.35048   -8.73803  -6.28697  1.000 19.38998 ? 88  THR A C   1 
ATOM   663 O O   . THR A 1 88  ? 0.30214   -8.51376  -7.50213  1.000 18.57349 ? 88  THR A O   1 
ATOM   664 C CB  . THR A 1 88  ? 0.49996   -6.84729  -4.63911  1.000 19.76788 ? 88  THR A CB  1 
ATOM   665 O OG1 . THR A 1 88  ? -0.25750  -6.05265  -3.71747  1.000 19.11305 ? 88  THR A OG1 1 
ATOM   666 C CG2 . THR A 1 88  ? 1.14154   -5.93423  -5.67510  1.000 16.46862 ? 88  THR A CG2 1 
ATOM   667 N N   . ALA A 1 89  ? 1.07157   -9.74099  -5.77866  1.000 20.90099 ? 89  ALA A N   1 
ATOM   668 C CA  . ALA A 1 89  ? 1.79716   -10.64242 -6.66776  1.000 19.42565 ? 89  ALA A CA  1 
ATOM   669 C C   . ALA A 1 89  ? 0.84559   -11.46460 -7.52573  1.000 21.70781 ? 89  ALA A C   1 
ATOM   670 O O   . ALA A 1 89  ? 1.16735   -11.78362 -8.67681  1.000 21.18483 ? 89  ALA A O   1 
ATOM   671 C CB  . ALA A 1 89  ? 2.71601   -11.55954 -5.86016  1.000 17.44874 ? 89  ALA A CB  1 
ATOM   672 N N   . ALA A 1 90  ? -0.32366  -11.81688 -6.98812  1.000 20.04372 ? 90  ALA A N   1 
ATOM   673 C CA  . ALA A 1 90  ? -1.31645  -12.51762 -7.79301  1.000 21.24772 ? 90  ALA A CA  1 
ATOM   674 C C   . ALA A 1 90  ? -1.85501  -11.61800 -8.89559  1.000 22.77506 ? 90  ALA A C   1 
ATOM   675 O O   . ALA A 1 90  ? -2.08238  -12.07484 -10.02198 1.000 23.35552 ? 90  ALA A O   1 
ATOM   676 C CB  . ALA A 1 90  ? -2.45384  -13.02457 -6.90737  1.000 19.44499 ? 90  ALA A CB  1 
ATOM   677 N N   . ALA A 1 91  ? -2.06176  -10.33441 -8.59027  1.000 20.22196 ? 91  ALA A N   1 
ATOM   678 C CA  . ALA A 1 91  ? -2.50460  -9.39628  -9.61382  1.000 22.28954 ? 91  ALA A CA  1 
ATOM   679 C C   . ALA A 1 91  ? -1.44044  -9.19734  -10.68498 1.000 20.76624 ? 91  ALA A C   1 
ATOM   680 O O   . ALA A 1 91  ? -1.77357  -9.02402  -11.86275 1.000 19.54522 ? 91  ALA A O   1 
ATOM   681 C CB  . ALA A 1 91  ? -2.88245  -8.06010  -8.97397  1.000 18.00213 ? 91  ALA A CB  1 
ATOM   682 N N   . ALA A 1 92  ? -0.16303  -9.22377  -10.29970 1.000 20.31364 ? 92  ALA A N   1 
ATOM   683 C CA  . ALA A 1 92  ? 0.90995   -9.10649  -11.28052 1.000 22.53291 ? 92  ALA A CA  1 
ATOM   684 C C   . ALA A 1 92  ? 0.96361   -10.32854 -12.18873 1.000 22.90559 ? 92  ALA A C   1 
ATOM   685 O O   . ALA A 1 92  ? 1.23304   -10.20520 -13.38866 1.000 23.07145 ? 92  ALA A O   1 
ATOM   686 C CB  . ALA A 1 92  ? 2.24827   -8.90512  -10.56922 1.000 17.84954 ? 92  ALA A CB  1 
ATOM   687 N N   . SER A 1 93  ? 0.69766   -11.51572 -11.63766 1.000 22.22962 ? 93  SER A N   1 
ATOM   688 C CA  . SER A 1 93  ? 0.81102   -12.73990 -12.42396 1.000 21.40999 ? 93  SER A CA  1 
ATOM   689 C C   . SER A 1 93  ? -0.36251  -12.91901 -13.38070 1.000 23.38519 ? 93  SER A C   1 
ATOM   690 O O   . SER A 1 93  ? -0.19017  -13.48415 -14.46777 1.000 25.11116 ? 93  SER A O   1 
ATOM   691 C CB  . SER A 1 93  ? 0.92196   -13.94938 -11.49468 1.000 22.77510 ? 93  SER A CB  1 
ATOM   692 O OG  . SER A 1 93  ? 2.05297   -13.83771 -10.64773 1.000 31.12175 ? 93  SER A OG  1 
ATOM   693 N N   . ASN A 1 94  ? -1.55391  -12.45241 -13.00750 1.000 22.84682 ? 94  ASN A N   1 
ATOM   694 C CA  . ASN A 1 94  ? -2.74127  -12.69336 -13.81727 1.000 24.81937 ? 94  ASN A CA  1 
ATOM   695 C C   . ASN A 1 94  ? -3.04515  -11.56682 -14.79866 1.000 25.27031 ? 94  ASN A C   1 
ATOM   696 O O   . ASN A 1 94  ? -3.97696  -11.70054 -15.59922 1.000 27.21119 ? 94  ASN A O   1 
ATOM   697 C CB  . ASN A 1 94  ? -3.95879  -12.95980 -12.91744 1.000 24.80526 ? 94  ASN A CB  1 
ATOM   698 C CG  . ASN A 1 94  ? -4.32362  -11.77857 -12.02455 1.000 22.90744 ? 94  ASN A CG  1 
ATOM   699 O OD1 . ASN A 1 94  ? -4.07079  -10.61843 -12.35045 1.000 22.32356 ? 94  ASN A OD1 1 
ATOM   700 N ND2 . ASN A 1 94  ? -4.93907  -12.07974 -10.88742 1.000 22.49989 ? 94  ASN A ND2 1 
ATOM   701 N N   . GLY A 1 95  ? -2.28992  -10.46945 -14.75806 1.000 23.77274 ? 95  GLY A N   1 
ATOM   702 C CA  . GLY A 1 95  ? -2.43994  -9.38971  -15.71041 1.000 24.39203 ? 95  GLY A CA  1 
ATOM   703 C C   . GLY A 1 95  ? -3.28092  -8.21636  -15.25213 1.000 23.43710 ? 95  GLY A C   1 
ATOM   704 O O   . GLY A 1 95  ? -3.36939  -7.22217  -15.98393 1.000 23.96426 ? 95  GLY A O   1 
ATOM   705 N N   . THR A 1 96  ? -3.89880  -8.29175  -14.07036 1.000 22.29587 ? 96  THR A N   1 
ATOM   706 C CA  . THR A 1 96  ? -4.75918  -7.20201  -13.62273 1.000 21.70753 ? 96  THR A CA  1 
ATOM   707 C C   . THR A 1 96  ? -3.96527  -6.04973  -13.02810 1.000 23.01204 ? 96  THR A C   1 
ATOM   708 O O   . THR A 1 96  ? -4.38994  -4.89420  -13.14197 1.000 22.34604 ? 96  THR A O   1 
ATOM   709 C CB  . THR A 1 96  ? -5.77882  -7.70169  -12.59730 1.000 21.62838 ? 96  THR A CB  1 
ATOM   710 O OG1 . THR A 1 96  ? -5.09680  -8.28563  -11.47954 1.000 21.52669 ? 96  THR A OG1 1 
ATOM   711 C CG2 . THR A 1 96  ? -6.70744  -8.72817  -13.22388 1.000 23.88373 ? 96  THR A CG2 1 
ATOM   712 N N   . LEU A 1 97  ? -2.82550  -6.33772  -12.39168 1.000 20.99363 ? 97  LEU A N   1 
ATOM   713 C CA  . LEU A 1 97  ? -2.01518  -5.26724  -11.82069 1.000 21.76548 ? 97  LEU A CA  1 
ATOM   714 C C   . LEU A 1 97  ? -1.58805  -4.27485  -12.89232 1.000 20.98691 ? 97  LEU A C   1 
ATOM   715 O O   . LEU A 1 97  ? -1.65493  -3.05916  -12.68327 1.000 20.62913 ? 97  LEU A O   1 
ATOM   716 C CB  . LEU A 1 97  ? -0.79079  -5.84340  -11.11014 1.000 19.70766 ? 97  LEU A CB  1 
ATOM   717 C CG  . LEU A 1 97  ? 0.09439   -4.79642  -10.42783 1.000 20.58119 ? 97  LEU A CG  1 
ATOM   718 C CD1 . LEU A 1 97  ? -0.71014  -4.02643  -9.39307  1.000 18.60552 ? 97  LEU A CD1 1 
ATOM   719 C CD2 . LEU A 1 97  ? 1.31847   -5.43371  -9.79003  1.000 17.63085 ? 97  LEU A CD2 1 
ATOM   720 N N   . GLU A 1 98  ? -1.15368  -4.77641  -14.05052 1.000 21.22832 ? 98  GLU A N   1 
ATOM   721 C CA  . GLU A 1 98  ? -0.79584  -3.89071  -15.15243 1.000 22.16848 ? 98  GLU A CA  1 
ATOM   722 C C   . GLU A 1 98  ? -1.98027  -3.02909  -15.57256 1.000 24.33034 ? 98  GLU A C   1 
ATOM   723 O O   . GLU A 1 98  ? -1.83075  -1.82196  -15.79540 1.000 22.82394 ? 98  GLU A O   1 
ATOM   724 C CB  . GLU A 1 98  ? -0.28076  -4.71056  -16.33488 1.000 21.59306 ? 98  GLU A CB  1 
ATOM   725 C CG  . GLU A 1 98  ? 0.11196   -3.87989  -17.54360 1.000 23.31169 ? 98  GLU A CG  1 
ATOM   726 C CD  . GLU A 1 98  ? 0.44075   -4.73149  -18.75409 1.000 26.82240 ? 98  GLU A CD  1 
ATOM   727 O OE1 . GLU A 1 98  ? 0.04527   -5.91816  -18.77810 1.000 26.79943 ? 98  GLU A OE1 1 
ATOM   728 O OE2 . GLU A 1 98  ? 1.09607   -4.21417  -19.68254 1.000 29.82223 ? 98  GLU A OE2 1 
ATOM   729 N N   . LYS A 1 99  ? -3.17056  -3.62821  -15.66932 1.000 24.96635 ? 99  LYS A N   1 
ATOM   730 C CA  . LYS A 1 99  ? -4.34322  -2.87336  -16.10012 1.000 24.78734 ? 99  LYS A CA  1 
ATOM   731 C C   . LYS A 1 99  ? -4.77547  -1.86412  -15.04285 1.000 23.88842 ? 99  LYS A C   1 
ATOM   732 O O   . LYS A 1 99  ? -5.17154  -0.74174  -15.37772 1.000 25.01649 ? 99  LYS A O   1 
ATOM   733 C CB  . LYS A 1 99  ? -5.49192  -3.82424  -16.43151 1.000 24.73674 ? 99  LYS A CB  1 
ATOM   734 C CG  . LYS A 1 99  ? -6.51357  -3.23533  -17.39290 1.000 27.00306 ? 99  LYS A CG  1 
ATOM   735 C CD  . LYS A 1 99  ? -7.71523  -4.15010  -17.55456 1.000 34.85224 ? 99  LYS A CD  1 
ATOM   736 C CE  . LYS A 1 99  ? -8.43271  -3.89461  -18.87182 1.000 39.23381 ? 99  LYS A CE  1 
ATOM   737 N NZ  . LYS A 1 99  ? -7.59595  -4.29057  -20.04372 1.000 40.36235 ? 99  LYS A NZ  1 
ATOM   738 N N   . LEU A 1 100 ? -4.71660  -2.24570  -13.76329 1.000 20.73444 ? 100 LEU A N   1 
ATOM   739 C CA  . LEU A 1 100 ? -5.06566  -1.30933  -12.69860 1.000 23.09573 ? 100 LEU A CA  1 
ATOM   740 C C   . LEU A 1 100 ? -4.13055  -0.10669  -12.69731 1.000 24.77966 ? 100 LEU A C   1 
ATOM   741 O O   . LEU A 1 100 ? -4.56156  1.02530   -12.44616 1.000 22.40171 ? 100 LEU A O   1 
ATOM   742 C CB  . LEU A 1 100 ? -5.03347  -2.01235  -11.34076 1.000 19.83385 ? 100 LEU A CB  1 
ATOM   743 C CG  . LEU A 1 100 ? -6.10537  -3.06883  -11.06312 1.000 24.43803 ? 100 LEU A CG  1 
ATOM   744 C CD1 . LEU A 1 100 ? -5.87224  -3.71535  -9.70762  1.000 19.37297 ? 100 LEU A CD1 1 
ATOM   745 C CD2 . LEU A 1 100 ? -7.50264  -2.46512  -11.14040 1.000 21.11540 ? 100 LEU A CD2 1 
ATOM   746 N N   . LEU A 1 101 ? -2.84489  -0.33349  -12.97681 1.000 22.46550 ? 101 LEU A N   1 
ATOM   747 C CA  . LEU A 1 101 ? -1.89768  0.77281   -13.05897 1.000 22.37510 ? 101 LEU A CA  1 
ATOM   748 C C   . LEU A 1 101 ? -2.19874  1.66796   -14.25376 1.000 24.45721 ? 101 LEU A C   1 
ATOM   749 O O   . LEU A 1 101 ? -2.11437  2.89762   -14.15204 1.000 25.99951 ? 101 LEU A O   1 
ATOM   750 C CB  . LEU A 1 101 ? -0.47016  0.23350   -13.13866 1.000 22.43270 ? 101 LEU A CB  1 
ATOM   751 C CG  . LEU A 1 101 ? 0.03128   -0.52480  -11.91055 1.000 19.40513 ? 101 LEU A CG  1 
ATOM   752 C CD1 . LEU A 1 101 ? 1.37573   -1.17695  -12.18474 1.000 17.89290 ? 101 LEU A CD1 1 
ATOM   753 C CD2 . LEU A 1 101 ? 0.11827   0.40837   -10.72013 1.000 19.44685 ? 101 LEU A CD2 1 
ATOM   754 N N   . GLN A 1 102 ? -2.55099  1.06837   -15.39399 1.000 25.98290 ? 102 GLN A N   1 
ATOM   755 C CA  . GLN A 1 102 ? -2.88078  1.85692   -16.57658 1.000 24.48038 ? 102 GLN A CA  1 
ATOM   756 C C   . GLN A 1 102 ? -4.12427  2.70437   -16.34351 1.000 26.02633 ? 102 GLN A C   1 
ATOM   757 O O   . GLN A 1 102 ? -4.16436  3.88011   -16.72485 1.000 26.79612 ? 102 GLN A O   1 
ATOM   758 C CB  . GLN A 1 102 ? -3.07428  0.93700   -17.78223 1.000 24.44076 ? 102 GLN A CB  1 
ATOM   759 C CG  . GLN A 1 102 ? -1.79891  0.25046   -18.25476 1.000 29.71491 ? 102 GLN A CG  1 
ATOM   760 C CD  . GLN A 1 102 ? -2.06619  -0.85800  -19.26262 1.000 33.67679 ? 102 GLN A CD  1 
ATOM   761 O OE1 . GLN A 1 102 ? -2.96368  -1.68246  -19.07567 1.000 30.89605 ? 102 GLN A OE1 1 
ATOM   762 N NE2 . GLN A 1 102 ? -1.28723  -0.87983  -20.33922 1.000 31.71551 ? 102 GLN A NE2 1 
ATOM   763 N N   . GLU A 1 103 ? -5.14958  2.12648   -15.71358 1.000 25.26587 ? 103 GLU A N   1 
ATOM   764 C CA  . GLU A 1 103 ? -6.36681  2.87705   -15.43137 1.000 25.07628 ? 103 GLU A CA  1 
ATOM   765 C C   . GLU A 1 103 ? -6.15039  3.95368   -14.37754 1.000 23.77979 ? 103 GLU A C   1 
ATOM   766 O O   . GLU A 1 103 ? -6.91262  4.92403   -14.33632 1.000 23.59358 ? 103 GLU A O   1 
ATOM   767 C CB  . GLU A 1 103 ? -7.47740  1.92656   -14.98675 1.000 23.90214 ? 103 GLU A CB  1 
ATOM   768 C CG  . GLU A 1 103 ? -7.86382  0.90623   -16.04057 1.000 27.82841 ? 103 GLU A CG  1 
ATOM   769 C CD  . GLU A 1 103 ? -8.83643  -0.12925  -15.51805 1.000 26.57258 ? 103 GLU A CD  1 
ATOM   770 O OE1 . GLU A 1 103 ? -9.04663  -0.17864  -14.28751 1.000 28.89018 ? 103 GLU A OE1 1 
ATOM   771 O OE2 . GLU A 1 103 ? -9.39096  -0.89076  -16.33828 1.000 27.85829 ? 103 GLU A OE2 1 
ATOM   772 N N   . ALA A 1 104 ? -5.13717  3.80479   -13.52791 1.000 24.59951 ? 104 ALA A N   1 
ATOM   773 C CA  . ALA A 1 104 ? -4.81386  4.81737   -12.53367 1.000 24.81398 ? 104 ALA A CA  1 
ATOM   774 C C   . ALA A 1 104 ? -3.94107  5.93293   -13.09092 1.000 25.88554 ? 104 ALA A C   1 
ATOM   775 O O   . ALA A 1 104 ? -3.63041  6.87700   -12.35725 1.000 25.71352 ? 104 ALA A O   1 
ATOM   776 C CB  . ALA A 1 104 ? -4.11943  4.17180   -11.33092 1.000 19.19130 ? 104 ALA A CB  1 
ATOM   777 N N   . GLY A 1 105 ? -3.54525  5.85131   -14.35996 1.000 26.15918 ? 105 GLY A N   1 
ATOM   778 C CA  . GLY A 1 105 ? -2.65304  6.82780   -14.94834 1.000 23.49855 ? 105 GLY A CA  1 
ATOM   779 C C   . GLY A 1 105 ? -1.19852  6.67289   -14.56963 1.000 25.13204 ? 105 GLY A C   1 
ATOM   780 O O   . GLY A 1 105 ? -0.38088  7.51556   -14.95643 1.000 27.39361 ? 105 GLY A O   1 
ATOM   781 N N   . ALA A 1 106 ? -0.84721  5.62315   -13.82895 1.000 25.82832 ? 106 ALA A N   1 
ATOM   782 C CA  . ALA A 1 106 ? 0.52091   5.40492   -13.38157 1.000 28.05371 ? 106 ALA A CA  1 
ATOM   783 C C   . ALA A 1 106 ? 1.36568   4.63170   -14.38444 1.000 25.70726 ? 106 ALA A C   1 
ATOM   784 O O   . ALA A 1 106 ? 2.57284   4.48333   -14.16705 1.000 23.66093 ? 106 ALA A O   1 
ATOM   785 C CB  . ALA A 1 106 ? 0.52388   4.66290   -12.04028 1.000 23.47306 ? 106 ALA A CB  1 
ATOM   786 N N   . LEU A 1 107 ? 0.77282   4.14347   -15.46875 1.000 26.15394 ? 107 LEU A N   1 
ATOM   787 C CA  . LEU A 1 107 ? 1.50228   3.31769   -16.42402 1.000 31.02719 ? 107 LEU A CA  1 
ATOM   788 C C   . LEU A 1 107 ? 0.97352   3.51321   -17.83822 1.000 33.36614 ? 107 LEU A C   1 
ATOM   789 O O   . LEU A 1 107 ? 1.73688   3.53124   -18.80492 1.000 38.27188 ? 107 LEU A O   1 
ATOM   790 C CB  . LEU A 1 107 ? 1.41280   1.84124   -16.02561 1.000 29.57610 ? 107 LEU A CB  1 
ATOM   791 C CG  . LEU A 1 107 ? 2.08279   0.81565   -16.94023 1.000 27.64025 ? 107 LEU A CG  1 
ATOM   792 C CD1 . LEU A 1 107 ? 3.58509   1.04268   -17.00173 1.000 29.10325 ? 107 LEU A CD1 1 
ATOM   793 C CD2 . LEU A 1 107 ? 1.77091   -0.59489  -16.46792 1.000 26.07085 ? 107 LEU A CD2 1 
ATOM   794 O OXT . LEU A 1 107 ? -0.23083  3.66045   -18.04397 1.000 36.82384 ? 107 LEU A OXT 1 
HETATM 795 C C   . ACT B 2 .   ? 0.13682   -10.62494 2.69795   1.000 24.15317 ? 201 ACT A C   1 
HETATM 796 O O   . ACT B 2 .   ? 0.35813   -9.38330  2.62231   1.000 23.87911 ? 201 ACT A O   1 
HETATM 797 O OXT . ACT B 2 .   ? -0.08024  -11.44545 1.76440   1.000 23.05874 ? 201 ACT A OXT 1 
HETATM 798 C CH3 . ACT B 2 .   ? 0.13408   -11.20822 4.15155   1.000 23.45299 ? 201 ACT A CH3 1 
HETATM 799 O O   . HOH C 3 .   ? 8.85248   3.69036   -4.90438  1.000 24.97876 ? 301 HOH A O   1 
HETATM 800 O O   . HOH C 3 .   ? 3.08067   6.04507   -9.71117  1.000 21.46350 ? 302 HOH A O   1 
HETATM 801 O O   . HOH C 3 .   ? 11.94335  -5.63832  -7.28383  1.000 20.64917 ? 303 HOH A O   1 
HETATM 802 O O   . HOH C 3 .   ? 3.30371   8.13381   -5.15703  1.000 22.26051 ? 304 HOH A O   1 
HETATM 803 O O   . HOH C 3 .   ? 10.73509  0.80987   -7.12675  1.000 20.10058 ? 305 HOH A O   1 
HETATM 804 O O   . HOH C 3 .   ? 1.57525   -16.93789 0.87336   1.000 23.55578 ? 306 HOH A O   1 
HETATM 805 O O   . HOH C 3 .   ? 5.97369   -10.32815 -8.80718  1.000 28.12764 ? 307 HOH A O   1 
HETATM 806 O O   . HOH C 3 .   ? -0.60282  9.61233   13.86402  1.000 37.86722 ? 308 HOH A O   1 
HETATM 807 O O   . HOH C 3 .   ? 10.90352  2.23434   -13.66464 1.000 27.53166 ? 309 HOH A O   1 
HETATM 808 O O   . HOH C 3 .   ? -8.83879  -0.52237  -18.79419 1.000 30.59689 ? 310 HOH A O   1 
HETATM 809 O O   . HOH C 3 .   ? 9.68915   -4.29943  3.01707   1.000 15.86172 ? 311 HOH A O   1 
HETATM 810 O O   . HOH C 3 .   ? -7.15464  -11.96011 -0.71701  1.000 32.86131 ? 312 HOH A O   1 
HETATM 811 O O   . HOH C 3 .   ? -8.84271  8.25134   0.67049   1.000 27.36682 ? 313 HOH A O   1 
HETATM 812 O O   . HOH C 3 .   ? 6.70872   -0.90542  -17.14391 1.000 27.49498 ? 314 HOH A O   1 
HETATM 813 O O   . HOH C 3 .   ? -1.39458  15.93285  -1.01091  1.000 35.03850 ? 315 HOH A O   1 
HETATM 814 O O   . HOH C 3 .   ? 8.64914   -12.48625 -0.09530  1.000 22.14379 ? 316 HOH A O   1 
HETATM 815 O O   . HOH C 3 .   ? 1.86705   -14.95572 -15.19423 1.000 21.49952 ? 317 HOH A O   1 
HETATM 816 O O   . HOH C 3 .   ? -4.74625  3.35545   17.93827  1.000 36.29243 ? 318 HOH A O   1 
HETATM 817 O O   . HOH C 3 .   ? -2.14229  -10.62063 0.33236   1.000 18.38805 ? 319 HOH A O   1 
HETATM 818 O O   . HOH C 3 .   ? -2.53995  -6.40435  -18.51280 1.000 19.61656 ? 320 HOH A O   1 
HETATM 819 O O   . HOH C 3 .   ? -5.55106  13.89510  -0.39236  1.000 32.33846 ? 321 HOH A O   1 
HETATM 820 O O   . HOH C 3 .   ? -2.15918  -10.57016 6.76806   1.000 32.52638 ? 322 HOH A O   1 
HETATM 821 O O   . HOH C 3 .   ? 4.28870   -10.92402 -13.94065 1.000 33.33449 ? 323 HOH A O   1 
HETATM 822 O O   . HOH C 3 .   ? -0.66428  -14.04466 2.59623   1.000 25.78862 ? 324 HOH A O   1 
HETATM 823 O O   . HOH C 3 .   ? -4.31384  5.11358   -4.09175  1.000 18.50810 ? 325 HOH A O   1 
HETATM 824 O O   . HOH C 3 .   ? -0.37964  13.74614  8.73764   1.000 30.54538 ? 326 HOH A O   1 
HETATM 825 O O   . HOH C 3 .   ? -2.48586  -14.75439 -9.98521  1.000 27.12934 ? 327 HOH A O   1 
HETATM 826 O O   . HOH C 3 .   ? 14.37295  -0.03675  9.19435   1.000 21.08635 ? 328 HOH A O   1 
HETATM 827 O O   . HOH C 3 .   ? -3.58947  13.45411  10.17373  1.000 23.76615 ? 329 HOH A O   1 
HETATM 828 O O   . HOH C 3 .   ? 12.20822  3.36093   8.50088   1.000 21.44586 ? 330 HOH A O   1 
HETATM 829 O O   . HOH C 3 .   ? -1.01274  11.24091  11.37824  1.000 30.93930 ? 331 HOH A O   1 
HETATM 830 O O   . HOH C 3 .   ? -4.04152  -4.18009  -19.36865 1.000 27.31669 ? 332 HOH A O   1 
HETATM 831 O O   . HOH C 3 .   ? 1.03036   8.06293   5.44843   1.000 22.03982 ? 333 HOH A O   1 
HETATM 832 O O   . HOH C 3 .   ? 6.43228   -10.26310 -6.34424  1.000 17.73960 ? 334 HOH A O   1 
HETATM 833 O O   . HOH C 3 .   ? -0.82111  12.94080  0.87229   1.000 34.58852 ? 335 HOH A O   1 
HETATM 834 O O   . HOH C 3 .   ? -0.71190  -7.57228  4.55512   1.000 20.63600 ? 336 HOH A O   1 
HETATM 835 O O   . HOH C 3 .   ? -10.86233 -2.65607  -1.76241  1.000 29.39591 ? 337 HOH A O   1 
HETATM 836 O O   . HOH C 3 .   ? 9.49651   -1.13650  -13.82704 1.000 23.53839 ? 338 HOH A O   1 
HETATM 837 O O   . HOH C 3 .   ? -7.55211  0.63293   -8.47494  1.000 24.88044 ? 339 HOH A O   1 
HETATM 838 O O   . HOH C 3 .   ? 8.49682   6.41303   7.21602   1.000 18.31935 ? 340 HOH A O   1 
HETATM 839 O O   . HOH C 3 .   ? 9.87924   5.26005   0.61066   1.000 27.19112 ? 341 HOH A O   1 
HETATM 840 O O   . HOH C 3 .   ? 9.62502   3.81536   9.43247   1.000 21.99348 ? 342 HOH A O   1 
HETATM 841 O O   . HOH C 3 .   ? 12.85389  -3.33710  2.77859   1.000 25.38759 ? 343 HOH A O   1 
HETATM 842 O O   . HOH C 3 .   ? -8.98736  3.57206   0.10207   1.000 25.60461 ? 344 HOH A O   1 
HETATM 843 O O   . HOH C 3 .   ? 3.59592   10.55348  -1.50949  1.000 23.48520 ? 345 HOH A O   1 
HETATM 844 O O   . HOH C 3 .   ? 15.68605  -11.85402 6.52454   1.000 18.97211 ? 346 HOH A O   1 
HETATM 845 O O   . HOH C 3 .   ? -1.22984  12.21353  4.02949   1.000 25.73808 ? 347 HOH A O   1 
HETATM 846 O O   . HOH C 3 .   ? -5.30139  8.26195   -5.88461  1.000 24.83926 ? 348 HOH A O   1 
HETATM 847 O O   . HOH C 3 .   ? 3.71345   6.21741   -12.21412 1.000 30.84249 ? 349 HOH A O   1 
HETATM 848 O O   . HOH C 3 .   ? -6.37208  -10.57577 -8.92933  1.000 23.49504 ? 350 HOH A O   1 
HETATM 849 O O   . HOH C 3 .   ? 3.95652   -12.18801 -9.14457  1.000 25.44757 ? 351 HOH A O   1 
HETATM 850 O O   . HOH C 3 .   ? 9.43579   8.59862   -8.06871  1.000 19.90462 ? 352 HOH A O   1 
HETATM 851 O O   . HOH C 3 .   ? -6.80226  1.59220   -10.72941 1.000 23.41706 ? 353 HOH A O   1 
HETATM 852 O O   . HOH C 3 .   ? 4.99746   4.99027   -15.66191 1.000 31.46135 ? 354 HOH A O   1 
HETATM 853 O O   . HOH C 3 .   ? 10.32203  -7.13075  -10.17341 1.000 30.43357 ? 355 HOH A O   1 
HETATM 854 O O   . HOH C 3 .   ? 11.23282  -3.27436  9.85466   1.000 19.58768 ? 356 HOH A O   1 
HETATM 855 O O   . HOH C 3 .   ? -5.37482  -9.89075  -6.63861  1.000 24.27231 ? 357 HOH A O   1 
HETATM 856 O O   . HOH C 3 .   ? 11.15329  1.77870   0.73079   1.000 28.19844 ? 358 HOH A O   1 
HETATM 857 O O   . HOH C 3 .   ? -6.88846  -1.25551  -6.17739  1.000 27.98890 ? 359 HOH A O   1 
HETATM 858 O O   . HOH C 3 .   ? 7.03013   7.57848   3.14278   0.50  18.60712 ? 360 HOH A O   1 
HETATM 859 O O   . HOH C 3 .   ? 5.82218   -9.96330  5.81960   1.000 21.52657 ? 361 HOH A O   1 
HETATM 860 O O   . HOH C 3 .   ? 9.76445   -0.17475  -3.24825  1.000 19.81155 ? 362 HOH A O   1 
HETATM 861 O O   . HOH C 3 .   ? 8.92779   5.70792   4.52962   1.000 17.03810 ? 363 HOH A O   1 
HETATM 862 O O   . HOH C 3 .   ? -5.78114  -7.63543  10.90742  1.000 30.04219 ? 364 HOH A O   1 
HETATM 863 O O   . HOH C 3 .   ? -6.97400  -7.69475  -9.14742  1.000 28.10527 ? 365 HOH A O   1 
HETATM 864 O O   . HOH C 3 .   ? 10.79371  4.90348   -16.59795 1.000 32.57946 ? 366 HOH A O   1 
HETATM 865 O O   . HOH C 3 .   ? 11.60067  -2.21833  -3.85758  1.000 21.88046 ? 367 HOH A O   1 
HETATM 866 O O   . HOH C 3 .   ? 0.30876   -14.75439 -4.94207  1.000 23.77049 ? 368 HOH A O   1 
HETATM 867 O O   . HOH C 3 .   ? 0.96687   4.30022   18.04348  1.000 29.88293 ? 369 HOH A O   1 
HETATM 868 O O   . HOH C 3 .   ? -9.57330  7.23246   -1.48319  1.000 25.61645 ? 370 HOH A O   1 
HETATM 869 O O   . HOH C 3 .   ? -3.75694  -8.54742  9.75730   1.000 28.78199 ? 371 HOH A O   1 
HETATM 870 O O   . HOH C 3 .   ? 13.19426  -0.22256  2.85220   1.000 28.63420 ? 372 HOH A O   1 
HETATM 871 O O   . HOH C 3 .   ? 2.39590   12.86674  -2.44550  1.000 24.49802 ? 373 HOH A O   1 
HETATM 872 O O   . HOH C 3 .   ? 1.45279   -14.96536 -7.41962  1.000 27.23566 ? 374 HOH A O   1 
HETATM 873 O O   . HOH C 3 .   ? -6.27131  -15.42758 -11.38091 1.000 25.59210 ? 375 HOH A O   1 
HETATM 874 O O   . HOH C 3 .   ? 7.66690   1.90335   17.32577  1.000 31.05338 ? 376 HOH A O   1 
HETATM 875 O O   . HOH C 3 .   ? -9.14200  12.38854  1.95319   1.000 34.38531 ? 377 HOH A O   1 
HETATM 876 O O   . HOH C 3 .   ? 11.57637  -4.50577  -2.58613  1.000 25.84240 ? 378 HOH A O   1 
HETATM 877 O O   . HOH C 3 .   ? -10.47547 10.21026  1.26463   1.000 32.17283 ? 379 HOH A O   1 
HETATM 878 O O   . HOH C 3 .   ? -8.45136  -3.24993  -6.65931  1.000 28.86695 ? 380 HOH A O   1 
HETATM 879 O O   . HOH C 3 .   ? 9.13342   3.58034   17.58213  1.000 35.32580 ? 381 HOH A O   1 
HETATM 880 O O   . HOH C 3 .   ? -2.61047  16.43198  7.13935   1.000 27.62918 ? 382 HOH A O   1 
HETATM 881 O O   . HOH C 3 .   ? -1.90405  -16.27001 -11.88340 1.000 29.35556 ? 383 HOH A O   1 
HETATM 882 O O   . HOH C 3 .   ? 12.92615  3.01846   2.82369   1.000 29.84179 ? 384 HOH A O   1 
HETATM 883 O O   . HOH C 3 .   ? 14.21860  -2.88413  9.97446   1.000 22.66450 ? 385 HOH A O   1 
HETATM 884 O O   . HOH C 3 .   ? 2.88005   9.55969   4.26657   1.000 20.41078 ? 386 HOH A O   1 
HETATM 885 O O   . HOH C 3 .   ? 15.82880  0.97555   4.19751   1.000 27.44503 ? 387 HOH A O   1 
HETATM 886 O O   . HOH C 3 .   ? 2.15410   -16.97947 -13.56151 1.000 25.33773 ? 388 HOH A O   1 
HETATM 887 O O   . HOH C 3 .   ? 9.86970   -4.23759  11.76489  1.000 26.42841 ? 389 HOH A O   1 
HETATM 888 O O   . HOH C 3 .   ? -3.13195  -7.85354  -21.03990 1.000 24.54920 ? 390 HOH A O   1 
HETATM 889 O O   . HOH C 3 .   ? -5.58484  -7.54521  -22.23033 1.000 21.16463 ? 391 HOH A O   1 
HETATM 890 O O   . HOH C 3 .   ? -9.07337  5.57016   2.06519   1.000 28.40297 ? 392 HOH A O   1 
# 
loop_
_atom_site_anisotrop.id 
_atom_site_anisotrop.type_symbol 
_atom_site_anisotrop.pdbx_label_atom_id 
_atom_site_anisotrop.pdbx_label_alt_id 
_atom_site_anisotrop.pdbx_label_comp_id 
_atom_site_anisotrop.pdbx_label_asym_id 
_atom_site_anisotrop.pdbx_label_seq_id 
_atom_site_anisotrop.pdbx_PDB_ins_code 
_atom_site_anisotrop.U[1][1] 
_atom_site_anisotrop.U[2][2] 
_atom_site_anisotrop.U[3][3] 
_atom_site_anisotrop.U[1][2] 
_atom_site_anisotrop.U[1][3] 
_atom_site_anisotrop.U[2][3] 
_atom_site_anisotrop.pdbx_auth_seq_id 
_atom_site_anisotrop.pdbx_auth_comp_id 
_atom_site_anisotrop.pdbx_auth_asym_id 
_atom_site_anisotrop.pdbx_auth_atom_id 
1   N N   . MET A 1   ? 0.67497 0.51250 0.36645 0.11173  0.11736  -0.19031 1   MET A N   
2   C CA  . MET A 1   ? 0.74657 0.59209 0.45939 0.10946  0.11113  -0.16373 1   MET A CA  
3   C C   . MET A 1   ? 0.74490 0.61260 0.44946 0.11154  0.13016  -0.13897 1   MET A C   
4   O O   . MET A 1   ? 0.75532 0.63097 0.44947 0.10709  0.12142  -0.11880 1   MET A O   
5   C CB  . MET A 1   ? 0.69661 0.53485 0.38945 0.10038  0.08014  -0.16202 1   MET A CB  
6   C CG  . MET A 1   ? 0.73485 0.57652 0.37351 0.09513  0.06891  -0.16603 1   MET A CG  
7   S SD  . MET A 1   ? 0.87607 0.71715 0.50537 0.08397  0.03093  -0.15924 1   MET A SD  
8   C CE  . MET A 1   ? 0.71335 0.56221 0.28368 0.07996  0.02364  -0.16044 1   MET A CE  
9   N N   . GLY A 2   ? 0.73393 0.61228 0.44789 0.11793  0.15558  -0.14043 2   GLY A N   
10  C CA  . GLY A 2   ? 0.63608 0.53507 0.34732 0.11853  0.17444  -0.11755 2   GLY A CA  
11  C C   . GLY A 2   ? 0.61570 0.52751 0.37580 0.11729  0.17902  -0.09278 2   GLY A C   
12  O O   . GLY A 2   ? 0.63936 0.54498 0.42204 0.11454  0.16360  -0.08873 2   GLY A O   
13  N N   . LYS A 3   ? 0.61479 0.54504 0.39314 0.11851  0.19953  -0.07643 3   LYS A N   
14  C CA  . LYS A 3   ? 0.58674 0.53127 0.41303 0.11516  0.20183  -0.05286 3   LYS A CA  
15  C C   . LYS A 3   ? 0.55109 0.49879 0.43651 0.11882  0.20490  -0.05703 3   LYS A C   
16  O O   . LYS A 3   ? 0.51485 0.46793 0.43965 0.11498  0.19536  -0.04449 3   LYS A O   
17  C CB  . LYS A 3   ? 0.56326 0.52511 0.38979 0.11288  0.21888  -0.03266 3   LYS A CB  
18  C CG  . LYS A 3   ? 0.51633 0.49101 0.38386 0.10642  0.21537  -0.00804 3   LYS A CG  
19  C CD  . LYS A 3   ? 0.54513 0.53615 0.46186 0.10692  0.23209  0.00175  3   LYS A CD  
20  C CE  . LYS A 3   ? 0.56280 0.56272 0.46137 0.10579  0.24971  0.01399  3   LYS A CE  
21  N NZ  . LYS A 3   ? 0.50517 0.52081 0.45489 0.10538  0.26447  0.02470  3   LYS A NZ  
22  N N   . ALA A 4   ? 0.53061 0.47634 0.42394 0.12621  0.21680  -0.07400 4   ALA A N   
23  C CA  . ALA A 4   ? 0.52626 0.47422 0.47628 0.13031  0.21640  -0.07717 4   ALA A CA  
24  C C   . ALA A 4   ? 0.47851 0.41028 0.44273 0.12828  0.19409  -0.08370 4   ALA A C   
25  O O   . ALA A 4   ? 0.45735 0.39516 0.46966 0.12594  0.18525  -0.07217 4   ALA A O   
26  C CB  . ALA A 4   ? 0.53990 0.48634 0.49116 0.14023  0.23212  -0.09646 4   ALA A CB  
27  N N   . GLU A 5   ? 0.51123 0.42242 0.43407 0.12795  0.18294  -0.10156 5   GLU A N   
28  C CA  . GLU A 5   ? 0.51882 0.41246 0.45352 0.12429  0.16125  -0.10646 5   GLU A CA  
29  C C   . GLU A 5   ? 0.46732 0.37069 0.41252 0.11509  0.14769  -0.08390 5   GLU A C   
30  O O   . GLU A 5   ? 0.46467 0.36843 0.44609 0.10901  0.13000  -0.07645 5   GLU A O   
31  C CB  . GLU A 5   ? 0.56362 0.43388 0.45023 0.12335  0.14935  -0.13009 5   GLU A CB  
32  C CG  . GLU A 5   ? 0.57374 0.43518 0.45256 0.13080  0.15718  -0.15598 5   GLU A CG  
33  C CD  . GLU A 5   ? 0.61987 0.49356 0.45824 0.13437  0.17599  -0.16052 5   GLU A CD  
34  O OE1 . GLU A 5   ? 0.64741 0.54057 0.48529 0.13318  0.18912  -0.13925 5   GLU A OE1 
35  O OE2 . GLU A 5   ? 0.74330 0.60721 0.55156 0.13757  0.17720  -0.18526 5   GLU A OE2 
36  N N   . ALA A 6   ? 0.48060 0.39590 0.39661 0.11123  0.15138  -0.07085 6   ALA A N   
37  C CA  . ALA A 6   ? 0.45632 0.38467 0.38490 0.10006  0.13442  -0.04986 6   ALA A CA  
38  C C   . ALA A 6   ? 0.39621 0.34133 0.38030 0.09891  0.13827  -0.03330 6   ALA A C   
39  O O   . ALA A 6   ? 0.37914 0.32898 0.38751 0.09066  0.11938  -0.02351 6   ALA A O   
40  C CB  . ALA A 6   ? 0.47034 0.40569 0.35880 0.09761  0.13886  -0.03920 6   ALA A CB  
41  N N   . ILE A 7   ? 0.39439 0.34978 0.39915 0.10696  0.16252  -0.03012 7   ILE A N   
42  C CA  . ILE A 7   ? 0.37604 0.34913 0.43674 0.10415  0.16137  -0.01531 7   ILE A CA  
43  C C   . ILE A 7   ? 0.38935 0.35583 0.48498 0.10472  0.14611  -0.02000 7   ILE A C   
44  O O   . ILE A 7   ? 0.36830 0.34372 0.49555 0.09848  0.13100  -0.00716 7   ILE A O   
45  C CB  . ILE A 7   ? 0.40654 0.39305 0.48267 0.10686  0.18046  -0.01173 7   ILE A CB  
46  C CG1 . ILE A 7   ? 0.38364 0.37825 0.43292 0.10339  0.19245  -0.00022 7   ILE A CG1 
47  C CG2 . ILE A 7   ? 0.34631 0.34774 0.47969 0.10365  0.17460  -0.00022 7   ILE A CG2 
48  C CD1 . ILE A 7   ? 0.37843 0.38585 0.44463 0.10519  0.21180  0.00539  7   ILE A CD1 
49  N N   . ASN A 8   ? 0.40834 0.35856 0.49684 0.11133  0.14810  -0.03812 8   ASN A N   
50  C CA  . ASN A 8   ? 0.36506 0.30643 0.48566 0.11138  0.13266  -0.04089 8   ASN A CA  
51  C C   . ASN A 8   ? 0.34686 0.27915 0.46300 0.10331  0.11099  -0.03622 8   ASN A C   
52  O O   . ASN A 8   ? 0.35153 0.28860 0.50086 0.09882  0.09605  -0.02418 8   ASN A O   
53  C CB  . ASN A 8   ? 0.39608 0.31919 0.50689 0.11978  0.13871  -0.06278 8   ASN A CB  
54  C CG  . ASN A 8   ? 0.40165 0.31155 0.54194 0.11920  0.12168  -0.06457 8   ASN A CG  
55  O OD1 . ASN A 8   ? 0.46609 0.38406 0.64470 0.12124  0.12024  -0.05651 8   ASN A OD1 
56  N ND2 . ASN A 8   ? 0.39076 0.27978 0.51324 0.11535  0.10813  -0.07400 8   ASN A ND2 
57  N N   . GLU A 9   ? 0.36265 0.28585 0.43312 0.09746  0.10350  -0.04361 9   GLU A N   
58  C CA  . GLU A 9   ? 0.36374 0.28257 0.42749 0.08595  0.07942  -0.03877 9   GLU A CA  
59  C C   . GLU A 9   ? 0.34024 0.27842 0.42020 0.07750  0.07028  -0.01791 9   GLU A C   
60  O O   . GLU A 9   ? 0.30193 0.24101 0.40008 0.07079  0.05425  -0.00946 9   GLU A O   
61  C CB  . GLU A 9   ? 0.39292 0.30172 0.40846 0.08198  0.07329  -0.05026 9   GLU A CB  
62  C CG  . GLU A 9   ? 0.37508 0.28567 0.38541 0.06973  0.05124  -0.04258 9   GLU A CG  
63  C CD  . GLU A 9   ? 0.39185 0.29295 0.36142 0.06628  0.04230  -0.05466 9   GLU A CD  
64  O OE1 . GLU A 9   ? 0.45204 0.33586 0.40468 0.07076  0.04384  -0.07418 9   GLU A OE1 
65  O OE2 . GLU A 9   ? 0.37812 0.28894 0.33385 0.05937  0.03287  -0.04545 9   GLU A OE2 
66  N N   . ILE A 10  ? 0.33341 0.28639 0.40651 0.07755  0.08079  -0.00955 10  ILE A N   
67  C CA  . ILE A 10  ? 0.30493 0.27427 0.39249 0.06940  0.07203  0.00704  10  ILE A CA  
68  C C   . ILE A 10  ? 0.28716 0.26669 0.42008 0.07018  0.06866  0.01668  10  ILE A C   
69  O O   . ILE A 10  ? 0.26526 0.25070 0.40991 0.06265  0.05266  0.02606  10  ILE A O   
70  C CB  . ILE A 10  ? 0.30300 0.28306 0.37612 0.06917  0.08445  0.01366  10  ILE A CB  
71  C CG1 . ILE A 10  ? 0.35715 0.32806 0.38403 0.06744  0.08220  0.00769  10  ILE A CG1 
72  C CG2 . ILE A 10  ? 0.22708 0.22254 0.32190 0.06137  0.07642  0.02832  10  ILE A CG2 
73  C CD1 . ILE A 10  ? 0.34999 0.32924 0.36084 0.06708  0.09309  0.01734  10  ILE A CD1 
74  N N   . GLN A 11  ? 0.27674 0.25937 0.43569 0.07966  0.08350  0.01458  11  GLN A N   
75  C CA  . GLN A 11  ? 0.28985 0.28401 0.48974 0.07826  0.07615  0.02427  11  GLN A CA  
76  C C   . GLN A 11  ? 0.30465 0.28889 0.51349 0.07550  0.05792  0.02553  11  GLN A C   
77  O O   . GLN A 11  ? 0.29366 0.28752 0.51866 0.06833  0.04286  0.03714  11  GLN A O   
78  C CB  . GLN A 11  ? 0.27584 0.27480 0.49385 0.08489  0.09214  0.02026  11  GLN A CB  
79  C CG  . GLN A 11  ? 0.26696 0.27981 0.48472 0.08413  0.10810  0.02517  11  GLN A CG  
80  C CD  . GLN A 11  ? 0.28785 0.30521 0.52362 0.09079  0.12521  0.02139  11  GLN A CD  
81  O OE1 . GLN A 11  ? 0.30131 0.30842 0.53873 0.09868  0.13014  0.01016  11  GLN A OE1 
82  N NE2 . GLN A 11  ? 0.29875 0.33063 0.54990 0.08755  0.13426  0.03050  11  GLN A NE2 
83  N N   . LYS A 12  ? 0.31284 0.27679 0.50910 0.08023  0.05892  0.01346  12  LYS A N   
84  C CA  . LYS A 12  ? 0.30787 0.26089 0.51298 0.07618  0.04233  0.01637  12  LYS A CA  
85  C C   . LYS A 12  ? 0.29330 0.24830 0.48644 0.06597  0.02617  0.02649  12  LYS A C   
86  O O   . LYS A 12  ? 0.29125 0.25060 0.49447 0.05903  0.01199  0.03797  12  LYS A O   
87  C CB  . LYS A 12  ? 0.31446 0.24328 0.51007 0.08215  0.04681  -0.00084 12  LYS A CB  
88  C CG  . LYS A 12  ? 0.38278 0.29684 0.57899 0.07508  0.02974  0.00173  12  LYS A CG  
89  C CD  . LYS A 12  ? 0.46206 0.35139 0.65368 0.07983  0.03279  -0.01684 12  LYS A CD  
90  C CE  . LYS A 12  ? 0.50076 0.37545 0.68994 0.07017  0.01651  -0.01482 12  LYS A CE  
91  N NZ  . LYS A 12  ? 0.48743 0.37339 0.69603 0.06227  0.00367  0.00744  12  LYS A NZ  
92  N N   . ALA A 13  ? 0.27248 0.22790 0.43258 0.06090  0.02739  0.02150  13  ALA A N   
93  C CA  . ALA A 13  ? 0.28846 0.24823 0.43321 0.04964  0.01333  0.02908  13  ALA A CA  
94  C C   . ALA A 13  ? 0.26745 0.24645 0.42339 0.04506  0.00798  0.04269  13  ALA A C   
95  O O   . ALA A 13  ? 0.24284 0.22609 0.39862 0.03768  -0.00466 0.05193  13  ALA A O   
96  C CB  . ALA A 13  ? 0.25022 0.20643 0.35983 0.04604  0.01516  0.01981  13  ALA A CB  
97  N N   . VAL A 14  ? 0.22932 0.22003 0.39495 0.04893  0.01783  0.04364  14  VAL A N   
98  C CA  . VAL A 14  ? 0.20793 0.21603 0.38770 0.04408  0.01140  0.05413  14  VAL A CA  
99  C C   . VAL A 14  ? 0.22531 0.23813 0.42520 0.04129  -0.00003 0.06172  14  VAL A C   
100 O O   . VAL A 14  ? 0.19003 0.21141 0.38724 0.03346  -0.01255 0.06887  14  VAL A O   
101 C CB  . VAL A 14  ? 0.21863 0.23734 0.40859 0.04755  0.02541  0.05345  14  VAL A CB  
102 C CG1 . VAL A 14  ? 0.19826 0.23267 0.40777 0.04074  0.01720  0.06120  14  VAL A CG1 
103 C CG2 . VAL A 14  ? 0.21944 0.23517 0.37773 0.04468  0.03250  0.04855  14  VAL A CG2 
104 N N   . ALA A 15  ? 0.20872 0.21528 0.42547 0.04737  0.00427  0.05932  15  ALA A N   
105 C CA  . ALA A 15  ? 0.24137 0.25194 0.47699 0.04498  -0.00652 0.06750  15  ALA A CA  
106 C C   . ALA A 15  ? 0.25597 0.25786 0.48044 0.03983  -0.01912 0.07330  15  ALA A C   
107 O O   . ALA A 15  ? 0.29124 0.29910 0.52224 0.03519  -0.03087 0.08338  15  ALA A O   
108 C CB  . ALA A 15  ? 0.18568 0.19272 0.44626 0.05370  0.00294  0.06342  15  ALA A CB  
109 N N   . SER A 16  ? 0.24206 0.22974 0.44996 0.04012  -0.01692 0.06776  16  SER A N   
110 C CA  . SER A 16  ? 0.24129 0.21989 0.44221 0.03450  -0.02651 0.07368  16  SER A CA  
111 C C   . SER A 16  ? 0.25065 0.23386 0.42769 0.02552  -0.03282 0.07832  16  SER A C   
112 O O   . SER A 16  ? 0.29542 0.27316 0.46596 0.01971  -0.03884 0.08430  16  SER A O   
113 C CB  . SER A 16  ? 0.26190 0.21967 0.46526 0.03931  -0.02119 0.06394  16  SER A CB  
114 O OG  . SER A 16  ? 0.31089 0.26104 0.49966 0.04303  -0.01246 0.05138  16  SER A OG  
115 N N   . ASN A 17  ? 0.23927 0.23286 0.40500 0.02414  -0.03056 0.07600  17  ASN A N   
116 C CA  . ASN A 17  ? 0.23157 0.23105 0.37603 0.01630  -0.03541 0.07924  17  ASN A CA  
117 C C   . ASN A 17  ? 0.19875 0.21454 0.34124 0.01255  -0.04064 0.08330  17  ASN A C   
118 O O   . ASN A 17  ? 0.19909 0.22185 0.35325 0.01601  -0.03693 0.07982  17  ASN A O   
119 C CB  . ASN A 17  ? 0.20120 0.19656 0.32959 0.01669  -0.02795 0.06892  17  ASN A CB  
120 C CG  . ASN A 17  ? 0.24814 0.22758 0.37141 0.01646  -0.02642 0.06256  17  ASN A CG  
121 O OD1 . ASN A 17  ? 0.24346 0.22054 0.36041 0.00952  -0.03157 0.06676  17  ASN A OD1 
122 N ND2 . ASN A 17  ? 0.23642 0.20519 0.36282 0.02372  -0.01888 0.05168  17  ASN A ND2 
123 N N   . LYS A 18  ? 0.22151 0.24288 0.34958 0.00525  -0.04875 0.09029  18  LYS A N   
124 C CA  . LYS A 18  ? 0.19524 0.22991 0.31708 0.00137  -0.05537 0.09169  18  LYS A CA  
125 C C   . LYS A 18  ? 0.20107 0.24155 0.31830 0.00147  -0.05076 0.08345  18  LYS A C   
126 O O   . LYS A 18  ? 0.22932 0.27809 0.35659 0.00161  -0.05248 0.08037  18  LYS A O   
127 C CB  . LYS A 18  ? 0.19944 0.23792 0.30032 -0.00570 -0.06279 0.09945  18  LYS A CB  
128 C CG  . LYS A 18  ? 0.19679 0.23397 0.30339 -0.00620 -0.07039 0.10998  18  LYS A CG  
129 C CD  . LYS A 18  ? 0.30029 0.33886 0.38391 -0.01259 -0.07358 0.11910  18  LYS A CD  
130 C CE  . LYS A 18  ? 0.31682 0.35727 0.40162 -0.01320 -0.08362 0.13078  18  LYS A CE  
131 N NZ  . LYS A 18  ? 0.35127 0.38428 0.46586 -0.00743 -0.08453 0.13393  18  LYS A NZ  
132 N N   . VAL A 19  ? 0.19682 0.23214 0.29944 0.00027  -0.04378 0.07799  19  VAL A N   
133 C CA  . VAL A 19  ? 0.18868 0.22627 0.28403 -0.00013 -0.03646 0.06782  19  VAL A CA  
134 C C   . VAL A 19  ? 0.21122 0.23850 0.30201 0.00333  -0.02764 0.06215  19  VAL A C   
135 O O   . VAL A 19  ? 0.22546 0.24657 0.30865 0.00134  -0.02831 0.06284  19  VAL A O   
136 C CB  . VAL A 19  ? 0.16132 0.20549 0.23828 -0.00650 -0.03848 0.06463  19  VAL A CB  
137 C CG1 . VAL A 19  ? 0.18412 0.22834 0.25872 -0.00573 -0.03122 0.05519  19  VAL A CG1 
138 C CG2 . VAL A 19  ? 0.17308 0.22675 0.24842 -0.01023 -0.04876 0.06782  19  VAL A CG2 
139 N N   . ILE A 20  ? 0.16844 0.19410 0.26370 0.00799  -0.01987 0.05706  20  ILE A N   
140 C CA  . ILE A 20  ? 0.17816 0.19460 0.26325 0.01156  -0.01275 0.05102  20  ILE A CA  
141 C C   . ILE A 20  ? 0.17269 0.19202 0.25346 0.01302  -0.00604 0.04819  20  ILE A C   
142 O O   . ILE A 20  ? 0.14357 0.16874 0.23765 0.01396  -0.00280 0.05051  20  ILE A O   
143 C CB  . ILE A 20  ? 0.19836 0.20545 0.29151 0.01814  -0.00817 0.04926  20  ILE A CB  
144 C CG1 . ILE A 20  ? 0.22443 0.22157 0.30048 0.02162  -0.00206 0.04068  20  ILE A CG1 
145 C CG2 . ILE A 20  ? 0.18965 0.20274 0.30335 0.02298  -0.00281 0.05221  20  ILE A CG2 
146 C CD1 . ILE A 20  ? 0.20564 0.19045 0.28497 0.02773  0.00207  0.03474  20  ILE A CD1 
147 N N   . VAL A 21  ? 0.18849 0.20400 0.25373 0.01282  -0.00493 0.04448  21  VAL A N   
148 C CA  . VAL A 21  ? 0.17120 0.18771 0.23145 0.01441  0.00025  0.04440  21  VAL A CA  
149 C C   . VAL A 21  ? 0.19879 0.20685 0.24165 0.01903  0.00386  0.04150  21  VAL A C   
150 O O   . VAL A 21  ? 0.21816 0.22255 0.25044 0.01769  -0.00235 0.03765  21  VAL A O   
151 C CB  . VAL A 21  ? 0.16825 0.18983 0.22712 0.01009  -0.00423 0.04361  21  VAL A CB  
152 C CG1 . VAL A 21  ? 0.18740 0.20791 0.24583 0.01242  0.00057  0.04552  21  VAL A CG1 
153 C CG2 . VAL A 21  ? 0.15783 0.18693 0.22668 0.00527  -0.00863 0.04381  21  VAL A CG2 
154 N N   . TYR A 22  ? 0.19201 0.19774 0.23176 0.02405  0.01372  0.04338  22  TYR A N   
155 C CA  . TYR A 22  ? 0.22161 0.21993 0.23769 0.02856  0.01725  0.04119  22  TYR A CA  
156 C C   . TYR A 22  ? 0.25527 0.25562 0.26434 0.02773  0.01513  0.04679  22  TYR A C   
157 O O   . TYR A 22  ? 0.21407 0.21891 0.23693 0.02659  0.01955  0.05347  22  TYR A O   
158 C CB  . TYR A 22  ? 0.20588 0.20134 0.21847 0.03487  0.03147  0.04162  22  TYR A CB  
159 C CG  . TYR A 22  ? 0.28381 0.27436 0.30264 0.03765  0.03287  0.03403  22  TYR A CG  
160 C CD1 . TYR A 22  ? 0.22355 0.22005 0.27102 0.03698  0.03370  0.03687  22  TYR A CD1 
161 C CD2 . TYR A 22  ? 0.24806 0.22723 0.24597 0.04087  0.03134  0.02367  22  TYR A CD2 
162 C CE1 . TYR A 22  ? 0.24709 0.23806 0.30452 0.04042  0.03415  0.03158  22  TYR A CE1 
163 C CE2 . TYR A 22  ? 0.26258 0.23455 0.27009 0.04379  0.03255  0.01593  22  TYR A CE2 
164 C CZ  . TYR A 22  ? 0.27116 0.24893 0.30967 0.04399  0.03444  0.02091  22  TYR A CZ  
165 O OH  . TYR A 22  ? 0.28859 0.25824 0.34070 0.04787  0.03509  0.01487  22  TYR A OH  
166 N N   . SER A 23  ? 0.25063 0.24746 0.24203 0.02813  0.00695  0.04407  23  SER A N   
167 C CA  . SER A 23  ? 0.24244 0.24235 0.23423 0.02731  0.00116  0.04942  23  SER A CA  
168 C C   . SER A 23  ? 0.28865 0.28366 0.25498 0.03067  -0.00552 0.04911  23  SER A C   
169 O O   . SER A 23  ? 0.30971 0.29825 0.25581 0.03288  -0.00586 0.04234  23  SER A O   
170 C CB  . SER A 23  ? 0.22249 0.22925 0.23232 0.02200  -0.00699 0.04618  23  SER A CB  
171 O OG  . SER A 23  ? 0.24980 0.25955 0.26172 0.02247  -0.01361 0.04890  23  SER A OG  
172 N N   . LYS A 24  ? 0.23647 0.23418 0.20444 0.03142  -0.01176 0.05597  24  LYS A N   
173 C CA  . LYS A 24  ? 0.25540 0.25166 0.20483 0.03363  -0.02401 0.05639  24  LYS A CA  
174 C C   . LYS A 24  ? 0.27666 0.28130 0.24929 0.03121  -0.03478 0.05718  24  LYS A C   
175 O O   . LYS A 24  ? 0.26718 0.27639 0.26367 0.02979  -0.02992 0.05986  24  LYS A O   
176 C CB  . LYS A 24  ? 0.29056 0.28184 0.21642 0.03932  -0.02042 0.06817  24  LYS A CB  
177 C CG  . LYS A 24  ? 0.36833 0.35259 0.26756 0.04262  -0.00754 0.06663  24  LYS A CG  
178 C CD  . LYS A 24  ? 0.37466 0.35488 0.24764 0.04788  -0.00182 0.08109  24  LYS A CD  
179 C CE  . LYS A 24  ? 0.36168 0.33688 0.21054 0.05150  0.01599  0.07951  24  LYS A CE  
180 N NZ  . LYS A 24  ? 0.39885 0.37073 0.21901 0.05630  0.02457  0.09601  24  LYS A NZ  
181 N N   . THR A 25  ? 0.28006 0.28718 0.24726 0.03070  -0.04939 0.05339  25  THR A N   
182 C CA  . THR A 25  ? 0.26402 0.28172 0.25823 0.02876  -0.05866 0.05369  25  THR A CA  
183 C C   . THR A 25  ? 0.24533 0.26530 0.25291 0.03349  -0.05748 0.06524  25  THR A C   
184 O O   . THR A 25  ? 0.21409 0.24004 0.24946 0.03252  -0.05273 0.06470  25  THR A O   
185 C CB  . THR A 25  ? 0.29611 0.31709 0.28514 0.02736  -0.07637 0.04883  25  THR A CB  
186 O OG1 . THR A 25  ? 0.27120 0.28845 0.25550 0.02199  -0.07723 0.03702  25  THR A OG1 
187 C CG2 . THR A 25  ? 0.25221 0.28702 0.27511 0.02622  -0.08488 0.05076  25  THR A CG2 
188 N N   . TYR A 26  ? 0.26330 0.27743 0.25047 0.03889  -0.06130 0.07586  26  TYR A N   
189 C CA  . TYR A 26  ? 0.24260 0.25590 0.24328 0.04391  -0.06085 0.08960  26  TYR A CA  
190 C C   . TYR A 26  ? 0.26435 0.26930 0.26302 0.04429  -0.04382 0.09601  26  TYR A C   
191 O O   . TYR A 26  ? 0.27320 0.27014 0.24601 0.04646  -0.03824 0.10401  26  TYR A O   
192 C CB  . TYR A 26  ? 0.24519 0.25469 0.22403 0.04850  -0.07288 0.09623  26  TYR A CB  
193 C CG  . TYR A 26  ? 0.26863 0.27679 0.26759 0.05259  -0.07378 0.10455  26  TYR A CG  
194 C CD1 . TYR A 26  ? 0.27806 0.27527 0.27230 0.05454  -0.06398 0.11613  26  TYR A CD1 
195 C CD2 . TYR A 26  ? 0.23585 0.25443 0.26193 0.05388  -0.08352 0.10109  26  TYR A CD2 
196 C CE1 . TYR A 26  ? 0.26407 0.25899 0.27882 0.05803  -0.06556 0.12407  26  TYR A CE1 
197 C CE2 . TYR A 26  ? 0.24419 0.26143 0.29063 0.05821  -0.08412 0.10880  26  TYR A CE2 
198 C CZ  . TYR A 26  ? 0.25865 0.26321 0.29885 0.06042  -0.07585 0.12021  26  TYR A CZ  
199 O OH  . TYR A 26  ? 0.26931 0.27147 0.33199 0.06447  -0.07708 0.12814  26  TYR A OH  
200 N N   . CYS A 27  ? 0.21295 0.21995 0.23939 0.04126  -0.03495 0.09065  27  CYS A N   
201 C CA  . CYS A 27  ? 0.25432 0.25524 0.28535 0.03963  -0.02052 0.09359  27  CYS A CA  
202 C C   . CYS A 27  ? 0.24588 0.24917 0.30996 0.03694  -0.01637 0.08696  27  CYS A C   
203 O O   . CYS A 27  ? 0.21694 0.22593 0.28719 0.03231  -0.01453 0.07442  27  CYS A O   
204 C CB  . CYS A 27  ? 0.21338 0.21377 0.22641 0.03638  -0.01330 0.08617  27  CYS A CB  
205 S SG  . CYS A 27  ? 0.24609 0.24404 0.27432 0.03303  0.00237  0.08711  27  CYS A SG  
206 N N   . PRO A 28  ? 0.21632 0.21451 0.29951 0.03899  -0.01466 0.09301  28  PRO A N   
207 C CA  . PRO A 28  ? 0.19919 0.19800 0.31316 0.03737  -0.01134 0.08410  28  PRO A CA  
208 C C   . PRO A 28  ? 0.22116 0.21877 0.33986 0.03146  -0.00295 0.07642  28  PRO A C   
209 O O   . PRO A 28  ? 0.21727 0.21908 0.34835 0.02818  -0.00212 0.06267  28  PRO A O   
210 C CB  . PRO A 28  ? 0.23993 0.23089 0.36866 0.03961  -0.01070 0.09107  28  PRO A CB  
211 C CG  . PRO A 28  ? 0.24161 0.22707 0.34689 0.04078  -0.00972 0.10568  28  PRO A CG  
212 C CD  . PRO A 28  ? 0.23895 0.22995 0.31447 0.04209  -0.01576 0.10540  28  PRO A CD  
213 N N   . TYR A 29  ? 0.20567 0.19896 0.31432 0.02978  0.00340  0.08439  29  TYR A N   
214 C CA  . TYR A 29  ? 0.20341 0.19831 0.31989 0.02377  0.00923  0.07698  29  TYR A CA  
215 C C   . TYR A 29  ? 0.21663 0.22034 0.31799 0.02091  0.00671  0.06645  29  TYR A C   
216 O O   . TYR A 29  ? 0.20311 0.21078 0.31290 0.01608  0.00683  0.05705  29  TYR A O   
217 C CB  . TYR A 29  ? 0.22652 0.21648 0.34359 0.02309  0.01844  0.08972  29  TYR A CB  
218 C CG  . TYR A 29  ? 0.24310 0.22581 0.38384 0.02179  0.02214  0.09616  29  TYR A CG  
219 C CD1 . TYR A 29  ? 0.22702 0.20698 0.39725 0.01669  0.02210  0.08747  29  TYR A CD1 
220 C CD2 . TYR A 29  ? 0.27642 0.25546 0.40864 0.02496  0.02438  0.10879  29  TYR A CD2 
221 C CE1 . TYR A 29  ? 0.24557 0.21983 0.43878 0.01470  0.02458  0.09053  29  TYR A CE1 
222 C CE2 . TYR A 29  ? 0.28573 0.25919 0.44078 0.02331  0.02740  0.11425  29  TYR A CE2 
223 C CZ  . TYR A 29  ? 0.30354 0.27487 0.49041 0.01816  0.02770  0.10479  29  TYR A CZ  
224 O OH  . TYR A 29  ? 0.30756 0.27289 0.51964 0.01637  0.03004  0.10925  29  TYR A OH  
225 N N   . CYS A 30  ? 0.19366 0.19970 0.27311 0.02355  0.00319  0.06811  30  CYS A N   
226 C CA  . CYS A 30  ? 0.20191 0.21427 0.27148 0.02068  0.00007  0.05888  30  CYS A CA  
227 C C   . CYS A 30  ? 0.20941 0.22835 0.28943 0.01802  -0.00425 0.04925  30  CYS A C   
228 O O   . CYS A 30  ? 0.16553 0.18933 0.24558 0.01367  -0.00427 0.04226  30  CYS A O   
229 C CB  . CYS A 30  ? 0.21268 0.22401 0.25955 0.02354  -0.00398 0.06081  30  CYS A CB  
230 S SG  . CYS A 30  ? 0.24700 0.25073 0.27258 0.02808  0.00339  0.07089  30  CYS A SG  
231 N N   . VAL A 31  ? 0.19151 0.21134 0.28084 0.02109  -0.00732 0.04973  31  VAL A N   
232 C CA  . VAL A 31  ? 0.20471 0.23186 0.30660 0.01960  -0.00779 0.04011  31  VAL A CA  
233 C C   . VAL A 31  ? 0.21112 0.23708 0.32261 0.01610  -0.00306 0.03167  31  VAL A C   
234 O O   . VAL A 31  ? 0.20072 0.23346 0.31051 0.01257  -0.00187 0.02215  31  VAL A O   
235 C CB  . VAL A 31  ? 0.22374 0.25208 0.34083 0.02517  -0.01093 0.04281  31  VAL A CB  
236 C CG1 . VAL A 31  ? 0.17784 0.21562 0.31000 0.02451  -0.00812 0.03186  31  VAL A CG1 
237 C CG2 . VAL A 31  ? 0.17755 0.20754 0.28344 0.02804  -0.01927 0.05101  31  VAL A CG2 
238 N N   . LYS A 32  ? 0.19709 0.21443 0.31828 0.01650  -0.00063 0.03526  32  LYS A N   
239 C CA  . LYS A 32  ? 0.20775 0.22304 0.33997 0.01218  0.00120  0.02574  32  LYS A CA  
240 C C   . LYS A 32  ? 0.20034 0.22201 0.31986 0.00654  -0.00068 0.02152  32  LYS A C   
241 O O   . LYS A 32  ? 0.20224 0.22800 0.31999 0.00269  -0.00216 0.01030  32  LYS A O   
242 C CB  . LYS A 32  ? 0.18226 0.18698 0.33151 0.01241  0.00368  0.03284  32  LYS A CB  
243 C CG  . LYS A 32  ? 0.22267 0.22184 0.39215 0.00891  0.00375  0.02097  32  LYS A CG  
244 C CD  . LYS A 32  ? 0.27029 0.25729 0.46292 0.00920  0.00663  0.03068  32  LYS A CD  
245 C CE  . LYS A 32  ? 0.31949 0.29762 0.53691 0.00620  0.00559  0.01668  32  LYS A CE  
246 N NZ  . LYS A 32  ? 0.27439 0.23923 0.51954 0.00521  0.00853  0.02783  32  LYS A NZ  
247 N N   . ALA A 33  ? 0.18569 0.20807 0.29542 0.00658  -0.00077 0.03039  33  ALA A N   
248 C CA  . ALA A 33  ? 0.16754 0.19559 0.26930 0.00254  -0.00345 0.02854  33  ALA A CA  
249 C C   . ALA A 33  ? 0.19180 0.22664 0.27928 0.00110  -0.00606 0.02453  33  ALA A C   
250 O O   . ALA A 33  ? 0.20784 0.24791 0.28981 -0.00311 -0.00915 0.02005  33  ALA A O   
251 C CB  . ALA A 33  ? 0.15318 0.17938 0.25188 0.00451  -0.00082 0.03808  33  ALA A CB  
252 N N   . LYS A 34  ? 0.19720 0.23256 0.27931 0.00407  -0.00551 0.02724  34  LYS A N   
253 C CA  . LYS A 34  ? 0.18369 0.22610 0.25776 0.00175  -0.00671 0.02503  34  LYS A CA  
254 C C   . LYS A 34  ? 0.20310 0.25182 0.27888 -0.00057 -0.00395 0.01601  34  LYS A C   
255 O O   . LYS A 34  ? 0.19953 0.25442 0.26497 -0.00475 -0.00389 0.01437  34  LYS A O   
256 C CB  . LYS A 34  ? 0.19948 0.24225 0.27374 0.00474  -0.00819 0.02864  34  LYS A CB  
257 C CG  . LYS A 34  ? 0.20689 0.24314 0.27206 0.00675  -0.01106 0.03465  34  LYS A CG  
258 C CD  . LYS A 34  ? 0.20681 0.24312 0.27108 0.00960  -0.01569 0.03661  34  LYS A CD  
259 C CE  . LYS A 34  ? 0.20401 0.23271 0.25344 0.01156  -0.01881 0.03934  34  LYS A CE  
260 N NZ  . LYS A 34  ? 0.23950 0.26828 0.28525 0.01408  -0.02656 0.04047  34  LYS A NZ  
261 N N   . ASN A 35  ? 0.18106 0.22760 0.26912 0.00250  -0.00095 0.01027  35  ASN A N   
262 C CA  . ASN A 35  ? 0.17677 0.22816 0.26613 0.00151  0.00371  -0.00159 35  ASN A CA  
263 C C   . ASN A 35  ? 0.17438 0.22535 0.25302 -0.00350 0.00119  -0.00894 35  ASN A C   
264 O O   . ASN A 35  ? 0.18052 0.23813 0.24596 -0.00633 0.00386  -0.01688 35  ASN A O   
265 C CB  . ASN A 35  ? 0.19646 0.24281 0.30600 0.00702  0.00711  -0.00689 35  ASN A CB  
266 C CG  . ASN A 35  ? 0.24587 0.29708 0.36725 0.01206  0.00834  -0.00144 35  ASN A CG  
267 O OD1 . ASN A 35  ? 0.26767 0.32824 0.38330 0.01027  0.00856  0.00200  35  ASN A OD1 
268 N ND2 . ASN A 35  ? 0.22283 0.26775 0.36374 0.01811  0.00800  0.00032  35  ASN A ND2 
269 N N   . ALA A 36  ? 0.17538 0.21975 0.25948 -0.00479 -0.00410 -0.00598 36  ALA A N   
270 C CA  . ALA A 36  ? 0.19459 0.24011 0.27217 -0.01009 -0.01010 -0.01226 36  ALA A CA  
271 C C   . ALA A 36  ? 0.19913 0.25274 0.25679 -0.01369 -0.01419 -0.00646 36  ALA A C   
272 O O   . ALA A 36  ? 0.20848 0.26703 0.25039 -0.01772 -0.01779 -0.01315 36  ALA A O   
273 C CB  . ALA A 36  ? 0.14217 0.18128 0.23729 -0.01097 -0.01440 -0.00793 36  ALA A CB  
274 N N   . LEU A 37  ? 0.17937 0.23337 0.23644 -0.01218 -0.01415 0.00602  37  LEU A N   
275 C CA  . LEU A 37  ? 0.20018 0.25949 0.24279 -0.01518 -0.01785 0.01346  37  LEU A CA  
276 C C   . LEU A 37  ? 0.19577 0.26191 0.22416 -0.01697 -0.01204 0.01210  37  LEU A C   
277 O O   . LEU A 37  ? 0.19366 0.26522 0.20515 -0.02096 -0.01447 0.01550  37  LEU A O   
278 C CB  . LEU A 37  ? 0.18654 0.24175 0.23557 -0.01270 -0.01873 0.02472  37  LEU A CB  
279 C CG  . LEU A 37  ? 0.20639 0.25735 0.26913 -0.01076 -0.02175 0.02806  37  LEU A CG  
280 C CD1 . LEU A 37  ? 0.15563 0.20100 0.22192 -0.00657 -0.01861 0.03523  37  LEU A CD1 
281 C CD2 . LEU A 37  ? 0.18249 0.23823 0.24533 -0.01407 -0.03064 0.03043  37  LEU A CD2 
282 N N   . ASN A 38  ? 0.18069 0.24772 0.21711 -0.01402 -0.00419 0.00863  38  ASN A N   
283 C CA  . ASN A 38  ? 0.17867 0.25469 0.20798 -0.01563 0.00386  0.00777  38  ASN A CA  
284 C C   . ASN A 38  ? 0.19499 0.27668 0.20714 -0.01794 0.00817  -0.00316 38  ASN A C   
285 O O   . ASN A 38  ? 0.20481 0.29557 0.20425 -0.02047 0.01606  -0.00174 38  ASN A O   
286 C CB  . ASN A 38  ? 0.17470 0.25238 0.22290 -0.01123 0.01010  0.00565  38  ASN A CB  
287 C CG  . ASN A 38  ? 0.17675 0.25061 0.23504 -0.00996 0.00520  0.01576  38  ASN A CG  
288 O OD1 . ASN A 38  ? 0.18799 0.25797 0.23958 -0.01241 -0.00021 0.02365  38  ASN A OD1 
289 N ND2 . ASN A 38  ? 0.16660 0.24120 0.24132 -0.00574 0.00624  0.01489  38  ASN A ND2 
290 N N   . GLN A 39  ? 0.22327 0.29971 0.23448 -0.01754 0.00368  -0.01447 39  GLN A N   
291 C CA  . GLN A 39  ? 0.28043 0.36068 0.27043 -0.02013 0.00550  -0.02779 39  GLN A CA  
292 C C   . GLN A 39  ? 0.27322 0.35952 0.23486 -0.02576 -0.00081 -0.01938 39  GLN A C   
293 O O   . GLN A 39  ? 0.27512 0.36768 0.21024 -0.02822 0.00352  -0.02674 39  GLN A O   
294 C CB  . GLN A 39  ? 0.26058 0.33203 0.25881 -0.01983 -0.00146 -0.04216 39  GLN A CB  
295 C CG  . GLN A 39  ? 0.27807 0.34151 0.30456 -0.01418 0.00445  -0.04977 39  GLN A CG  
296 C CD  . GLN A 39  ? 0.34272 0.39597 0.37979 -0.01525 -0.00205 -0.06404 39  GLN A CD  
297 O OE1 . GLN A 39  ? 0.34483 0.39868 0.36564 -0.02045 -0.01081 -0.07252 39  GLN A OE1 
298 N NE2 . GLN A 39  ? 0.31406 0.35760 0.37974 -0.01075 0.00091  -0.06599 39  GLN A NE2 
299 N N   . PHE A 40  ? 0.23459 0.31888 0.20058 -0.02726 -0.01051 -0.00388 40  PHE A N   
300 C CA  . PHE A 40  ? 0.27945 0.36797 0.22340 -0.03178 -0.01966 0.00670  40  PHE A CA  
301 C C   . PHE A 40  ? 0.25094 0.34065 0.19693 -0.03280 -0.01793 0.02626  40  PHE A C   
302 O O   . PHE A 40  ? 0.25289 0.34811 0.17681 -0.03664 -0.01796 0.03627  40  PHE A O   
303 C CB  . PHE A 40  ? 0.27297 0.35767 0.22497 -0.03266 -0.03615 0.00673  40  PHE A CB  
304 C CG  . PHE A 40  ? 0.26406 0.34559 0.22084 -0.03296 -0.03988 -0.01236 40  PHE A CG  
305 C CD1 . PHE A 40  ? 0.24953 0.33474 0.17988 -0.03678 -0.04559 -0.02516 40  PHE A CD1 
306 C CD2 . PHE A 40  ? 0.23820 0.31205 0.22511 -0.02976 -0.03796 -0.01744 40  PHE A CD2 
307 C CE1 . PHE A 40  ? 0.24410 0.32417 0.18166 -0.03773 -0.05011 -0.04500 40  PHE A CE1 
308 C CE2 . PHE A 40  ? 0.24742 0.31637 0.24361 -0.03079 -0.04142 -0.03403 40  PHE A CE2 
309 C CZ  . PHE A 40  ? 0.22066 0.29210 0.19400 -0.03494 -0.04790 -0.04896 40  PHE A CZ  
310 N N   . ILE A 41  ? 0.23894 0.32265 0.20982 -0.02970 -0.01667 0.03204  41  ILE A N   
311 C CA  . ILE A 41  ? 0.23070 0.31224 0.20743 -0.03086 -0.01718 0.04825  41  ILE A CA  
312 C C   . ILE A 41  ? 0.24935 0.32897 0.24467 -0.02887 -0.00871 0.04758  41  ILE A C   
313 O O   . ILE A 41  ? 0.22195 0.29413 0.23202 -0.02724 -0.01226 0.05358  41  ILE A O   
314 C CB  . ILE A 41  ? 0.22612 0.30056 0.21424 -0.02906 -0.02919 0.05646  41  ILE A CB  
315 C CG1 . ILE A 41  ? 0.19860 0.26750 0.20577 -0.02434 -0.03050 0.04722  41  ILE A CG1 
316 C CG2 . ILE A 41  ? 0.22641 0.30505 0.19839 -0.03181 -0.04058 0.06197  41  ILE A CG2 
317 C CD1 . ILE A 41  ? 0.22175 0.28443 0.24537 -0.02121 -0.03712 0.05468  41  ILE A CD1 
318 N N   . ALA A 42  ? 0.21180 0.29845 0.20722 -0.02868 0.00194  0.03944  42  ALA A N   
319 C CA  . ALA A 42  ? 0.22510 0.31256 0.24108 -0.02691 0.00766  0.03897  42  ALA A CA  
320 C C   . ALA A 42  ? 0.19178 0.27814 0.21491 -0.03104 0.00684  0.05253  42  ALA A C   
321 O O   . ALA A 42  ? 0.16590 0.25730 0.17848 -0.03626 0.01069  0.06225  42  ALA A O   
322 C CB  . ALA A 42  ? 0.17146 0.26969 0.18991 -0.02607 0.02020  0.02983  42  ALA A CB  
323 N N   . GLY A 43  ? 0.18576 0.26445 0.22593 -0.02894 0.00156  0.05325  43  GLY A N   
324 C CA  . GLY A 43  ? 0.17697 0.25154 0.22791 -0.03299 -0.00090 0.06296  43  GLY A CA  
325 C C   . GLY A 43  ? 0.20000 0.26495 0.24484 -0.03466 -0.00767 0.07327  43  GLY A C   
326 O O   . GLY A 43  ? 0.19845 0.25938 0.25219 -0.03923 -0.00852 0.08310  43  GLY A O   
327 N N   . LYS A 44  ? 0.21705 0.27812 0.25150 -0.03110 -0.01307 0.07182  44  LYS A N   
328 C CA  . LYS A 44  ? 0.22571 0.27958 0.25812 -0.03142 -0.02047 0.08241  44  LYS A CA  
329 C C   . LYS A 44  ? 0.27724 0.32273 0.31700 -0.02499 -0.02665 0.07719  44  LYS A C   
330 O O   . LYS A 44  ? 0.33111 0.37658 0.36853 -0.02345 -0.03275 0.08138  44  LYS A O   
331 C CB  . LYS A 44  ? 0.25708 0.31897 0.26950 -0.03452 -0.02180 0.08954  44  LYS A CB  
332 C CG  . LYS A 44  ? 0.26391 0.33560 0.26368 -0.04076 -0.01276 0.09637  44  LYS A CG  
333 C CD  . LYS A 44  ? 0.28987 0.36809 0.26246 -0.04302 -0.01624 0.10291  44  LYS A CD  
334 C CE  . LYS A 44  ? 0.36349 0.45319 0.31663 -0.04858 -0.00394 0.10820  44  LYS A CE  
335 N NZ  . LYS A 44  ? 0.45140 0.54724 0.37038 -0.05051 -0.00857 0.11293  44  LYS A NZ  
336 N N   . TYR A 45  ? 0.25460 0.29409 0.30359 -0.02111 -0.02518 0.06867  45  TYR A N   
337 C CA  . TYR A 45  ? 0.24689 0.27899 0.30203 -0.01486 -0.02762 0.06476  45  TYR A CA  
338 C C   . TYR A 45  ? 0.24557 0.26908 0.30531 -0.01163 -0.02592 0.05774  45  TYR A C   
339 O O   . TYR A 45  ? 0.22630 0.25224 0.28526 -0.01373 -0.02458 0.05396  45  TYR A O   
340 C CB  . TYR A 45  ? 0.20033 0.23881 0.25224 -0.01250 -0.02695 0.05921  45  TYR A CB  
341 C CG  . TYR A 45  ? 0.20920 0.25184 0.25774 -0.01207 -0.02198 0.05067  45  TYR A CG  
342 C CD1 . TYR A 45  ? 0.17642 0.22783 0.21768 -0.01574 -0.01918 0.04819  45  TYR A CD1 
343 C CD2 . TYR A 45  ? 0.22103 0.25870 0.27364 -0.00731 -0.01945 0.04570  45  TYR A CD2 
344 C CE1 . TYR A 45  ? 0.19217 0.24670 0.23564 -0.01407 -0.01455 0.04031  45  TYR A CE1 
345 C CE2 . TYR A 45  ? 0.22113 0.26173 0.27359 -0.00619 -0.01630 0.04036  45  TYR A CE2 
346 C CZ  . TYR A 45  ? 0.19855 0.24729 0.24910 -0.00926 -0.01415 0.03735  45  TYR A CZ  
347 O OH  . TYR A 45  ? 0.21989 0.27082 0.27539 -0.00690 -0.01089 0.03193  45  TYR A OH  
348 N N   . THR A 46  ? 0.24353 0.25784 0.30819 -0.00618 -0.02621 0.05568  46  THR A N   
349 C CA  . THR A 46  ? 0.23876 0.24313 0.30194 -0.00256 -0.02511 0.04781  46  THR A CA  
350 C C   . THR A 46  ? 0.22325 0.23065 0.27771 0.00148  -0.02113 0.04195  46  THR A C   
351 O O   . THR A 46  ? 0.20403 0.21585 0.25998 0.00415  -0.01751 0.04330  46  THR A O   
352 C CB  . THR A 46  ? 0.24266 0.23523 0.31347 0.00260  -0.02451 0.04677  46  THR A CB  
353 O OG1 . THR A 46  ? 0.25165 0.24023 0.33396 -0.00072 -0.02904 0.05514  46  THR A OG1 
354 C CG2 . THR A 46  ? 0.24456 0.22516 0.30853 0.00585  -0.02380 0.03591  46  THR A CG2 
355 N N   . VAL A 47  ? 0.20579 0.21083 0.25324 0.00151  -0.02295 0.03660  47  VAL A N   
356 C CA  . VAL A 47  ? 0.21209 0.21718 0.24914 0.00611  -0.02048 0.03322  47  VAL A CA  
357 C C   . VAL A 47  ? 0.22204 0.21580 0.24721 0.00956  -0.02252 0.02613  47  VAL A C   
358 O O   . VAL A 47  ? 0.20889 0.19875 0.23480 0.00611  -0.02994 0.02179  47  VAL A O   
359 C CB  . VAL A 47  ? 0.23868 0.25283 0.27687 0.00385  -0.02293 0.03390  47  VAL A CB  
360 C CG1 . VAL A 47  ? 0.17485 0.18723 0.20282 0.00914  -0.02190 0.03344  47  VAL A CG1 
361 C CG2 . VAL A 47  ? 0.20340 0.22722 0.24996 0.00088  -0.01983 0.03734  47  VAL A CG2 
362 N N   . VAL A 48  ? 0.21107 0.19976 0.22554 0.01596  -0.01561 0.02435  48  VAL A N   
363 C CA  . VAL A 48  ? 0.23732 0.21509 0.23281 0.02035  -0.01578 0.01583  48  VAL A CA  
364 C C   . VAL A 48  ? 0.23880 0.21951 0.21586 0.02323  -0.01585 0.01816  48  VAL A C   
365 O O   . VAL A 48  ? 0.25007 0.23342 0.22337 0.02718  -0.00619 0.02427  48  VAL A O   
366 C CB  . VAL A 48  ? 0.23378 0.20378 0.22845 0.02658  -0.00524 0.01219  48  VAL A CB  
367 C CG1 . VAL A 48  ? 0.22418 0.18147 0.19462 0.03126  -0.00475 -0.00001 48  VAL A CG1 
368 C CG2 . VAL A 48  ? 0.23495 0.20271 0.25273 0.02450  -0.00644 0.01349  48  VAL A CG2 
369 N N   . GLU A 49  ? 0.25046 0.23118 0.21913 0.02098  -0.02746 0.01486  49  GLU A N   
370 C CA  . GLU A 49  ? 0.24647 0.22929 0.19705 0.02429  -0.03068 0.01875  49  GLU A CA  
371 C C   . GLU A 49  ? 0.28336 0.25542 0.20147 0.03001  -0.02826 0.01218  49  GLU A C   
372 O O   . GLU A 49  ? 0.29347 0.25586 0.20301 0.02979  -0.03185 -0.00032 49  GLU A O   
373 C CB  . GLU A 49  ? 0.23379 0.22323 0.19221 0.02007  -0.04588 0.01852  49  GLU A CB  
374 C CG  . GLU A 49  ? 0.21538 0.21589 0.20425 0.01445  -0.04618 0.02271  49  GLU A CG  
375 C CD  . GLU A 49  ? 0.25931 0.26748 0.25800 0.01647  -0.03877 0.03183  49  GLU A CD  
376 O OE1 . GLU A 49  ? 0.22261 0.22718 0.20902 0.02148  -0.03253 0.03701  49  GLU A OE1 
377 O OE2 . GLU A 49  ? 0.24875 0.26609 0.26804 0.01285  -0.03839 0.03348  49  GLU A OE2 
378 N N   . LEU A 50  ? 0.27546 0.24828 0.17481 0.03515  -0.02140 0.02054  50  LEU A N   
379 C CA  . LEU A 50  ? 0.32268 0.28648 0.18764 0.04146  -0.01318 0.01619  50  LEU A CA  
380 C C   . LEU A 50  ? 0.35773 0.31906 0.18758 0.04400  -0.02428 0.01740  50  LEU A C   
381 O O   . LEU A 50  ? 0.36503 0.31764 0.15873 0.04879  -0.01999 0.01004  50  LEU A O   
382 C CB  . LEU A 50  ? 0.31147 0.27787 0.17942 0.04575  0.00743  0.02671  50  LEU A CB  
383 C CG  . LEU A 50  ? 0.29705 0.26645 0.19732 0.04445  0.01804  0.02559  50  LEU A CG  
384 C CD1 . LEU A 50  ? 0.29129 0.26456 0.19648 0.04843  0.03756  0.03547  50  LEU A CD1 
385 C CD2 . LEU A 50  ? 0.28741 0.24788 0.18758 0.04540  0.01730  0.01005  50  LEU A CD2 
386 N N   . GLU A 51  ? 0.34534 0.31429 0.18409 0.04156  -0.03854 0.02616  51  GLU A N   
387 C CA  . GLU A 51  ? 0.35969 0.32771 0.16619 0.04495  -0.05012 0.03177  51  GLU A CA  
388 C C   . GLU A 51  ? 0.41151 0.37193 0.18889 0.04428  -0.06584 0.01485  51  GLU A C   
389 O O   . GLU A 51  ? 0.46300 0.41951 0.19950 0.04839  -0.07258 0.01635  51  GLU A O   
390 C CB  . GLU A 51  ? 0.33774 0.31627 0.16816 0.04326  -0.06332 0.04462  51  GLU A CB  
391 C CG  . GLU A 51  ? 0.34191 0.32742 0.19994 0.03712  -0.08121 0.03583  51  GLU A CG  
392 C CD  . GLU A 51  ? 0.32703 0.31790 0.22486 0.03198  -0.07239 0.03311  51  GLU A CD  
393 O OE1 . GLU A 51  ? 0.29401 0.28313 0.19816 0.03316  -0.05509 0.03703  51  GLU A OE1 
394 O OE2 . GLU A 51  ? 0.31931 0.31701 0.24215 0.02646  -0.08304 0.02772  51  GLU A OE2 
395 N N   . ASN A 52  ? 0.39689 0.35432 0.19334 0.03888  -0.07242 -0.00094 52  ASN A N   
396 C CA  . ASN A 52  ? 0.43022 0.37845 0.20472 0.03691  -0.08848 -0.01973 52  ASN A CA  
397 C C   . ASN A 52  ? 0.44346 0.37654 0.20059 0.03974  -0.07515 -0.03713 52  ASN A C   
398 O O   . ASN A 52  ? 0.43893 0.36096 0.17869 0.03810  -0.08716 -0.05644 52  ASN A O   
399 C CB  . ASN A 52  ? 0.39747 0.35179 0.20970 0.02800  -0.10721 -0.02543 52  ASN A CB  
400 C CG  . ASN A 52  ? 0.42185 0.39121 0.24927 0.02640  -0.12345 -0.01208 52  ASN A CG  
401 O OD1 . ASN A 52  ? 0.41226 0.38336 0.21114 0.03130  -0.13127 -0.00406 52  ASN A OD1 
402 N ND2 . ASN A 52  ? 0.37511 0.35574 0.24816 0.02010  -0.12783 -0.00868 52  ASN A ND2 
403 N N   . ARG A 53  ? 0.42109 0.35336 0.18573 0.04405  -0.05130 -0.03167 53  ARG A N   
404 C CA  . ARG A 53  ? 0.42270 0.34187 0.17421 0.04886  -0.03597 -0.04696 53  ARG A CA  
405 C C   . ARG A 53  ? 0.48539 0.39746 0.18124 0.05661  -0.02870 -0.05211 53  ARG A C   
406 O O   . ARG A 53  ? 0.49985 0.41916 0.17763 0.06068  -0.01880 -0.03498 53  ARG A O   
407 C CB  . ARG A 53  ? 0.39390 0.31783 0.17687 0.05112  -0.01406 -0.03761 53  ARG A CB  
408 C CG  . ARG A 53  ? 0.37450 0.30226 0.20543 0.04430  -0.01939 -0.03584 53  ARG A CG  
409 C CD  . ARG A 53  ? 0.36653 0.27976 0.20696 0.04358  -0.02150 -0.05430 53  ARG A CD  
410 N NE  . ARG A 53  ? 0.37681 0.28262 0.21391 0.05192  -0.00086 -0.06062 53  ARG A NE  
411 C CZ  . ARG A 53  ? 0.37880 0.28732 0.25080 0.05318  0.01035  -0.05485 53  ARG A CZ  
412 N NH1 . ARG A 53  ? 0.36033 0.27769 0.26689 0.04623  0.00282  -0.04295 53  ARG A NH1 
413 N NH2 . ARG A 53  ? 0.35465 0.25791 0.22694 0.06176  0.02908  -0.06093 53  ARG A NH2 
414 N N   . ALA A 54  ? 0.50952 0.40650 0.17730 0.05851  -0.03316 -0.07582 54  ALA A N   
415 C CA  . ALA A 54  ? 0.56816 0.45735 0.17655 0.06647  -0.02417 -0.08370 54  ALA A CA  
416 C C   . ALA A 54  ? 0.57152 0.46208 0.17604 0.07505  0.00950  -0.07719 54  ALA A C   
417 O O   . ALA A 54  ? 0.60923 0.50374 0.18204 0.07776  0.02237  -0.07326 54  ALA A O   
418 C CB  . ALA A 54  ? 0.60954 0.48497 0.20200 0.06376  -0.03475 -0.11218 54  ALA A CB  
419 N N   . ASP A 55  ? 0.53635 0.43102 0.19060 0.07460  0.02320  -0.07251 55  ASP A N   
420 C CA  . ASP A 55  ? 0.54111 0.44028 0.20396 0.08194  0.05388  -0.06524 55  ASP A CA  
421 C C   . ASP A 55  ? 0.47932 0.39553 0.17694 0.07862  0.05981  -0.03775 55  ASP A C   
422 O O   . ASP A 55  ? 0.46128 0.38413 0.19274 0.08081  0.07824  -0.03082 55  ASP A O   
423 C CB  . ASP A 55  ? 0.51586 0.40657 0.21195 0.08494  0.06418  -0.08172 55  ASP A CB  
424 C CG  . ASP A 55  ? 0.47182 0.36578 0.22201 0.07677  0.04894  -0.07701 55  ASP A CG  
425 O OD1 . ASP A 55  ? 0.45650 0.35509 0.21154 0.06850  0.02727  -0.06998 55  ASP A OD1 
426 O OD2 . ASP A 55  ? 0.48225 0.37494 0.27030 0.07896  0.05893  -0.07940 55  ASP A OD2 
427 N N   . CSO A 56  ? 0.46936 0.39234 0.16094 0.07349  0.04308  -0.02313 56  CSO A N   
428 C CA  . CSO A 56  ? 0.48997 0.42645 0.21784 0.06932  0.04435  -0.00046 56  CSO A CA  
429 C CB  . CSO A 56  ? 0.48645 0.42722 0.20584 0.06482  0.02223  0.01058  56  CSO A CB  
430 S SG  . CSO A 56  ? 0.60598 0.55756 0.33667 0.06507  0.03223  0.04034  56  CSO A SG  
431 C C   . CSO A 56  ? 0.48390 0.42713 0.21155 0.07409  0.07063  0.01566  56  CSO A C   
432 O O   . CSO A 56  ? 0.46649 0.41886 0.23616 0.07166  0.07928  0.02707  56  CSO A O   
433 O OD  . CSO A 56  ? 0.46273 0.42193 0.22338 0.05867  0.00851  0.05108  56  CSO A OD  
434 N N   . ASP A 57  ? 0.51216 0.45120 0.19224 0.08042  0.08324  0.01640  57  ASP A N   
435 C CA  . ASP A 57  ? 0.53527 0.48283 0.22207 0.08222  0.10817  0.03192  57  ASP A CA  
436 C C   . ASP A 57  ? 0.52611 0.47645 0.24450 0.08645  0.13094  0.02425  57  ASP A C   
437 O O   . ASP A 57  ? 0.51410 0.47545 0.27044 0.08479  0.14513  0.03896  57  ASP A O   
438 C CB  . ASP A 57  ? 0.54859 0.49509 0.19126 0.08255  0.11182  0.03169  57  ASP A CB  
439 C CG  . ASP A 57  ? 0.58931 0.53668 0.21006 0.07770  0.09091  0.04523  57  ASP A CG  
440 O OD1 . ASP A 57  ? 0.57150 0.52293 0.21981 0.07419  0.07984  0.06011  57  ASP A OD1 
441 O OD2 . ASP A 57  ? 0.62981 0.57447 0.20785 0.07718  0.08533  0.04078  57  ASP A OD2 
442 N N   . ALA A 58  ? 0.50443 0.44468 0.21243 0.09129  0.13220  0.00031  58  ALA A N   
443 C CA  . ALA A 58  ? 0.49762 0.44048 0.24284 0.09584  0.15100  -0.00792 58  ALA A CA  
444 C C   . ALA A 58  ? 0.45748 0.40785 0.26142 0.09030  0.14159  -0.00099 58  ALA A C   
445 O O   . ALA A 58  ? 0.44996 0.41010 0.29493 0.09220  0.15721  0.00483  58  ALA A O   
446 C CB  . ALA A 58  ? 0.54041 0.46889 0.26766 0.10110  0.15040  -0.03622 58  ALA A CB  
447 N N   . MET A 59  ? 0.43304 0.38085 0.24418 0.08253  0.11487  -0.00127 59  MET A N   
448 C CA  . MET A 59  ? 0.41650 0.37225 0.27855 0.07600  0.10442  0.00560  59  MET A CA  
449 C C   . MET A 59  ? 0.41298 0.38280 0.29956 0.07239  0.11150  0.02703  59  MET A C   
450 O O   . MET A 59  ? 0.36181 0.34082 0.29192 0.07031  0.11501  0.03245  59  MET A O   
451 C CB  . MET A 59  ? 0.35835 0.30909 0.21954 0.06870  0.07734  0.00063  59  MET A CB  
452 C CG  . MET A 59  ? 0.41120 0.34779 0.26381 0.06994  0.06812  -0.02038 59  MET A CG  
453 S SD  . MET A 59  ? 0.37084 0.30587 0.27143 0.07185  0.07373  -0.02648 59  MET A SD  
454 C CE  . MET A 59  ? 0.30395 0.24926 0.24041 0.06104  0.05469  -0.01266 59  MET A CE  
455 N N   . GLN A 60  ? 0.41928 0.39025 0.27979 0.07144  0.11229  0.03966  60  GLN A N   
456 C CA  . GLN A 60  ? 0.41203 0.39360 0.29767 0.06792  0.12023  0.05986  60  GLN A CA  
457 C C   . GLN A 60  ? 0.42033 0.40921 0.31827 0.07276  0.14842  0.06669  60  GLN A C   
458 O O   . GLN A 60  ? 0.37071 0.37029 0.31104 0.06891  0.15484  0.07812  60  GLN A O   
459 C CB  . GLN A 60  ? 0.42263 0.40162 0.28059 0.06597  0.11219  0.07333  60  GLN A CB  
460 C CG  . GLN A 60  ? 0.41511 0.39067 0.27147 0.06107  0.08524  0.06869  60  GLN A CG  
461 C CD  . GLN A 60  ? 0.41265 0.38776 0.25551 0.05963  0.07690  0.08482  60  GLN A CD  
462 O OE1 . GLN A 60  ? 0.40966 0.37909 0.21508 0.06190  0.06587  0.08378  60  GLN A OE1 
463 N NE2 . GLN A 60  ? 0.36369 0.34424 0.23915 0.05587  0.08065  0.09960  60  GLN A NE2 
464 N N   . ASP A 61  ? 0.42487 0.40863 0.29011 0.07968  0.16247  0.05794  61  ASP A N   
465 C CA  . ASP A 61  ? 0.41528 0.40690 0.30250 0.08180  0.18267  0.05899  61  ASP A CA  
466 C C   . ASP A 61  ? 0.42135 0.41981 0.35944 0.08279  0.18535  0.05249  61  ASP A C   
467 O O   . ASP A 61  ? 0.40670 0.41640 0.38568 0.08023  0.19354  0.06124  61  ASP A O   
468 C CB  . ASP A 61  ? 0.44426 0.42915 0.28782 0.08816  0.19407  0.04601  61  ASP A CB  
469 C CG  . ASP A 61  ? 0.50193 0.48472 0.30192 0.08619  0.19406  0.05656  61  ASP A CG  
470 O OD1 . ASP A 61  ? 0.53226 0.51807 0.34049 0.08045  0.18607  0.07484  61  ASP A OD1 
471 O OD2 . ASP A 61  ? 0.52978 0.50797 0.28856 0.09015  0.20131  0.04609  61  ASP A OD2 
472 N N   . ALA A 62  ? 0.39708 0.38817 0.33477 0.08632  0.17629  0.03734  62  ALA A N   
473 C CA  . ALA A 62  ? 0.36229 0.35942 0.35038 0.08700  0.17414  0.03265  62  ALA A CA  
474 C C   . ALA A 62  ? 0.32177 0.33112 0.35208 0.07806  0.16185  0.04716  62  ALA A C   
475 O O   . ALA A 62  ? 0.33770 0.35769 0.41275 0.07597  0.16304  0.05151  62  ALA A O   
476 C CB  . ALA A 62  ? 0.38184 0.36493 0.36118 0.08872  0.15773  0.01424  62  ALA A CB  
477 N N   . LEU A 63  ? 0.34111 0.34709 0.35635 0.07035  0.14343  0.05275  63  LEU A N   
478 C CA  . LEU A 63  ? 0.34649 0.36207 0.39680 0.06164  0.13165  0.06377  63  LEU A CA  
479 C C   . LEU A 63  ? 0.33039 0.35712 0.40669 0.05967  0.14723  0.07839  63  LEU A C   
480 O O   . LEU A 63  ? 0.32655 0.36166 0.44311 0.05343  0.13905  0.08294  63  LEU A O   
481 C CB  . LEU A 63  ? 0.29177 0.30078 0.31954 0.05542  0.11256  0.06577  63  LEU A CB  
482 C CG  . LEU A 63  ? 0.33374 0.33446 0.34828 0.05372  0.09257  0.05336  63  LEU A CG  
483 C CD1 . LEU A 63  ? 0.29808 0.29397 0.28880 0.04952  0.07842  0.05591  63  LEU A CD1 
484 C CD2 . LEU A 63  ? 0.27996 0.28693 0.33072 0.04936  0.08116  0.05159  63  LEU A CD2 
485 N N   . LEU A 64  ? 0.34645 0.36906 0.39627 0.06253  0.16112  0.08309  64  LEU A N   
486 C CA  . LEU A 64  ? 0.34444 0.37332 0.41763 0.05919  0.17017  0.09477  64  LEU A CA  
487 C C   . LEU A 64  ? 0.34017 0.37770 0.45194 0.06075  0.17785  0.09126  64  LEU A C   
488 O O   . LEU A 64  ? 0.35798 0.40308 0.50988 0.05518  0.17407  0.09825  64  LEU A O   
489 C CB  . LEU A 64  ? 0.36422 0.38788 0.39838 0.06247  0.18381  0.10092  64  LEU A CB  
490 C CG  . LEU A 64  ? 0.36635 0.39631 0.42084 0.06024  0.19723  0.11385  64  LEU A CG  
491 C CD1 . LEU A 64  ? 0.34471 0.37704 0.43194 0.05214  0.18574  0.12523  64  LEU A CD1 
492 C CD2 . LEU A 64  ? 0.39225 0.41745 0.40154 0.06379  0.21050  0.11931  64  LEU A CD2 
493 N N   . ASP A 65  ? 0.32591 0.36148 0.42661 0.06842  0.18737  0.07947  65  ASP A N   
494 C CA  . ASP A 65  ? 0.36664 0.41037 0.50535 0.07066  0.19411  0.07618  65  ASP A CA  
495 C C   . ASP A 65  ? 0.33009 0.37938 0.50966 0.06584  0.17500  0.07517  65  ASP A C   
496 O O   . ASP A 65  ? 0.32875 0.38696 0.54825 0.06354  0.17460  0.07904  65  ASP A O   
497 C CB  . ASP A 65  ? 0.39449 0.43304 0.51228 0.08056  0.20690  0.06135  65  ASP A CB  
498 C CG  . ASP A 65  ? 0.50422 0.53814 0.57731 0.08499  0.22527  0.06079  65  ASP A CG  
499 O OD1 . ASP A 65  ? 0.53024 0.56507 0.58999 0.08044  0.22776  0.07428  65  ASP A OD1 
500 O OD2 . ASP A 65  ? 0.53395 0.56289 0.58493 0.09294  0.23614  0.04640  65  ASP A OD2 
501 N N   . ILE A 66  ? 0.29310 0.33773 0.46246 0.06407  0.15843  0.07051  66  ILE A N   
502 C CA  . ILE A 66  ? 0.26298 0.31253 0.46448 0.05966  0.13900  0.06911  66  ILE A CA  
503 C C   . ILE A 66  ? 0.27753 0.33303 0.49945 0.04936  0.12531  0.07838  66  ILE A C   
504 O O   . ILE A 66  ? 0.29824 0.36059 0.55315 0.04461  0.11407  0.08019  66  ILE A O   
505 C CB  . ILE A 66  ? 0.29790 0.33959 0.48064 0.06284  0.12755  0.05970  66  ILE A CB  
506 C CG1 . ILE A 66  ? 0.28992 0.32245 0.45749 0.07320  0.13908  0.04723  66  ILE A CG1 
507 C CG2 . ILE A 66  ? 0.23618 0.28261 0.44598 0.05706  0.10529  0.06072  66  ILE A CG2 
508 C CD1 . ILE A 66  ? 0.23497 0.25461 0.38058 0.07722  0.12937  0.03680  66  ILE A CD1 
509 N N   . THR A 67  ? 0.25235 0.30426 0.45433 0.04592  0.12515  0.08355  67  THR A N   
510 C CA  . THR A 67  ? 0.28085 0.33533 0.49939 0.03670  0.11050  0.08867  67  THR A CA  
511 C C   . THR A 67  ? 0.30127 0.35571 0.52976 0.03364  0.11902  0.09832  67  THR A C   
512 O O   . THR A 67  ? 0.28505 0.34101 0.53460 0.02649  0.10741  0.10065  67  THR A O   
513 C CB  . THR A 67  ? 0.26958 0.31967 0.46446 0.03431  0.09966  0.08653  67  THR A CB  
514 O OG1 . THR A 67  ? 0.24477 0.28797 0.41045 0.03636  0.11064  0.09227  67  THR A OG1 
515 C CG2 . THR A 67  ? 0.23553 0.28452 0.41720 0.03933  0.09421  0.07775  67  THR A CG2 
516 N N   . GLY A 68  ? 0.29713 0.34939 0.51016 0.03900  0.13855  0.10329  68  GLY A N   
517 C CA  . GLY A 68  ? 0.25913 0.31097 0.47908 0.03662  0.14723  0.11423  68  GLY A CA  
518 C C   . GLY A 68  ? 0.28532 0.32893 0.47299 0.03641  0.14773  0.12008  68  GLY A C   
519 O O   . GLY A 68  ? 0.32430 0.36670 0.51257 0.03571  0.15699  0.13056  68  GLY A O   
520 N N   . GLY A 69  ? 0.32671 0.36496 0.48793 0.03682  0.13758  0.11463  69  GLY A N   
521 C CA  . GLY A 69  ? 0.31007 0.33998 0.43889 0.03713  0.13611  0.12031  69  GLY A CA  
522 C C   . GLY A 69  ? 0.33976 0.36383 0.42725 0.04215  0.13453  0.11341  69  GLY A C   
523 O O   . GLY A 69  ? 0.33886 0.36547 0.42933 0.04369  0.13058  0.10348  69  GLY A O   
524 N N   . ARG A 70  ? 0.35709 0.37308 0.40621 0.04476  0.13626  0.11890  70  ARG A N   
525 C CA  . ARG A 70  ? 0.39745 0.40605 0.40138 0.05005  0.13367  0.11202  70  ARG A CA  
526 C C   . ARG A 70  ? 0.39144 0.39334 0.37927 0.04750  0.11532  0.11355  70  ARG A C   
527 O O   . ARG A 70  ? 0.37842 0.37389 0.33220 0.05088  0.10638  0.10498  70  ARG A O   
528 C CB  . ARG A 70  ? 0.38704 0.39113 0.35166 0.05580  0.14681  0.11441  70  ARG A CB  
529 C CG  . ARG A 70  ? 0.41408 0.41294 0.35703 0.05412  0.14208  0.12723  70  ARG A CG  
530 C CD  . ARG A 70  ? 0.47381 0.47040 0.37935 0.05853  0.15630  0.13048  70  ARG A CD  
531 N NE  . ARG A 70  ? 0.43955 0.43174 0.30693 0.06479  0.15895  0.11488  70  ARG A NE  
532 C CZ  . ARG A 70  ? 0.45491 0.43863 0.27770 0.06702  0.14585  0.10879  70  ARG A CZ  
533 N NH1 . ARG A 70  ? 0.47540 0.45556 0.28842 0.06370  0.12915  0.11873  70  ARG A NH1 
534 N NH2 . ARG A 70  ? 0.46378 0.44229 0.25466 0.07249  0.14786  0.09141  70  ARG A NH2 
535 N N   . SER A 71  ? 0.36013 0.36291 0.37441 0.04155  0.10585  0.11990  71  SER A N   
536 C CA  . SER A 71  ? 0.32204 0.31895 0.32667 0.03987  0.08846  0.12030  71  SER A CA  
537 C C   . SER A 71  ? 0.30586 0.30508 0.32270 0.03691  0.07360  0.10562  71  SER A C   
538 O O   . SER A 71  ? 0.31844 0.32416 0.36285 0.03366  0.07434  0.09928  71  SER A O   
539 C CB  . SER A 71  ? 0.36149 0.35783 0.39202 0.03535  0.08421  0.12823  71  SER A CB  
540 O OG  . SER A 71  ? 0.37467 0.37664 0.44673 0.02961  0.08273  0.12385  71  SER A OG  
541 N N   . VAL A 72  ? 0.27181 0.26696 0.26910 0.03772  0.05849  0.09976  72  VAL A N   
542 C CA  . VAL A 72  ? 0.24596 0.24401 0.25550 0.03398  0.04400  0.08694  72  VAL A CA  
543 C C   . VAL A 72  ? 0.24089 0.24021 0.27643 0.02969  0.03779  0.09008  72  VAL A C   
544 O O   . VAL A 72  ? 0.22598 0.22092 0.26308 0.03093  0.03953  0.10148  72  VAL A O   
545 C CB  . VAL A 72  ? 0.27660 0.27130 0.25929 0.03606  0.03174  0.07895  72  VAL A CB  
546 C CG1 . VAL A 72  ? 0.31411 0.30538 0.27427 0.03972  0.03700  0.07086  72  VAL A CG1 
547 C CG2 . VAL A 72  ? 0.21867 0.20940 0.18370 0.03895  0.02569  0.08843  72  VAL A CG2 
548 N N   . PRO A 73  ? 0.22009 0.22431 0.27560 0.02496  0.03077  0.08038  73  PRO A N   
549 C CA  . PRO A 73  ? 0.20225 0.21105 0.25798 0.02326  0.02735  0.07005  73  PRO A CA  
550 C C   . PRO A 73  ? 0.22318 0.23665 0.29684 0.02226  0.03573  0.07107  73  PRO A C   
551 O O   . PRO A 73  ? 0.17809 0.19326 0.27101 0.02069  0.04308  0.07815  73  PRO A O   
552 C CB  . PRO A 73  ? 0.17229 0.18488 0.24006 0.01860  0.01695  0.06259  73  PRO A CB  
553 C CG  . PRO A 73  ? 0.19642 0.20747 0.28330 0.01673  0.01878  0.06668  73  PRO A CG  
554 C CD  . PRO A 73  ? 0.21946 0.22397 0.29726 0.02125  0.02527  0.07893  73  PRO A CD  
555 N N   . ARG A 74  ? 0.19424 0.20984 0.26562 0.02313  0.03413  0.06469  74  ARG A N   
556 C CA  . ARG A 74  ? 0.18658 0.20862 0.28046 0.02274  0.03888  0.06501  74  ARG A CA  
557 C C   . ARG A 74  ? 0.17908 0.20460 0.27885 0.01946  0.02655  0.05840  74  ARG A C   
558 O O   . ARG A 74  ? 0.19037 0.21151 0.27534 0.02128  0.02262  0.05386  74  ARG A O   
559 C CB  . ARG A 74  ? 0.21117 0.23116 0.29718 0.02947  0.05225  0.06608  74  ARG A CB  
560 C CG  . ARG A 74  ? 0.24792 0.26597 0.32600 0.03256  0.06716  0.07531  74  ARG A CG  
561 C CD  . ARG A 74  ? 0.24699 0.27331 0.36017 0.02879  0.07457  0.08410  74  ARG A CD  
562 N NE  . ARG A 74  ? 0.26240 0.28508 0.37068 0.02856  0.08393  0.09600  74  ARG A NE  
563 C CZ  . ARG A 74  ? 0.29138 0.31855 0.42635 0.02624  0.09350  0.10486  74  ARG A CZ  
564 N NH1 . ARG A 74  ? 0.36347 0.38495 0.49017 0.02682  0.09788  0.11365  74  ARG A NH1 
565 N NH2 . ARG A 74  ? 0.23991 0.27545 0.40723 0.02422  0.09323  0.10167  74  ARG A NH2 
566 N N   . VAL A 75  ? 0.16754 0.20025 0.28806 0.01415  0.01980  0.05819  75  VAL A N   
567 C CA  . VAL A 75  ? 0.18230 0.21881 0.30313 0.01020  0.00719  0.05389  75  VAL A CA  
568 C C   . VAL A 75  ? 0.18870 0.23249 0.33159 0.01057  0.00463  0.05657  75  VAL A C   
569 O O   . VAL A 75  ? 0.18623 0.23696 0.35393 0.00921  0.00678  0.05949  75  VAL A O   
570 C CB  . VAL A 75  ? 0.19439 0.23351 0.31666 0.00416  -0.00056 0.04971  75  VAL A CB  
571 C CG1 . VAL A 75  ? 0.18407 0.22742 0.29866 0.00033  -0.01172 0.04612  75  VAL A CG1 
572 C CG2 . VAL A 75  ? 0.18033 0.21301 0.28865 0.00529  0.00271  0.04828  75  VAL A CG2 
573 N N   . PHE A 76  ? 0.16632 0.20873 0.30427 0.01226  -0.00067 0.05656  76  PHE A N   
574 C CA  . PHE A 76  ? 0.16494 0.21383 0.32539 0.01371  -0.00554 0.06066  76  PHE A CA  
575 C C   . PHE A 76  ? 0.16483 0.21679 0.31878 0.00879  -0.02102 0.06209  76  PHE A C   
576 O O   . PHE A 76  ? 0.16113 0.20717 0.29283 0.00697  -0.02365 0.06064  76  PHE A O   
577 C CB  . PHE A 76  ? 0.17045 0.21295 0.33420 0.02164  0.00298  0.06114  76  PHE A CB  
578 C CG  . PHE A 76  ? 0.18108 0.22102 0.34569 0.02730  0.02028  0.05978  76  PHE A CG  
579 C CD1 . PHE A 76  ? 0.17772 0.20810 0.31361 0.02866  0.02718  0.05574  76  PHE A CD1 
580 C CD2 . PHE A 76  ? 0.18866 0.23688 0.38292 0.03144  0.02982  0.06347  76  PHE A CD2 
581 C CE1 . PHE A 76  ? 0.18702 0.21497 0.31736 0.03398  0.04321  0.05596  76  PHE A CE1 
582 C CE2 . PHE A 76  ? 0.16947 0.21613 0.36154 0.03672  0.04872  0.06345  76  PHE A CE2 
583 C CZ  . PHE A 76  ? 0.17309 0.20894 0.32987 0.03799  0.05541  0.05994  76  PHE A CZ  
584 N N   . ILE A 77  ? 0.17048 0.23272 0.34419 0.00634  -0.03147 0.06583  77  ILE A N   
585 C CA  . ILE A 77  ? 0.17955 0.24413 0.34171 0.00168  -0.04619 0.06856  77  ILE A CA  
586 C C   . ILE A 77  ? 0.17736 0.24306 0.35691 0.00355  -0.05097 0.07373  77  ILE A C   
587 O O   . ILE A 77  ? 0.17964 0.25064 0.38115 0.00358  -0.05037 0.07299  77  ILE A O   
588 C CB  . ILE A 77  ? 0.17150 0.24376 0.32558 -0.00573 -0.05626 0.06351  77  ILE A CB  
589 C CG1 . ILE A 77  ? 0.20267 0.26856 0.33571 -0.00766 -0.04755 0.05522  77  ILE A CG1 
590 C CG2 . ILE A 77  ? 0.15619 0.23130 0.29216 -0.00984 -0.07030 0.06706  77  ILE A CG2 
591 C CD1 . ILE A 77  ? 0.16513 0.23498 0.29006 -0.01410 -0.05436 0.04635  77  ILE A CD1 
592 N N   . ASN A 78  ? 0.17323 0.23368 0.34566 0.00481  -0.05535 0.07962  78  ASN A N   
593 C CA  . ASN A 78  ? 0.21671 0.27831 0.40615 0.00654  -0.06175 0.08593  78  ASN A CA  
594 C C   . ASN A 78  ? 0.19591 0.25706 0.41433 0.01302  -0.05050 0.08441  78  ASN A C   
595 O O   . ASN A 78  ? 0.14756 0.21464 0.38888 0.01375  -0.05469 0.08750  78  ASN A O   
596 C CB  . ASN A 78  ? 0.17647 0.24786 0.36559 0.00116  -0.07702 0.08776  78  ASN A CB  
597 C CG  . ASN A 78  ? 0.18459 0.25642 0.37870 0.00173  -0.08804 0.09734  78  ASN A CG  
598 O OD1 . ASN A 78  ? 0.27079 0.33474 0.45936 0.00375  -0.08643 0.10344  78  ASN A OD1 
599 N ND2 . ASN A 78  ? 0.19033 0.27127 0.39669 -0.00021 -0.10005 0.09895  78  ASN A ND2 
600 N N   . GLY A 79  ? 0.17955 0.23412 0.39624 0.01809  -0.03579 0.07953  79  GLY A N   
601 C CA  . GLY A 79  ? 0.16722 0.22145 0.40579 0.02490  -0.02163 0.07689  79  GLY A CA  
602 C C   . GLY A 79  ? 0.22396 0.28648 0.47617 0.02350  -0.01404 0.07496  79  GLY A C   
603 O O   . GLY A 79  ? 0.20770 0.27102 0.47718 0.02877  0.00006  0.07379  79  GLY A O   
604 N N   . LYS A 80  ? 0.19428 0.26213 0.43944 0.01650  -0.02199 0.07430  80  LYS A N   
605 C CA  . LYS A 80  ? 0.18740 0.26120 0.44816 0.01365  -0.01670 0.07306  80  LYS A CA  
606 C C   . LYS A 80  ? 0.20155 0.27234 0.44526 0.01201  -0.00914 0.06946  80  LYS A C   
607 O O   . LYS A 80  ? 0.20317 0.27244 0.42614 0.00864  -0.01737 0.06701  80  LYS A O   
608 C CB  . LYS A 80  ? 0.20257 0.28408 0.47430 0.00686  -0.03369 0.07373  80  LYS A CB  
609 C CG  . LYS A 80  ? 0.23754 0.32352 0.52942 0.00311  -0.03002 0.07205  80  LYS A CG  
610 C CD  . LYS A 80  ? 0.24894 0.34239 0.55104 -0.00337 -0.04917 0.07052  80  LYS A CD  
611 C CE  . LYS A 80  ? 0.23568 0.33156 0.55779 -0.00813 -0.04688 0.06745  80  LYS A CE  
612 N NZ  . LYS A 80  ? 0.34586 0.44284 0.69699 -0.00415 -0.03081 0.07304  80  LYS A NZ  
613 N N   . PHE A 81  ? 0.17601 0.24613 0.42859 0.01449  0.00709  0.07017  81  PHE A N   
614 C CA  . PHE A 81  ? 0.17867 0.24548 0.41756 0.01327  0.01509  0.06911  81  PHE A CA  
615 C C   . PHE A 81  ? 0.19513 0.26430 0.43840 0.00479  0.00358  0.06646  81  PHE A C   
616 O O   . PHE A 81  ? 0.19035 0.26355 0.45509 0.00093  -0.00175 0.06670  81  PHE A O   
617 C CB  . PHE A 81  ? 0.18000 0.24504 0.42577 0.01784  0.03560  0.07296  81  PHE A CB  
618 C CG  . PHE A 81  ? 0.15484 0.21572 0.38782 0.01653  0.04406  0.07507  81  PHE A CG  
619 C CD1 . PHE A 81  ? 0.15899 0.21553 0.36580 0.01851  0.04441  0.07320  81  PHE A CD1 
620 C CD2 . PHE A 81  ? 0.15217 0.21243 0.40015 0.01372  0.05111  0.07989  81  PHE A CD2 
621 C CE1 . PHE A 81  ? 0.16664 0.21608 0.35776 0.01708  0.05033  0.07597  81  PHE A CE1 
622 C CE2 . PHE A 81  ? 0.14825 0.20271 0.38477 0.01287  0.05816  0.08377  81  PHE A CE2 
623 C CZ  . PHE A 81  ? 0.14214 0.19249 0.35203 0.01441  0.05838  0.08280  81  PHE A CZ  
624 N N   . LEU A 82  ? 0.16940 0.23601 0.39388 0.00221  -0.00048 0.06283  82  LEU A N   
625 C CA  . LEU A 82  ? 0.16767 0.23477 0.39453 -0.00530 -0.01025 0.05724  82  LEU A CA  
626 C C   . LEU A 82  ? 0.18044 0.24160 0.41439 -0.00637 0.00092  0.05895  82  LEU A C   
627 O O   . LEU A 82  ? 0.16848 0.22883 0.42134 -0.01088 -0.00185 0.05732  82  LEU A O   
628 C CB  . LEU A 82  ? 0.16523 0.23155 0.36708 -0.00766 -0.02048 0.05122  82  LEU A CB  
629 C CG  . LEU A 82  ? 0.17425 0.23860 0.37293 -0.01448 -0.02843 0.04178  82  LEU A CG  
630 C CD1 . LEU A 82  ? 0.20282 0.27463 0.42075 -0.02049 -0.04211 0.03758  82  LEU A CD1 
631 C CD2 . LEU A 82  ? 0.21366 0.27361 0.37859 -0.01495 -0.03301 0.03506  82  LEU A CD2 
632 N N   . GLY A 83  ? 0.16149 0.21793 0.38080 -0.00209 0.01274  0.06304  83  GLY A N   
633 C CA  . GLY A 83  ? 0.17382 0.22284 0.39561 -0.00252 0.02293  0.06770  83  GLY A CA  
634 C C   . GLY A 83  ? 0.17731 0.21586 0.36477 0.00181  0.02578  0.06721  83  GLY A C   
635 O O   . GLY A 83  ? 0.17634 0.21352 0.33993 0.00576  0.02377  0.06435  83  GLY A O   
636 N N   . GLY A 84  ? 0.17205 0.20291 0.36103 0.00082  0.02933  0.07053  84  GLY A N   
637 C CA  . GLY A 84  ? 0.16607 0.18808 0.32856 0.00497  0.02996  0.07147  84  GLY A CA  
638 C C   . GLY A 84  ? 0.18321 0.20263 0.34226 0.00223  0.01876  0.06077  84  GLY A C   
639 O O   . GLY A 84  ? 0.17809 0.20275 0.34230 -0.00218 0.00973  0.05073  84  GLY A O   
640 N N   . GLY A 85  ? 0.17209 0.18389 0.32187 0.00542  0.01965  0.06333  85  GLY A N   
641 C CA  . GLY A 85  ? 0.16651 0.17661 0.31497 0.00445  0.01197  0.05273  85  GLY A CA  
642 C C   . GLY A 85  ? 0.19312 0.20070 0.36625 -0.00108 0.00849  0.04418  85  GLY A C   
643 O O   . GLY A 85  ? 0.19840 0.20950 0.36890 -0.00426 0.00146  0.03045  85  GLY A O   
644 N N   . ASP A 86  ? 0.20533 0.20617 0.40206 -0.00268 0.01357  0.05199  86  ASP A N   
645 C CA  . ASP A 86  ? 0.20697 0.20348 0.43144 -0.00902 0.00907  0.04234  86  ASP A CA  
646 C C   . ASP A 86  ? 0.19941 0.20614 0.43000 -0.01557 0.00130  0.03295  86  ASP A C   
647 O O   . ASP A 86  ? 0.20369 0.21030 0.43862 -0.02030 -0.00802 0.01697  86  ASP A O   
648 C CB  . ASP A 86  ? 0.18401 0.17108 0.43717 -0.01052 0.01666  0.05556  86  ASP A CB  
649 C CG  . ASP A 86  ? 0.22355 0.20003 0.47574 -0.00455 0.01933  0.06077  86  ASP A CG  
650 O OD1 . ASP A 86  ? 0.23113 0.20455 0.47043 -0.00055 0.01528  0.05326  86  ASP A OD1 
651 O OD2 . ASP A 86  ? 0.25429 0.22931 0.51787 -0.00321 0.02508  0.07170  86  ASP A OD2 
652 N N   . ASP A 87  ? 0.17471 0.19052 0.40530 -0.01536 0.00456  0.04226  87  ASP A N   
653 C CA  . ASP A 87  ? 0.17171 0.19873 0.41147 -0.02056 -0.00461 0.03598  87  ASP A CA  
654 C C   . ASP A 87  ? 0.18696 0.21877 0.39934 -0.02062 -0.01521 0.02392  87  ASP A C   
655 O O   . ASP A 87  ? 0.18368 0.22069 0.39993 -0.02630 -0.02731 0.01326  87  ASP A O   
656 C CB  . ASP A 87  ? 0.16844 0.20389 0.41353 -0.01764 0.00284  0.04860  87  ASP A CB  
657 C CG  . ASP A 87  ? 0.20182 0.23177 0.46283 -0.01511 0.01484  0.05989  87  ASP A CG  
658 O OD1 . ASP A 87  ? 0.16407 0.18942 0.44676 -0.01882 0.01191  0.05688  87  ASP A OD1 
659 O OD2 . ASP A 87  ? 0.18717 0.21810 0.43838 -0.00917 0.02734  0.07119  87  ASP A OD2 
660 N N   . THR A 88  ? 0.18763 0.21814 0.37196 -0.01486 -0.01122 0.02610  88  THR A N   
661 C CA  . THR A 88  ? 0.18509 0.22071 0.34457 -0.01526 -0.01852 0.01793  88  THR A CA  
662 C C   . THR A 88  ? 0.18370 0.21556 0.33747 -0.01771 -0.02241 0.00302  88  THR A C   
663 O O   . THR A 88  ? 0.17568 0.21293 0.31709 -0.02164 -0.03097 -0.00700 88  THR A O   
664 C CB  . THR A 88  ? 0.19279 0.22810 0.33020 -0.00943 -0.01286 0.02477  88  THR A CB  
665 O OG1 . THR A 88  ? 0.18256 0.21957 0.32408 -0.00646 -0.00815 0.03554  88  THR A OG1 
666 C CG2 . THR A 88  ? 0.15635 0.19743 0.27195 -0.01082 -0.01881 0.01956  88  THR A CG2 
667 N N   . ALA A 89  ? 0.20327 0.22570 0.36517 -0.01486 -0.01598 0.00145  89  ALA A N   
668 C CA  . ALA A 89  ? 0.18649 0.20413 0.34746 -0.01585 -0.01760 -0.01472 89  ALA A CA  
669 C C   . ALA A 89  ? 0.21083 0.22596 0.38801 -0.02300 -0.02623 -0.02764 89  ALA A C   
670 O O   . ALA A 89  ? 0.20813 0.22318 0.37362 -0.02552 -0.03117 -0.04518 89  ALA A O   
671 C CB  . ALA A 89  ? 0.16087 0.16816 0.33395 -0.01012 -0.00959 -0.01186 89  ALA A CB  
672 N N   . ALA A 90  ? 0.18127 0.19480 0.38550 -0.02664 -0.02793 -0.01999 90  ALA A N   
673 C CA  . ALA A 90  ? 0.19011 0.20280 0.41441 -0.03491 -0.03894 -0.03221 90  ALA A CA  
674 C C   . ALA A 90  ? 0.21148 0.23725 0.41662 -0.03924 -0.05222 -0.03855 90  ALA A C   
675 O O   . ALA A 90  ? 0.22029 0.24587 0.42123 -0.04498 -0.06401 -0.05622 90  ALA A O   
676 C CB  . ALA A 90  ? 0.15504 0.16563 0.41814 -0.03835 -0.03635 -0.01968 90  ALA A CB  
677 N N   . ALA A 91  ? 0.17984 0.21610 0.37240 -0.03634 -0.05132 -0.02445 91  ALA A N   
678 C CA  . ALA A 91  ? 0.20822 0.25632 0.38236 -0.03938 -0.06439 -0.02662 91  ALA A CA  
679 C C   . ALA A 91  ? 0.20166 0.25002 0.33734 -0.03889 -0.06618 -0.03873 91  ALA A C   
680 O O   . ALA A 91  ? 0.18983 0.24439 0.30841 -0.04366 -0.07952 -0.04774 91  ALA A O   
681 C CB  . ALA A 91  ? 0.15150 0.20793 0.32459 -0.03513 -0.06129 -0.00837 91  ALA A CB  
682 N N   . ALA A 92  ? 0.20231 0.24525 0.32426 -0.03321 -0.05292 -0.03850 92  ALA A N   
683 C CA  . ALA A 92  ? 0.24055 0.28521 0.33039 -0.03247 -0.05067 -0.04977 92  ALA A CA  
684 C C   . ALA A 92  ? 0.24777 0.28598 0.33655 -0.03606 -0.05483 -0.07285 92  ALA A C   
685 O O   . ALA A 92  ? 0.25842 0.30107 0.31713 -0.03847 -0.05921 -0.08536 92  ALA A O   
686 C CB  . ALA A 92  ? 0.18377 0.22591 0.26852 -0.02556 -0.03573 -0.04378 92  ALA A CB  
687 N N   . SER A 93  ? 0.23245 0.25919 0.35299 -0.03652 -0.05318 -0.07889 93  SER A N   
688 C CA  . SER A 93  ? 0.22420 0.24114 0.34814 -0.03941 -0.05637 -0.10325 93  SER A CA  
689 C C   . SER A 93  ? 0.24860 0.26876 0.37117 -0.04858 -0.07557 -0.11570 93  SER A C   
690 O O   . SER A 93  ? 0.27785 0.29429 0.38196 -0.05163 -0.08139 -0.13914 93  SER A O   
691 C CB  . SER A 93  ? 0.23370 0.23511 0.39653 -0.03706 -0.04889 -0.10365 93  SER A CB  
692 O OG  . SER A 93  ? 0.34004 0.33915 0.50329 -0.02829 -0.03406 -0.09254 93  SER A OG  
693 N N   . ASN A 94  ? 0.23272 0.26041 0.37495 -0.05285 -0.08593 -0.10149 94  ASN A N   
694 C CA  . ASN A 94  ? 0.25375 0.28581 0.40347 -0.06186 -0.10653 -0.11170 94  ASN A CA  
695 C C   . ASN A 94  ? 0.26623 0.31370 0.38022 -0.06410 -0.12074 -0.10877 94  ASN A C   
696 O O   . ASN A 94  ? 0.29126 0.34257 0.40008 -0.06992 -0.13537 -0.11253 94  ASN A O   
697 C CB  . ASN A 94  ? 0.23948 0.27143 0.43158 -0.06341 -0.10614 -0.09469 94  ASN A CB  
698 C CG  . ASN A 94  ? 0.20849 0.25213 0.40976 -0.05961 -0.10139 -0.06992 94  ASN A CG  
699 O OD1 . ASN A 94  ? 0.20551 0.26009 0.38260 -0.05792 -0.10587 -0.06378 94  ASN A OD1 
700 N ND2 . ASN A 94  ? 0.19321 0.23361 0.42809 -0.05746 -0.09129 -0.05519 94  ASN A ND2 
701 N N   . GLY A 95  ? 0.25508 0.30920 0.33898 -0.05808 -0.11121 -0.09518 95  GLY A N   
702 C CA  . GLY A 95  ? 0.27082 0.33752 0.31844 -0.05955 -0.12268 -0.08937 95  GLY A CA  
703 C C   . GLY A 95  ? 0.25000 0.32780 0.31271 -0.05850 -0.12962 -0.06515 95  GLY A C   
704 O O   . GLY A 95  ? 0.26282 0.35007 0.29765 -0.05881 -0.13892 -0.05629 95  GLY A O   
705 N N   . THR A 96  ? 0.22152 0.29817 0.32745 -0.05679 -0.12438 -0.05360 96  THR A N   
706 C CA  . THR A 96  ? 0.20473 0.29166 0.32840 -0.05453 -0.12876 -0.03277 96  THR A CA  
707 C C   . THR A 96  ? 0.22674 0.31318 0.33444 -0.04708 -0.11448 -0.01662 96  THR A C   
708 O O   . THR A 96  ? 0.21635 0.31060 0.32209 -0.04504 -0.12082 -0.00191 96  THR A O   
709 C CB  . THR A 96  ? 0.18952 0.27427 0.35799 -0.05349 -0.12106 -0.02609 96  THR A CB  
710 O OG1 . THR A 96  ? 0.18638 0.26108 0.37045 -0.05069 -0.10433 -0.02559 96  THR A OG1 
711 C CG2 . THR A 96  ? 0.21353 0.29766 0.39628 -0.06010 -0.13202 -0.03850 96  THR A CG2 
712 N N   . LEU A 97  ? 0.20727 0.28415 0.30623 -0.04283 -0.09613 -0.01901 97  LEU A N   
713 C CA  . LEU A 97  ? 0.22201 0.29792 0.30705 -0.03671 -0.08380 -0.00556 97  LEU A CA  
714 C C   . LEU A 97  ? 0.22186 0.30383 0.27171 -0.03773 -0.09004 -0.00102 97  LEU A C   
715 O O   . LEU A 97  ? 0.21695 0.30162 0.26524 -0.03486 -0.08995 0.01458  97  LEU A O   
716 C CB  . LEU A 97  ? 0.20030 0.26680 0.28171 -0.03282 -0.06667 -0.01048 97  LEU A CB  
717 C CG  . LEU A 97  ? 0.21530 0.28067 0.28603 -0.02742 -0.05557 0.00172  97  LEU A CG  
718 C CD1 . LEU A 97  ? 0.18325 0.24892 0.27475 -0.02396 -0.05436 0.01571  97  LEU A CD1 
719 C CD2 . LEU A 97  ? 0.18064 0.23895 0.25030 -0.02378 -0.04206 -0.00332 97  LEU A CD2 
720 N N   . GLU A 98  ? 0.23407 0.31739 0.25512 -0.04174 -0.09474 -0.01441 98  GLU A N   
721 C CA  . GLU A 98  ? 0.25625 0.34615 0.23991 -0.04342 -0.10007 -0.00834 98  GLU A CA  
722 C C   . GLU A 98  ? 0.27916 0.37734 0.26794 -0.04516 -0.11929 0.00561  98  GLU A C   
723 O O   . GLU A 98  ? 0.26333 0.36452 0.23935 -0.04350 -0.12042 0.02275  98  GLU A O   
724 C CB  . GLU A 98  ? 0.26008 0.35047 0.20990 -0.04736 -0.10155 -0.02770 98  GLU A CB  
725 C CG  . GLU A 98  ? 0.29432 0.39221 0.19920 -0.04953 -0.10523 -0.02079 98  GLU A CG  
726 C CD  . GLU A 98  ? 0.35093 0.44984 0.21835 -0.05335 -0.10744 -0.04245 98  GLU A CD  
727 O OE1 . GLU A 98  ? 0.34821 0.44187 0.22817 -0.05546 -0.11308 -0.06351 98  GLU A OE1 
728 O OE2 . GLU A 98  ? 0.40112 0.50549 0.22651 -0.05434 -0.10270 -0.03871 98  GLU A OE2 
729 N N   . LYS A 99  ? 0.27815 0.38012 0.29033 -0.04851 -0.13507 -0.00052 99  LYS A N   
730 C CA  . LYS A 99  ? 0.27025 0.37913 0.29243 -0.04649 -0.14833 0.01078  99  LYS A CA  
731 C C   . LYS A 99  ? 0.24925 0.35623 0.30217 -0.03986 -0.14003 0.02891  99  LYS A C   
732 O O   . LYS A 99  ? 0.26416 0.37234 0.31402 -0.03625 -0.14395 0.04289  99  LYS A O   
733 C CB  . LYS A 99  ? 0.26096 0.37455 0.30436 -0.05026 -0.16082 -0.00220 99  LYS A CB  
734 C CG  . LYS A 99  ? 0.28807 0.41104 0.32688 -0.04950 -0.17712 0.00414  99  LYS A CG  
735 C CD  . LYS A 99  ? 0.37586 0.50521 0.44315 -0.05431 -0.18864 -0.00674 99  LYS A CD  
736 C CE  . LYS A 99  ? 0.43377 0.57431 0.48263 -0.05591 -0.20885 -0.00765 99  LYS A CE  
737 N NZ  . LYS A 99  ? 0.46494 0.60625 0.46238 -0.05897 -0.21444 -0.02273 99  LYS A NZ  
738 N N   . LEU A 100 ? 0.20103 0.30357 0.28323 -0.03783 -0.12781 0.02816  100 LEU A N   
739 C CA  . LEU A 100 ? 0.22406 0.32317 0.33030 -0.03089 -0.11741 0.04208  100 LEU A CA  
740 C C   . LEU A 100 ? 0.25408 0.34892 0.33852 -0.02776 -0.11137 0.05369  100 LEU A C   
741 O O   . LEU A 100 ? 0.22168 0.31325 0.31623 -0.02298 -0.10949 0.06549  100 LEU A O   
742 C CB  . LEU A 100 ? 0.17513 0.26979 0.30868 -0.02892 -0.10330 0.03842  100 LEU A CB  
743 C CG  . LEU A 100 ? 0.22282 0.31899 0.38672 -0.03129 -0.10437 0.03130  100 LEU A CG  
744 C CD1 . LEU A 100 ? 0.15423 0.24389 0.33796 -0.02889 -0.08727 0.03071  100 LEU A CD1 
745 C CD2 . LEU A 100 ? 0.17180 0.27271 0.35777 -0.02884 -0.10991 0.03937  100 LEU A CD2 
746 N N   . LEU A 101 ? 0.23453 0.32842 0.29063 -0.03081 -0.10692 0.04978  101 LEU A N   
747 C CA  . LEU A 101 ? 0.24151 0.33117 0.27748 -0.02897 -0.09954 0.06082  101 LEU A CA  
748 C C   . LEU A 101 ? 0.27374 0.36532 0.29021 -0.03005 -0.10965 0.07119  101 LEU A C   
749 O O   . LEU A 101 ? 0.29421 0.38003 0.31362 -0.02703 -0.10612 0.08447  101 LEU A O   
750 C CB  . LEU A 101 ? 0.25179 0.33751 0.26304 -0.03066 -0.08543 0.05081  101 LEU A CB  
751 C CG  . LEU A 101 ? 0.21020 0.28900 0.23810 -0.02744 -0.07103 0.04131  101 LEU A CG  
752 C CD1 . LEU A 101 ? 0.19820 0.27573 0.20592 -0.02879 -0.05993 0.03081  101 LEU A CD1 
753 C CD2 . LEU A 101 ? 0.20723 0.27963 0.25203 -0.02222 -0.06337 0.05128  101 LEU A CD2 
754 N N   . GLN A 102 ? 0.29761 0.39535 0.29427 -0.03409 -0.12144 0.06390  102 GLN A N   
755 C CA  . GLN A 102 ? 0.28497 0.38418 0.26099 -0.03416 -0.13094 0.07361  102 GLN A CA  
756 C C   . GLN A 102 ? 0.29457 0.39282 0.30150 -0.02948 -0.13821 0.08464  102 GLN A C   
757 O O   . GLN A 102 ? 0.30680 0.40160 0.30973 -0.02749 -0.13949 0.09941  102 GLN A O   
758 C CB  . GLN A 102 ? 0.29171 0.39760 0.23933 -0.03850 -0.14298 0.06042  102 GLN A CB  
759 C CG  . GLN A 102 ? 0.37098 0.47728 0.28076 -0.04301 -0.13381 0.04896  102 GLN A CG  
760 C CD  . GLN A 102 ? 0.42801 0.53809 0.31346 -0.04674 -0.14469 0.02920  102 GLN A CD  
761 O OE1 . GLN A 102 ? 0.38424 0.49654 0.29312 -0.04793 -0.15571 0.01670  102 GLN A OE1 
762 N NE2 . GLN A 102 ? 0.41838 0.52858 0.25809 -0.04839 -0.14030 0.02554  102 GLN A NE2 
763 N N   . GLU A 103 ? 0.27283 0.37417 0.31300 -0.02802 -0.14186 0.07788  103 GLU A N   
764 C CA  . GLU A 103 ? 0.25958 0.36131 0.33189 -0.02361 -0.14662 0.08731  103 GLU A CA  
765 C C   . GLU A 103 ? 0.24004 0.33206 0.33142 -0.01842 -0.13306 0.09714  103 GLU A C   
766 O O   . GLU A 103 ? 0.23179 0.32206 0.34260 -0.01468 -0.13615 0.10726  103 GLU A O   
767 C CB  . GLU A 103 ? 0.23187 0.33999 0.33632 -0.02411 -0.15079 0.07760  103 GLU A CB  
768 C CG  . GLU A 103 ? 0.28287 0.40055 0.37393 -0.02970 -0.16659 0.06587  103 GLU A CG  
769 C CD  . GLU A 103 ? 0.25354 0.37626 0.37983 -0.03182 -0.16838 0.05570  103 GLU A CD  
770 O OE1 . GLU A 103 ? 0.27446 0.39262 0.43061 -0.02878 -0.15454 0.05751  103 GLU A OE1 
771 O OE2 . GLU A 103 ? 0.26800 0.39896 0.39152 -0.03674 -0.18301 0.04590  103 GLU A OE2 
772 N N   . ALA A 104 ? 0.25390 0.33980 0.34097 -0.01805 -0.11894 0.09337  104 ALA A N   
773 C CA  . ALA A 104 ? 0.25519 0.33121 0.35641 -0.01339 -0.10675 0.09981  104 ALA A CA  
774 C C   . ALA A 104 ? 0.27745 0.34732 0.35875 -0.01462 -0.10553 0.11065  104 ALA A C   
775 O O   . ALA A 104 ? 0.27432 0.33500 0.36768 -0.01150 -0.09707 0.11506  104 ALA A O   
776 C CB  . ALA A 104 ? 0.18354 0.25611 0.28953 -0.01207 -0.09330 0.09101  104 ALA A CB  
777 N N   . GLY A 105 ? 0.28938 0.36384 0.34072 -0.01922 -0.11318 0.11443  105 GLY A N   
778 C CA  . GLY A 105 ? 0.26376 0.33331 0.29577 -0.02133 -0.10993 0.12589  105 GLY A CA  
779 C C   . GLY A 105 ? 0.29045 0.35695 0.30750 -0.02417 -0.09678 0.12295  105 GLY A C   
780 O O   . GLY A 105 ? 0.32413 0.38661 0.33009 -0.02648 -0.09180 0.13269  105 GLY A O   
781 N N   . ALA A 106 ? 0.29782 0.36678 0.31677 -0.02421 -0.09109 0.11060  106 ALA A N   
782 C CA  . ALA A 106 ? 0.33000 0.39759 0.33832 -0.02642 -0.07929 0.10774  106 ALA A CA  
783 C C   . ALA A 106 ? 0.30871 0.38544 0.28261 -0.03220 -0.07760 0.10396  106 ALA A C   
784 O O   . ALA A 106 ? 0.28555 0.36321 0.25025 -0.03449 -0.06615 0.10239  106 ALA A O   
785 C CB  . ALA A 106 ? 0.26606 0.33216 0.29365 -0.02282 -0.07385 0.09723  106 ALA A CB  
786 N N   . LEU A 107 ? 0.31851 0.40184 0.27338 -0.03433 -0.08755 0.10076  107 LEU A N   
787 C CA  . LEU A 107 ? 0.38956 0.48106 0.30829 -0.03927 -0.08459 0.09255  107 LEU A CA  
788 C C   . LEU A 107 ? 0.42706 0.52118 0.31952 -0.04067 -0.09479 0.09620  107 LEU A C   
789 O O   . LEU A 107 ? 0.49933 0.59655 0.35829 -0.04368 -0.08829 0.09737  107 LEU A O   
790 C CB  . LEU A 107 ? 0.36863 0.46405 0.29108 -0.03978 -0.08455 0.07177  107 LEU A CB  
791 C CG  . LEU A 107 ? 0.35329 0.45394 0.24296 -0.04332 -0.07877 0.05523  107 LEU A CG  
792 C CD1 . LEU A 107 ? 0.37603 0.47736 0.25241 -0.04387 -0.05843 0.05659  107 LEU A CD1 
793 C CD2 . LEU A 107 ? 0.32892 0.42703 0.23463 -0.04220 -0.07884 0.03295  107 LEU A CD2 
794 O OXT . LEU A 107 ? 0.46700 0.56069 0.37145 -0.03831 -0.10924 0.09824  107 LEU A OXT 
# 
